data_6SJU
#
_entry.id   6SJU
#
_cell.length_a   60.650
_cell.length_b   116.950
_cell.length_c   291.190
_cell.angle_alpha   90.000
_cell.angle_beta   90.000
_cell.angle_gamma   90.000
#
_symmetry.space_group_name_H-M   'P 21 21 21'
#
loop_
_entity.id
_entity.type
_entity.pdbx_description
1 polymer Kallikrein-7
2 non-polymer 'TRIETHYLENE GLYCOL'
3 non-polymer 'SULFATE ION'
4 non-polymer '(3-iodanylphenyl) 6-methyl-2-oxidanylidene-chromene-3-carboxylate'
5 non-polymer '4-(2-HYDROXYETHYL)-1-PIPERAZINE ETHANESULFONIC ACID'
6 water water
#
_entity_poly.entity_id   1
_entity_poly.type   'polypeptide(L)'
_entity_poly.pdbx_seq_one_letter_code
;IIDGAPCARGSHPWQVALLSGNQLHCGGVLVNERWVLTAAHCKMNEYTVHLGSDTLGDRRAQRIKASKSFRHPGYSTQTH
VNDLMLVKLNSQARLSSMVKKVRLPSRCEPPGTTCTVSGWGTTTSPDVTFPSDLMCVDVKLISPQDCTKVYKDLLENSML
CAGIPDSKKNACNGDSGGPLVCRGTLQGLVSWGTFPCGQPNDPGVYTQVCKFTKWINDTMKKHR
;
_entity_poly.pdbx_strand_id   A,B,C,D,E,F,G,H
#
# COMPACT_ATOMS: atom_id res chain seq x y z
N ILE A 1 1.32 -1.02 -21.11
CA ILE A 1 1.32 -2.11 -22.10
C ILE A 1 2.48 -1.82 -23.06
N ILE A 2 3.38 -2.77 -23.27
CA ILE A 2 4.55 -2.63 -24.16
C ILE A 2 4.24 -3.26 -25.50
N ASP A 3 4.57 -2.57 -26.58
CA ASP A 3 4.44 -3.01 -27.97
C ASP A 3 2.97 -3.42 -28.38
N GLY A 4 2.01 -2.69 -27.85
CA GLY A 4 0.61 -2.90 -28.18
C GLY A 4 0.08 -1.75 -29.03
N ALA A 5 -1.22 -1.56 -29.01
CA ALA A 5 -1.87 -0.52 -29.81
C ALA A 5 -3.12 -0.13 -29.08
N PRO A 6 -3.71 1.06 -29.37
CA PRO A 6 -4.97 1.43 -28.70
C PRO A 6 -6.06 0.37 -28.90
N CYS A 7 -6.80 0.05 -27.82
CA CYS A 7 -7.92 -0.89 -27.89
C CYS A 7 -9.01 -0.31 -28.79
N ALA A 8 -9.75 -1.17 -29.52
CA ALA A 8 -10.91 -0.69 -30.30
C ALA A 8 -11.88 -0.10 -29.27
N ARG A 9 -12.36 1.13 -29.53
CA ARG A 9 -13.27 1.87 -28.64
C ARG A 9 -14.54 1.06 -28.30
N GLY A 10 -14.88 0.99 -27.01
CA GLY A 10 -16.08 0.26 -26.56
C GLY A 10 -15.91 -1.24 -26.43
N SER A 11 -14.71 -1.78 -26.74
CA SER A 11 -14.51 -3.24 -26.67
C SER A 11 -14.02 -3.76 -25.29
N HIS A 12 -13.79 -2.87 -24.29
CA HIS A 12 -13.36 -3.25 -22.91
C HIS A 12 -14.24 -2.55 -21.84
N PRO A 13 -15.58 -2.80 -21.86
CA PRO A 13 -16.49 -2.09 -20.93
C PRO A 13 -16.34 -2.53 -19.47
N TRP A 14 -15.67 -3.67 -19.26
CA TRP A 14 -15.40 -4.24 -17.94
C TRP A 14 -14.09 -3.76 -17.35
N GLN A 15 -13.24 -3.05 -18.14
CA GLN A 15 -11.97 -2.48 -17.67
C GLN A 15 -12.19 -1.23 -16.77
N VAL A 16 -11.49 -1.17 -15.63
CA VAL A 16 -11.55 0.01 -14.75
C VAL A 16 -10.11 0.43 -14.45
N ALA A 17 -9.94 1.66 -13.97
CA ALA A 17 -8.67 2.14 -13.47
C ALA A 17 -8.85 2.57 -12.01
N LEU A 18 -7.86 2.29 -11.17
CA LEU A 18 -7.83 2.73 -9.77
C LEU A 18 -6.88 3.92 -9.75
N LEU A 19 -7.37 5.06 -9.26
CA LEU A 19 -6.60 6.31 -9.21
C LEU A 19 -6.32 6.70 -7.78
N SER A 20 -5.25 7.45 -7.63
CA SER A 20 -4.83 8.03 -6.35
C SER A 20 -4.28 9.41 -6.72
N GLY A 21 -4.84 10.46 -6.14
CA GLY A 21 -4.43 11.83 -6.42
C GLY A 21 -4.52 12.17 -7.91
N ASN A 22 -5.55 11.63 -8.59
CA ASN A 22 -5.83 11.78 -10.03
C ASN A 22 -4.68 11.25 -10.93
N GLN A 23 -3.94 10.28 -10.43
CA GLN A 23 -2.89 9.62 -11.19
C GLN A 23 -3.27 8.16 -11.24
N LEU A 24 -2.87 7.47 -12.31
CA LEU A 24 -3.13 6.05 -12.42
C LEU A 24 -2.35 5.28 -11.36
N HIS A 25 -3.03 4.41 -10.65
CA HIS A 25 -2.43 3.56 -9.64
C HIS A 25 -2.40 2.09 -10.14
N CYS A 26 -3.52 1.57 -10.62
CA CYS A 26 -3.61 0.17 -11.07
C CYS A 26 -4.74 0.06 -12.04
N GLY A 27 -4.81 -1.11 -12.68
CA GLY A 27 -5.97 -1.50 -13.45
C GLY A 27 -6.87 -2.34 -12.56
N GLY A 28 -7.94 -2.84 -13.12
CA GLY A 28 -8.90 -3.71 -12.43
C GLY A 28 -10.02 -4.07 -13.37
N VAL A 29 -10.93 -4.92 -12.88
CA VAL A 29 -12.08 -5.40 -13.64
CA VAL A 29 -12.07 -5.38 -13.68
C VAL A 29 -13.38 -5.28 -12.88
N LEU A 30 -14.44 -4.89 -13.56
CA LEU A 30 -15.76 -4.81 -12.94
C LEU A 30 -16.35 -6.24 -12.93
N VAL A 31 -16.67 -6.72 -11.73
CA VAL A 31 -17.24 -8.06 -11.48
C VAL A 31 -18.77 -7.96 -11.48
N ASN A 32 -19.29 -6.96 -10.77
CA ASN A 32 -20.70 -6.62 -10.74
C ASN A 32 -20.81 -5.15 -10.33
N GLU A 33 -22.04 -4.64 -10.21
CA GLU A 33 -22.32 -3.24 -9.88
C GLU A 33 -21.64 -2.73 -8.62
N ARG A 34 -21.31 -3.64 -7.69
CA ARG A 34 -20.71 -3.30 -6.40
C ARG A 34 -19.21 -3.56 -6.25
N TRP A 35 -18.65 -4.43 -7.11
CA TRP A 35 -17.32 -4.94 -6.91
C TRP A 35 -16.35 -4.86 -8.06
N VAL A 36 -15.10 -4.45 -7.70
CA VAL A 36 -13.97 -4.41 -8.61
C VAL A 36 -12.98 -5.48 -8.17
N LEU A 37 -12.44 -6.25 -9.14
CA LEU A 37 -11.43 -7.25 -8.89
C LEU A 37 -10.09 -6.70 -9.43
N THR A 38 -9.05 -6.75 -8.61
CA THR A 38 -7.72 -6.22 -8.96
C THR A 38 -6.62 -7.06 -8.22
N ALA A 39 -5.35 -6.60 -8.25
CA ALA A 39 -4.27 -7.27 -7.56
C ALA A 39 -4.25 -6.82 -6.11
N ALA A 40 -3.87 -7.73 -5.16
CA ALA A 40 -3.69 -7.37 -3.74
C ALA A 40 -2.56 -6.32 -3.58
N HIS A 41 -1.61 -6.29 -4.55
N HIS A 41 -1.60 -6.29 -4.53
CA HIS A 41 -0.50 -5.33 -4.58
CA HIS A 41 -0.50 -5.31 -4.57
C HIS A 41 -1.00 -3.89 -4.72
C HIS A 41 -1.04 -3.88 -4.63
N CYS A 42 -2.24 -3.71 -5.19
CA CYS A 42 -2.88 -2.40 -5.37
C CYS A 42 -3.61 -1.87 -4.15
N LYS A 43 -3.49 -2.54 -2.97
CA LYS A 43 -4.12 -2.18 -1.71
C LYS A 43 -3.91 -0.70 -1.37
N MET A 44 -4.99 -0.02 -1.06
CA MET A 44 -4.96 1.35 -0.56
C MET A 44 -6.09 1.47 0.45
N ASN A 45 -6.09 2.53 1.29
CA ASN A 45 -7.21 2.75 2.19
C ASN A 45 -8.44 3.32 1.46
N GLU A 46 -8.19 4.06 0.38
CA GLU A 46 -9.27 4.69 -0.41
C GLU A 46 -8.91 4.60 -1.86
N TYR A 47 -9.91 4.43 -2.71
CA TYR A 47 -9.71 4.37 -4.16
C TYR A 47 -10.67 5.29 -4.83
N THR A 48 -10.28 5.77 -6.00
CA THR A 48 -11.13 6.50 -6.91
C THR A 48 -11.13 5.57 -8.09
N VAL A 49 -12.31 5.04 -8.44
CA VAL A 49 -12.49 4.10 -9.52
C VAL A 49 -13.07 4.80 -10.80
N HIS A 50 -12.31 4.72 -11.91
CA HIS A 50 -12.67 5.24 -13.23
C HIS A 50 -13.33 4.11 -14.02
N LEU A 51 -14.53 4.35 -14.57
CA LEU A 51 -15.27 3.36 -15.37
C LEU A 51 -15.94 4.04 -16.54
N GLY A 52 -16.15 3.31 -17.62
CA GLY A 52 -16.95 3.81 -18.74
C GLY A 52 -16.26 4.65 -19.77
N SER A 53 -14.92 4.56 -19.86
CA SER A 53 -14.22 5.26 -20.93
C SER A 53 -12.86 4.66 -21.17
N ASP A 54 -12.49 4.57 -22.46
CA ASP A 54 -11.19 4.09 -22.91
C ASP A 54 -10.13 5.15 -22.69
N THR A 55 -10.56 6.38 -22.39
CA THR A 55 -9.72 7.55 -22.16
C THR A 55 -9.67 7.94 -20.68
N LEU A 56 -8.47 7.90 -20.06
CA LEU A 56 -8.30 8.40 -18.69
C LEU A 56 -8.37 9.91 -18.82
N GLY A 57 -9.12 10.54 -17.96
CA GLY A 57 -9.31 11.99 -18.05
C GLY A 57 -10.59 12.40 -18.76
N ASP A 58 -11.37 11.41 -19.29
CA ASP A 58 -12.64 11.67 -20.01
C ASP A 58 -13.72 12.08 -19.01
N ARG A 59 -14.38 13.22 -19.27
CA ARG A 59 -15.52 13.76 -18.48
C ARG A 59 -16.72 12.79 -18.48
N ARG A 60 -16.88 12.00 -19.56
CA ARG A 60 -17.96 11.02 -19.74
C ARG A 60 -17.85 9.83 -18.81
N ALA A 61 -16.67 9.64 -18.18
CA ALA A 61 -16.43 8.47 -17.34
C ALA A 61 -17.07 8.64 -15.99
N GLN A 62 -17.42 7.53 -15.36
CA GLN A 62 -17.91 7.49 -14.00
C GLN A 62 -16.66 7.50 -13.11
N ARG A 63 -16.73 8.15 -11.97
CA ARG A 63 -15.64 8.26 -10.97
C ARG A 63 -16.27 7.95 -9.62
N ILE A 64 -16.10 6.69 -9.18
CA ILE A 64 -16.72 6.18 -7.95
C ILE A 64 -15.68 5.94 -6.86
N LYS A 65 -15.96 6.45 -5.66
CA LYS A 65 -15.06 6.22 -4.53
C LYS A 65 -15.29 4.83 -3.93
N ALA A 66 -14.24 4.24 -3.37
CA ALA A 66 -14.31 2.92 -2.74
C ALA A 66 -13.48 3.00 -1.46
N SER A 67 -14.11 2.70 -0.32
CA SER A 67 -13.49 2.78 1.01
C SER A 67 -13.19 1.41 1.61
N LYS A 68 -13.68 0.32 1.00
CA LYS A 68 -13.47 -1.03 1.52
C LYS A 68 -12.84 -1.92 0.46
N SER A 69 -11.87 -2.75 0.88
CA SER A 69 -11.21 -3.73 0.04
C SER A 69 -10.75 -4.86 0.90
N PHE A 70 -10.63 -6.03 0.28
CA PHE A 70 -10.32 -7.29 0.94
C PHE A 70 -9.35 -8.06 0.09
N ARG A 71 -8.13 -8.20 0.59
CA ARG A 71 -7.09 -8.95 -0.12
C ARG A 71 -7.29 -10.40 0.20
N HIS A 72 -6.92 -11.29 -0.71
CA HIS A 72 -6.98 -12.72 -0.41
C HIS A 72 -6.01 -12.95 0.79
N PRO A 73 -6.45 -13.68 1.84
CA PRO A 73 -5.57 -13.89 3.04
C PRO A 73 -4.23 -14.57 2.80
N GLY A 74 -4.13 -15.34 1.72
CA GLY A 74 -2.88 -16.01 1.37
C GLY A 74 -1.88 -15.11 0.65
N TYR A 75 -2.18 -13.83 0.48
CA TYR A 75 -1.30 -12.95 -0.25
C TYR A 75 0.02 -12.68 0.45
N SER A 76 1.09 -12.77 -0.30
CA SER A 76 2.39 -12.49 0.21
C SER A 76 3.05 -11.41 -0.61
N THR A 77 3.62 -10.46 0.08
CA THR A 77 4.37 -9.41 -0.54
C THR A 77 5.75 -9.89 -0.98
N GLN A 78 6.24 -10.98 -0.40
CA GLN A 78 7.52 -11.56 -0.73
C GLN A 78 7.49 -12.33 -2.03
N THR A 79 6.46 -13.14 -2.22
CA THR A 79 6.38 -13.97 -3.40
C THR A 79 5.29 -13.69 -4.40
N HIS A 80 4.40 -12.77 -4.06
CA HIS A 80 3.24 -12.34 -4.87
C HIS A 80 2.25 -13.47 -5.11
N VAL A 81 2.33 -14.56 -4.33
CA VAL A 81 1.36 -15.65 -4.41
C VAL A 81 -0.01 -15.05 -3.98
N ASN A 82 -1.14 -15.51 -4.59
CA ASN A 82 -2.50 -15.08 -4.23
C ASN A 82 -2.68 -13.58 -4.38
N ASP A 83 -2.16 -13.04 -5.50
CA ASP A 83 -2.21 -11.60 -5.75
C ASP A 83 -3.58 -11.20 -6.28
N LEU A 84 -4.53 -11.04 -5.36
CA LEU A 84 -5.87 -10.65 -5.73
C LEU A 84 -6.60 -10.02 -4.58
N MET A 85 -7.48 -9.08 -4.94
CA MET A 85 -8.20 -8.23 -4.02
C MET A 85 -9.53 -7.78 -4.60
N LEU A 86 -10.56 -7.78 -3.76
CA LEU A 86 -11.88 -7.27 -4.12
C LEU A 86 -12.04 -5.87 -3.53
N VAL A 87 -12.48 -4.90 -4.35
CA VAL A 87 -12.67 -3.52 -3.97
C VAL A 87 -14.17 -3.25 -4.00
N LYS A 88 -14.72 -2.81 -2.86
CA LYS A 88 -16.14 -2.54 -2.75
C LYS A 88 -16.45 -1.09 -3.07
N LEU A 89 -17.20 -0.86 -4.14
CA LEU A 89 -17.62 0.48 -4.58
C LEU A 89 -18.59 1.08 -3.56
N ASN A 90 -18.42 2.36 -3.19
CA ASN A 90 -19.30 3.08 -2.24
C ASN A 90 -20.73 3.22 -2.74
N SER A 91 -20.89 3.32 -4.07
CA SER A 91 -22.18 3.36 -4.73
C SER A 91 -22.06 2.47 -5.95
N GLN A 92 -23.20 1.92 -6.42
CA GLN A 92 -23.21 1.00 -7.57
C GLN A 92 -22.77 1.63 -8.88
N ALA A 93 -22.02 0.85 -9.69
CA ALA A 93 -21.62 1.24 -11.06
C ALA A 93 -22.90 1.29 -11.89
N ARG A 94 -23.07 2.34 -12.67
CA ARG A 94 -24.26 2.47 -13.51
C ARG A 94 -23.94 1.87 -14.87
N LEU A 95 -24.57 0.73 -15.14
CA LEU A 95 -24.29 -0.05 -16.33
C LEU A 95 -24.83 0.58 -17.61
N SER A 96 -24.14 0.31 -18.73
CA SER A 96 -24.46 0.85 -20.05
C SER A 96 -23.67 0.09 -21.08
N SER A 97 -23.60 0.61 -22.31
CA SER A 97 -22.80 -0.02 -23.35
C SER A 97 -21.29 0.10 -22.98
N MET A 98 -20.89 1.15 -22.21
CA MET A 98 -19.49 1.41 -21.81
C MET A 98 -19.11 0.85 -20.44
N VAL A 99 -20.09 0.31 -19.69
CA VAL A 99 -19.88 -0.25 -18.34
C VAL A 99 -20.63 -1.60 -18.25
N LYS A 100 -19.88 -2.73 -18.28
CA LYS A 100 -20.45 -4.08 -18.20
C LYS A 100 -19.60 -4.96 -17.29
N LYS A 101 -20.19 -6.02 -16.76
CA LYS A 101 -19.50 -7.02 -15.93
C LYS A 101 -18.65 -7.92 -16.84
N VAL A 102 -17.48 -8.30 -16.37
CA VAL A 102 -16.61 -9.24 -17.08
C VAL A 102 -17.22 -10.64 -16.94
N ARG A 103 -16.92 -11.53 -17.88
CA ARG A 103 -17.35 -12.91 -17.73
C ARG A 103 -16.24 -13.63 -16.95
N LEU A 104 -16.58 -14.11 -15.74
CA LEU A 104 -15.68 -14.86 -14.88
C LEU A 104 -15.52 -16.28 -15.47
N PRO A 105 -14.35 -16.92 -15.31
CA PRO A 105 -14.16 -18.23 -15.94
C PRO A 105 -14.77 -19.39 -15.16
N SER A 106 -15.11 -20.46 -15.88
CA SER A 106 -15.52 -21.73 -15.27
C SER A 106 -14.31 -22.66 -15.44
N ARG A 107 -13.60 -22.57 -16.56
CA ARG A 107 -12.46 -23.42 -16.83
C ARG A 107 -11.17 -22.67 -17.02
N CYS A 108 -10.06 -23.36 -16.91
CA CYS A 108 -8.77 -22.74 -17.13
C CYS A 108 -8.37 -22.97 -18.59
N GLU A 109 -7.91 -21.94 -19.27
CA GLU A 109 -7.49 -22.10 -20.64
C GLU A 109 -6.12 -22.75 -20.72
N PRO A 110 -5.92 -23.59 -21.72
CA PRO A 110 -4.63 -24.31 -21.80
C PRO A 110 -3.46 -23.46 -22.31
N PRO A 111 -2.21 -23.94 -22.15
CA PRO A 111 -1.06 -23.21 -22.76
C PRO A 111 -1.18 -23.18 -24.29
N GLY A 112 -0.76 -22.08 -24.88
CA GLY A 112 -0.85 -21.88 -26.33
C GLY A 112 -2.05 -21.05 -26.72
N THR A 113 -3.03 -20.85 -25.79
CA THR A 113 -4.24 -20.04 -26.08
C THR A 113 -3.88 -18.56 -26.29
N THR A 114 -4.45 -17.90 -27.29
CA THR A 114 -4.25 -16.46 -27.55
C THR A 114 -5.19 -15.68 -26.63
N CYS A 115 -4.66 -14.64 -25.97
CA CYS A 115 -5.33 -13.76 -25.00
C CYS A 115 -4.98 -12.31 -25.30
N THR A 116 -5.71 -11.39 -24.66
CA THR A 116 -5.53 -9.96 -24.77
C THR A 116 -5.40 -9.38 -23.38
N VAL A 117 -4.30 -8.65 -23.17
CA VAL A 117 -4.11 -7.93 -21.93
C VAL A 117 -4.23 -6.41 -22.27
N SER A 118 -4.88 -5.66 -21.39
CA SER A 118 -5.18 -4.25 -21.61
C SER A 118 -4.87 -3.39 -20.36
N GLY A 119 -4.59 -2.11 -20.58
CA GLY A 119 -4.30 -1.19 -19.49
C GLY A 119 -3.79 0.17 -19.95
N TRP A 120 -3.70 1.11 -19.00
CA TRP A 120 -3.18 2.47 -19.19
C TRP A 120 -1.75 2.58 -18.62
N GLY A 121 -1.12 1.44 -18.38
CA GLY A 121 0.25 1.45 -17.84
C GLY A 121 1.25 2.00 -18.85
N THR A 122 2.49 2.21 -18.43
CA THR A 122 3.53 2.74 -19.31
C THR A 122 3.70 1.82 -20.54
N THR A 123 3.95 2.45 -21.68
CA THR A 123 4.18 1.79 -22.96
C THR A 123 5.67 1.71 -23.29
N THR A 124 6.52 2.24 -22.40
CA THR A 124 7.97 2.25 -22.52
C THR A 124 8.51 1.87 -21.14
N SER A 125 9.75 1.35 -21.10
CA SER A 125 10.42 0.94 -19.86
C SER A 125 11.92 0.86 -20.11
N PRO A 126 12.81 1.40 -19.23
CA PRO A 126 12.57 2.02 -17.91
C PRO A 126 11.93 3.43 -17.94
N ASP A 127 12.21 4.20 -18.97
CA ASP A 127 11.64 5.53 -19.20
C ASP A 127 10.09 5.41 -19.25
N VAL A 128 9.33 6.30 -18.56
CA VAL A 128 7.86 6.15 -18.51
C VAL A 128 7.15 7.02 -19.55
N THR A 129 6.07 6.47 -20.13
CA THR A 129 5.17 7.06 -21.12
C THR A 129 3.80 6.50 -20.79
N PHE A 130 3.02 7.23 -19.99
CA PHE A 130 1.67 6.84 -19.61
C PHE A 130 0.67 7.34 -20.65
N PRO A 131 -0.04 6.45 -21.37
CA PRO A 131 -1.01 6.94 -22.37
C PRO A 131 -2.35 7.39 -21.78
N SER A 132 -3.13 8.16 -22.55
CA SER A 132 -4.50 8.58 -22.18
C SER A 132 -5.47 7.47 -22.56
N ASP A 133 -5.24 6.88 -23.72
CA ASP A 133 -6.05 5.83 -24.30
C ASP A 133 -5.62 4.47 -23.81
N LEU A 134 -6.64 3.62 -23.61
CA LEU A 134 -6.46 2.24 -23.21
C LEU A 134 -5.73 1.47 -24.32
N MET A 135 -4.64 0.81 -23.94
CA MET A 135 -3.78 0.02 -24.84
C MET A 135 -4.05 -1.48 -24.68
N CYS A 136 -3.85 -2.20 -25.78
CA CYS A 136 -4.11 -3.63 -25.95
C CYS A 136 -2.93 -4.34 -26.50
N VAL A 137 -2.72 -5.58 -26.10
CA VAL A 137 -1.70 -6.41 -26.74
C VAL A 137 -2.12 -7.88 -26.67
N ASP A 138 -1.83 -8.64 -27.73
CA ASP A 138 -2.12 -10.06 -27.79
C ASP A 138 -0.91 -10.82 -27.37
N VAL A 139 -1.11 -11.75 -26.43
CA VAL A 139 -0.06 -12.63 -25.89
C VAL A 139 -0.63 -14.05 -25.91
N LYS A 140 0.24 -15.05 -25.71
CA LYS A 140 -0.21 -16.45 -25.66
C LYS A 140 0.13 -17.01 -24.30
N LEU A 141 -0.73 -17.91 -23.79
CA LEU A 141 -0.53 -18.56 -22.50
C LEU A 141 0.67 -19.50 -22.62
N ILE A 142 1.59 -19.44 -21.64
CA ILE A 142 2.83 -20.23 -21.63
C ILE A 142 2.73 -21.32 -20.55
N SER A 143 3.17 -22.55 -20.86
CA SER A 143 3.08 -23.63 -19.88
C SER A 143 3.86 -23.33 -18.59
N PRO A 144 3.38 -23.83 -17.42
CA PRO A 144 4.17 -23.67 -16.18
C PRO A 144 5.61 -24.19 -16.33
N GLN A 145 5.80 -25.26 -17.13
CA GLN A 145 7.11 -25.87 -17.39
C GLN A 145 8.08 -24.91 -18.08
N ASP A 146 7.60 -24.24 -19.15
CA ASP A 146 8.41 -23.26 -19.88
C ASP A 146 8.66 -22.03 -19.04
N CYS A 147 7.64 -21.58 -18.27
CA CYS A 147 7.76 -20.41 -17.42
C CYS A 147 8.76 -20.64 -16.26
N THR A 148 8.82 -21.89 -15.73
CA THR A 148 9.74 -22.31 -14.64
C THR A 148 11.21 -22.15 -15.04
N LYS A 149 11.53 -22.30 -16.33
CA LYS A 149 12.89 -22.11 -16.85
C LYS A 149 13.39 -20.68 -16.63
N VAL A 150 12.44 -19.70 -16.56
CA VAL A 150 12.78 -18.30 -16.35
C VAL A 150 12.70 -17.92 -14.87
N TYR A 151 11.60 -18.28 -14.19
CA TYR A 151 11.38 -17.82 -12.81
C TYR A 151 11.60 -18.86 -11.70
N LYS A 152 11.95 -20.11 -12.05
CA LYS A 152 12.26 -21.16 -11.06
C LYS A 152 11.11 -21.42 -10.05
N ASP A 153 11.44 -21.58 -8.76
CA ASP A 153 10.46 -21.91 -7.74
C ASP A 153 9.71 -20.69 -7.18
N LEU A 154 9.89 -19.50 -7.79
CA LEU A 154 9.12 -18.32 -7.41
C LEU A 154 7.68 -18.50 -7.97
N LEU A 155 7.54 -19.32 -9.02
CA LEU A 155 6.25 -19.61 -9.68
C LEU A 155 5.39 -20.61 -8.89
N GLU A 156 4.12 -20.33 -8.75
CA GLU A 156 3.21 -21.24 -8.10
C GLU A 156 2.20 -21.71 -9.11
N ASN A 157 1.38 -22.67 -8.72
CA ASN A 157 0.37 -23.21 -9.60
C ASN A 157 -0.88 -22.35 -9.80
N SER A 158 -0.99 -21.28 -9.02
CA SER A 158 -2.00 -20.27 -9.01
C SER A 158 -1.65 -19.07 -9.88
N MET A 159 -0.47 -19.11 -10.49
CA MET A 159 0.02 -18.07 -11.35
C MET A 159 -0.01 -18.53 -12.77
N LEU A 160 -0.26 -17.60 -13.68
CA LEU A 160 -0.35 -17.88 -15.07
C LEU A 160 0.60 -17.01 -15.84
N CYS A 161 1.31 -17.61 -16.77
CA CYS A 161 2.28 -16.90 -17.58
C CYS A 161 1.83 -16.71 -19.01
N ALA A 162 2.13 -15.55 -19.57
CA ALA A 162 1.75 -15.24 -20.95
C ALA A 162 2.80 -14.33 -21.58
N GLY A 163 2.97 -14.47 -22.88
CA GLY A 163 3.90 -13.69 -23.67
C GLY A 163 3.99 -14.21 -25.10
N ILE A 164 4.89 -13.63 -25.90
CA ILE A 164 5.10 -14.03 -27.30
C ILE A 164 6.60 -14.34 -27.45
N PRO A 165 7.03 -15.46 -28.12
CA PRO A 165 8.47 -15.69 -28.30
C PRO A 165 9.19 -14.51 -28.92
N ASP A 166 10.40 -14.18 -28.42
CA ASP A 166 11.29 -13.12 -28.95
C ASP A 166 10.60 -11.77 -29.12
N SER A 167 9.67 -11.47 -28.22
CA SER A 167 8.86 -10.26 -28.34
C SER A 167 8.82 -9.45 -27.05
N LYS A 168 8.71 -8.14 -27.21
CA LYS A 168 8.61 -7.19 -26.11
C LYS A 168 7.15 -7.10 -25.62
N LYS A 169 6.18 -7.68 -26.36
CA LYS A 169 4.74 -7.61 -26.04
C LYS A 169 4.46 -8.09 -24.61
N ASN A 170 3.96 -7.16 -23.76
CA ASN A 170 3.74 -7.46 -22.35
C ASN A 170 3.02 -6.33 -21.62
N ALA A 171 2.75 -6.55 -20.31
CA ALA A 171 2.17 -5.55 -19.43
C ALA A 171 3.33 -4.92 -18.62
N CYS A 172 3.11 -3.72 -18.05
CA CYS A 172 4.13 -3.00 -17.31
C CYS A 172 3.47 -2.29 -16.13
N ASN A 173 4.24 -1.46 -15.39
CA ASN A 173 3.74 -0.71 -14.23
C ASN A 173 2.58 0.20 -14.67
N GLY A 174 1.49 0.14 -13.89
CA GLY A 174 0.23 0.81 -14.17
C GLY A 174 -0.83 -0.18 -14.64
N ASP A 175 -0.40 -1.26 -15.30
CA ASP A 175 -1.32 -2.29 -15.80
C ASP A 175 -1.74 -3.28 -14.71
N SER A 176 -0.97 -3.36 -13.60
CA SER A 176 -1.17 -4.28 -12.45
C SER A 176 -2.63 -4.33 -12.03
N GLY A 177 -3.17 -5.53 -11.89
CA GLY A 177 -4.56 -5.72 -11.50
C GLY A 177 -5.53 -5.78 -12.66
N GLY A 178 -5.03 -5.41 -13.85
CA GLY A 178 -5.79 -5.41 -15.08
C GLY A 178 -6.10 -6.78 -15.67
N PRO A 179 -7.01 -6.79 -16.64
CA PRO A 179 -7.47 -8.07 -17.22
C PRO A 179 -6.65 -8.70 -18.34
N LEU A 180 -6.54 -10.01 -18.27
CA LEU A 180 -6.01 -10.87 -19.33
C LEU A 180 -7.27 -11.72 -19.68
N VAL A 181 -7.79 -11.53 -20.88
CA VAL A 181 -8.98 -12.25 -21.35
CA VAL A 181 -9.00 -12.19 -21.38
C VAL A 181 -8.64 -13.20 -22.48
N CYS A 182 -9.14 -14.44 -22.37
CA CYS A 182 -8.92 -15.52 -23.34
C CYS A 182 -10.28 -16.13 -23.63
N ARG A 183 -10.63 -16.26 -24.92
CA ARG A 183 -11.87 -16.88 -25.42
C ARG A 183 -13.15 -16.46 -24.66
N GLY A 184 -13.37 -15.15 -24.55
CA GLY A 184 -14.54 -14.60 -23.89
C GLY A 184 -14.54 -14.56 -22.37
N THR A 185 -13.50 -15.09 -21.69
CA THR A 185 -13.48 -15.08 -20.22
C THR A 185 -12.19 -14.45 -19.68
N LEU A 186 -12.30 -13.93 -18.46
CA LEU A 186 -11.19 -13.39 -17.73
C LEU A 186 -10.37 -14.56 -17.21
N GLN A 187 -9.11 -14.62 -17.61
CA GLN A 187 -8.24 -15.70 -17.19
C GLN A 187 -7.15 -15.22 -16.25
N GLY A 188 -6.79 -13.96 -16.35
CA GLY A 188 -5.78 -13.44 -15.48
C GLY A 188 -5.86 -12.03 -15.02
N LEU A 189 -5.12 -11.73 -13.98
CA LEU A 189 -4.98 -10.36 -13.48
C LEU A 189 -3.49 -10.07 -13.54
N VAL A 190 -3.07 -8.91 -14.12
CA VAL A 190 -1.65 -8.51 -14.19
C VAL A 190 -1.04 -8.51 -12.79
N SER A 191 0.03 -9.28 -12.61
CA SER A 191 0.62 -9.37 -11.30
C SER A 191 2.09 -8.88 -11.25
N TRP A 192 3.00 -9.53 -11.99
CA TRP A 192 4.43 -9.17 -11.97
C TRP A 192 5.15 -9.71 -13.17
N GLY A 193 6.39 -9.29 -13.30
CA GLY A 193 7.27 -9.69 -14.39
C GLY A 193 8.65 -9.12 -14.16
N THR A 194 9.48 -9.06 -15.21
CA THR A 194 10.82 -8.53 -15.01
C THR A 194 10.80 -6.97 -15.14
N PHE A 195 11.86 -6.36 -14.66
CA PHE A 195 12.02 -4.92 -14.73
C PHE A 195 13.44 -4.63 -15.19
N PRO A 196 13.66 -3.84 -16.26
CA PRO A 196 12.65 -3.14 -17.10
C PRO A 196 11.60 -4.07 -17.73
N CYS A 197 10.42 -3.54 -18.07
CA CYS A 197 9.36 -4.34 -18.70
C CYS A 197 9.70 -4.62 -20.17
N GLY A 198 8.95 -5.52 -20.76
CA GLY A 198 9.05 -5.83 -22.18
C GLY A 198 10.37 -6.46 -22.59
N GLN A 199 10.92 -7.30 -21.75
CA GLN A 199 12.15 -8.02 -22.04
C GLN A 199 11.79 -9.31 -22.76
N PRO A 200 12.33 -9.51 -23.98
CA PRO A 200 11.98 -10.73 -24.75
C PRO A 200 12.24 -12.02 -24.01
N ASN A 201 11.27 -12.94 -24.10
CA ASN A 201 11.30 -14.29 -23.51
C ASN A 201 11.23 -14.30 -21.99
N ASP A 202 10.84 -13.16 -21.37
CA ASP A 202 10.59 -13.07 -19.93
C ASP A 202 9.07 -12.97 -19.86
N PRO A 203 8.34 -14.07 -19.58
CA PRO A 203 6.88 -13.97 -19.55
C PRO A 203 6.31 -12.99 -18.52
N GLY A 204 5.13 -12.46 -18.82
CA GLY A 204 4.36 -11.68 -17.86
C GLY A 204 3.66 -12.70 -16.97
N VAL A 205 3.62 -12.44 -15.69
CA VAL A 205 3.02 -13.33 -14.71
C VAL A 205 1.71 -12.76 -14.22
N TYR A 206 0.69 -13.59 -14.20
CA TYR A 206 -0.65 -13.20 -13.85
C TYR A 206 -1.28 -14.09 -12.79
N THR A 207 -2.23 -13.56 -12.05
CA THR A 207 -2.97 -14.32 -11.08
C THR A 207 -3.98 -15.12 -11.91
N GLN A 208 -3.95 -16.44 -11.78
CA GLN A 208 -4.85 -17.32 -12.53
C GLN A 208 -6.24 -17.37 -11.93
N VAL A 209 -7.13 -16.54 -12.46
CA VAL A 209 -8.50 -16.37 -11.98
C VAL A 209 -9.34 -17.61 -11.82
N CYS A 210 -9.25 -18.59 -12.71
CA CYS A 210 -10.00 -19.84 -12.61
C CYS A 210 -9.80 -20.66 -11.30
N LYS A 211 -8.70 -20.48 -10.59
CA LYS A 211 -8.36 -21.10 -9.33
C LYS A 211 -8.97 -20.35 -8.15
N PHE A 212 -9.45 -19.13 -8.37
CA PHE A 212 -9.98 -18.35 -7.28
C PHE A 212 -11.45 -18.02 -7.27
N THR A 213 -12.25 -18.76 -8.04
CA THR A 213 -13.72 -18.62 -8.13
CA THR A 213 -13.70 -18.52 -8.12
C THR A 213 -14.69 -18.57 -6.85
N LYS A 214 -14.32 -19.51 -6.00
CA LYS A 214 -14.98 -19.72 -4.75
C LYS A 214 -14.73 -18.57 -3.77
N TRP A 215 -13.47 -18.14 -3.63
CA TRP A 215 -13.12 -17.04 -2.75
C TRP A 215 -13.75 -15.75 -3.23
N ILE A 216 -13.70 -15.51 -4.52
CA ILE A 216 -14.27 -14.32 -5.09
C ILE A 216 -15.76 -14.20 -4.78
N ASN A 217 -16.47 -15.27 -5.05
CA ASN A 217 -17.88 -15.31 -4.81
C ASN A 217 -18.27 -15.29 -3.34
N ASP A 218 -17.52 -15.98 -2.47
CA ASP A 218 -17.82 -16.00 -1.05
C ASP A 218 -17.57 -14.66 -0.40
N THR A 219 -16.53 -13.98 -0.84
CA THR A 219 -16.18 -12.70 -0.31
C THR A 219 -17.19 -11.62 -0.65
N MET A 220 -17.70 -11.66 -1.86
CA MET A 220 -18.71 -10.71 -2.29
C MET A 220 -19.98 -10.95 -1.49
N LYS A 221 -20.32 -12.20 -1.27
CA LYS A 221 -21.47 -12.57 -0.48
C LYS A 221 -21.36 -12.14 0.98
N LYS A 222 -20.21 -12.36 1.56
CA LYS A 222 -19.97 -12.04 2.94
C LYS A 222 -20.04 -10.58 3.20
N HIS A 223 -19.47 -9.81 2.30
CA HIS A 223 -19.40 -8.36 2.48
C HIS A 223 -20.39 -7.58 1.60
N ARG A 224 -21.51 -8.21 1.20
CA ARG A 224 -22.59 -7.61 0.40
C ARG A 224 -23.08 -6.27 0.97
N ILE B 1 19.85 -8.98 0.13
CA ILE B 1 21.19 -8.52 -0.30
C ILE B 1 21.78 -9.60 -1.22
N ILE B 2 22.17 -9.25 -2.44
CA ILE B 2 22.80 -10.21 -3.36
C ILE B 2 24.32 -10.10 -3.20
N ASP B 3 24.98 -11.27 -3.13
CA ASP B 3 26.43 -11.45 -3.06
C ASP B 3 27.08 -10.70 -1.90
N GLY B 4 26.37 -10.64 -0.77
CA GLY B 4 26.89 -10.02 0.42
C GLY B 4 27.36 -11.09 1.37
N ALA B 5 27.46 -10.75 2.65
CA ALA B 5 27.91 -11.65 3.69
C ALA B 5 27.32 -11.14 4.99
N PRO B 6 27.21 -11.98 6.05
CA PRO B 6 26.66 -11.49 7.32
C PRO B 6 27.43 -10.28 7.85
N CYS B 7 26.67 -9.26 8.30
CA CYS B 7 27.31 -8.06 8.90
C CYS B 7 28.00 -8.48 10.17
N ALA B 8 29.06 -7.74 10.58
CA ALA B 8 29.72 -8.04 11.86
C ALA B 8 28.67 -7.81 12.96
N ARG B 9 28.65 -8.69 13.96
CA ARG B 9 27.67 -8.63 15.07
C ARG B 9 27.75 -7.30 15.85
N GLY B 10 26.62 -6.63 15.98
CA GLY B 10 26.54 -5.36 16.71
C GLY B 10 27.02 -4.12 15.97
N SER B 11 27.36 -4.24 14.69
CA SER B 11 27.85 -3.12 13.91
C SER B 11 26.73 -2.30 13.18
N HIS B 12 25.44 -2.75 13.23
CA HIS B 12 24.29 -2.03 12.65
C HIS B 12 23.17 -1.78 13.71
N PRO B 13 23.52 -1.12 14.84
CA PRO B 13 22.50 -0.89 15.88
C PRO B 13 21.38 0.08 15.48
N TRP B 14 21.54 0.76 14.33
CA TRP B 14 20.51 1.67 13.77
C TRP B 14 19.60 0.98 12.76
N GLN B 15 19.90 -0.28 12.39
CA GLN B 15 19.07 -1.04 11.45
C GLN B 15 17.84 -1.60 12.19
N VAL B 16 16.66 -1.47 11.57
CA VAL B 16 15.40 -2.03 12.07
C VAL B 16 14.80 -2.84 10.94
N ALA B 17 13.80 -3.60 11.26
CA ALA B 17 13.06 -4.35 10.30
C ALA B 17 11.61 -4.07 10.58
N LEU B 18 10.85 -3.95 9.51
CA LEU B 18 9.44 -3.73 9.57
C LEU B 18 8.85 -5.07 9.24
N LEU B 19 8.05 -5.58 10.14
CA LEU B 19 7.47 -6.87 9.97
C LEU B 19 5.96 -6.86 9.80
N SER B 20 5.49 -7.85 9.09
CA SER B 20 4.09 -8.10 8.81
C SER B 20 3.82 -9.57 8.96
N GLY B 21 3.07 -9.90 9.98
CA GLY B 21 2.70 -11.26 10.31
C GLY B 21 3.90 -12.14 10.50
N ASN B 22 4.89 -11.63 11.22
CA ASN B 22 6.16 -12.28 11.49
C ASN B 22 6.97 -12.63 10.25
N GLN B 23 6.84 -11.80 9.23
CA GLN B 23 7.53 -11.94 7.98
C GLN B 23 8.15 -10.61 7.69
N LEU B 24 9.31 -10.62 7.07
CA LEU B 24 9.94 -9.39 6.77
C LEU B 24 9.14 -8.65 5.72
N HIS B 25 8.89 -7.39 5.98
CA HIS B 25 8.20 -6.50 5.06
C HIS B 25 9.21 -5.57 4.38
N CYS B 26 9.98 -4.83 5.16
CA CYS B 26 10.96 -3.88 4.69
C CYS B 26 12.02 -3.62 5.73
N GLY B 27 13.11 -2.99 5.34
CA GLY B 27 14.12 -2.54 6.27
C GLY B 27 13.77 -1.11 6.68
N GLY B 28 14.60 -0.52 7.49
CA GLY B 28 14.44 0.84 7.97
C GLY B 28 15.60 1.23 8.87
N VAL B 29 15.62 2.50 9.29
CA VAL B 29 16.66 3.07 10.18
CA VAL B 29 16.66 3.06 10.13
C VAL B 29 16.06 3.81 11.32
N LEU B 30 16.66 3.69 12.49
CA LEU B 30 16.19 4.39 13.67
C LEU B 30 16.83 5.80 13.64
N VAL B 31 15.97 6.85 13.60
CA VAL B 31 16.39 8.27 13.56
C VAL B 31 16.62 8.75 15.01
N ASN B 32 15.67 8.41 15.88
CA ASN B 32 15.71 8.71 17.32
C ASN B 32 14.79 7.73 18.01
N GLU B 33 14.63 7.86 19.33
CA GLU B 33 13.80 6.98 20.18
C GLU B 33 12.36 6.82 19.70
N ARG B 34 11.85 7.80 18.96
CA ARG B 34 10.46 7.82 18.51
C ARG B 34 10.22 7.55 17.02
N TRP B 35 11.26 7.63 16.19
CA TRP B 35 11.11 7.58 14.74
C TRP B 35 11.99 6.67 13.98
N VAL B 36 11.39 6.00 12.98
CA VAL B 36 12.04 5.14 12.01
C VAL B 36 11.90 5.80 10.63
N LEU B 37 12.98 5.79 9.87
CA LEU B 37 12.99 6.28 8.50
C LEU B 37 13.06 5.07 7.61
N THR B 38 12.21 5.04 6.59
CA THR B 38 12.12 3.93 5.62
C THR B 38 11.60 4.46 4.26
N ALA B 39 11.30 3.55 3.33
CA ALA B 39 10.77 3.90 2.03
C ALA B 39 9.27 4.08 2.14
N ALA B 40 8.71 5.02 1.37
CA ALA B 40 7.27 5.30 1.23
C ALA B 40 6.54 4.08 0.68
N HIS B 41 7.24 3.27 -0.15
N HIS B 41 7.25 3.27 -0.15
CA HIS B 41 6.73 2.04 -0.75
CA HIS B 41 6.78 2.02 -0.74
C HIS B 41 6.40 0.97 0.34
C HIS B 41 6.35 1.01 0.37
N CYS B 42 6.97 1.12 1.55
CA CYS B 42 6.73 0.25 2.71
C CYS B 42 5.51 0.62 3.56
N LYS B 43 4.76 1.64 3.16
CA LYS B 43 3.53 2.10 3.82
C LYS B 43 2.58 0.94 4.18
N MET B 44 2.10 0.93 5.43
CA MET B 44 1.15 -0.03 5.96
C MET B 44 0.33 0.77 6.99
N ASN B 45 -0.84 0.26 7.37
CA ASN B 45 -1.66 0.92 8.39
C ASN B 45 -1.07 0.70 9.76
N GLU B 46 -0.54 -0.50 10.02
CA GLU B 46 0.07 -0.85 11.32
C GLU B 46 1.40 -1.53 11.09
N TYR B 47 2.39 -1.28 11.96
CA TYR B 47 3.70 -1.92 11.84
C TYR B 47 4.14 -2.63 13.10
N THR B 48 4.94 -3.67 12.91
CA THR B 48 5.68 -4.33 13.96
C THR B 48 7.15 -4.04 13.62
N VAL B 49 7.84 -3.27 14.49
CA VAL B 49 9.24 -2.87 14.32
C VAL B 49 10.19 -3.74 15.17
N HIS B 50 11.10 -4.44 14.50
CA HIS B 50 12.14 -5.26 15.14
C HIS B 50 13.39 -4.38 15.29
N LEU B 51 13.96 -4.29 16.51
CA LEU B 51 15.19 -3.49 16.75
C LEU B 51 16.12 -4.26 17.66
N GLY B 52 17.40 -3.95 17.58
CA GLY B 52 18.38 -4.50 18.50
C GLY B 52 18.78 -5.94 18.39
N SER B 53 18.77 -6.51 17.18
CA SER B 53 19.28 -7.86 16.96
C SER B 53 19.61 -8.06 15.48
N ASP B 54 20.78 -8.64 15.20
CA ASP B 54 21.19 -8.97 13.84
C ASP B 54 20.41 -10.20 13.31
N THR B 55 19.73 -10.92 14.22
CA THR B 55 18.91 -12.10 13.92
C THR B 55 17.44 -11.74 13.89
N LEU B 56 16.84 -11.86 12.71
CA LEU B 56 15.40 -11.62 12.56
C LEU B 56 14.65 -12.72 13.30
N GLY B 57 13.88 -12.34 14.31
CA GLY B 57 13.17 -13.29 15.15
C GLY B 57 14.00 -13.85 16.28
N ASP B 58 14.85 -13.01 16.86
CA ASP B 58 15.60 -13.37 18.05
C ASP B 58 14.59 -13.03 19.17
N ARG B 59 14.76 -13.62 20.36
CA ARG B 59 13.90 -13.34 21.52
C ARG B 59 14.46 -12.08 22.18
N ARG B 60 15.78 -11.82 22.04
CA ARG B 60 16.43 -10.62 22.60
C ARG B 60 16.07 -9.31 21.84
N ALA B 61 15.47 -9.40 20.65
CA ALA B 61 15.09 -8.21 19.91
C ALA B 61 13.95 -7.42 20.61
N GLN B 62 14.05 -6.09 20.60
CA GLN B 62 12.94 -5.27 21.12
C GLN B 62 11.92 -5.26 19.97
N ARG B 63 10.64 -5.31 20.29
CA ARG B 63 9.56 -5.22 19.31
C ARG B 63 8.64 -4.11 19.70
N ILE B 64 8.46 -3.14 18.80
CA ILE B 64 7.63 -1.98 19.07
C ILE B 64 6.62 -1.83 17.94
N LYS B 65 5.35 -1.59 18.30
CA LYS B 65 4.30 -1.35 17.33
C LYS B 65 4.32 0.12 16.95
N ALA B 66 3.89 0.41 15.73
CA ALA B 66 3.75 1.77 15.22
C ALA B 66 2.46 1.83 14.46
N SER B 67 1.61 2.74 14.90
CA SER B 67 0.30 2.93 14.30
C SER B 67 0.23 4.16 13.40
N LYS B 68 1.28 5.00 13.32
CA LYS B 68 1.25 6.22 12.47
C LYS B 68 2.48 6.35 11.58
N SER B 69 2.27 6.73 10.32
CA SER B 69 3.38 6.93 9.38
C SER B 69 3.05 8.04 8.43
N PHE B 70 4.11 8.69 7.92
CA PHE B 70 4.02 9.89 7.12
C PHE B 70 4.90 9.78 5.92
N ARG B 71 4.29 9.60 4.75
CA ARG B 71 5.04 9.51 3.49
C ARG B 71 5.34 10.92 3.01
N HIS B 72 6.46 11.09 2.31
CA HIS B 72 6.76 12.40 1.74
C HIS B 72 5.59 12.72 0.77
N PRO B 73 5.04 13.97 0.82
CA PRO B 73 3.88 14.32 -0.04
C PRO B 73 4.16 14.25 -1.53
N GLY B 74 5.44 14.23 -1.93
CA GLY B 74 5.80 14.16 -3.34
C GLY B 74 5.93 12.75 -3.85
N TYR B 75 5.70 11.73 -2.96
CA TYR B 75 5.84 10.34 -3.33
C TYR B 75 4.93 9.89 -4.47
N SER B 76 5.55 9.26 -5.48
CA SER B 76 4.81 8.70 -6.59
C SER B 76 5.05 7.22 -6.66
N THR B 77 3.97 6.47 -6.71
CA THR B 77 4.00 5.02 -6.90
C THR B 77 4.36 4.70 -8.38
N GLN B 78 4.17 5.67 -9.31
CA GLN B 78 4.50 5.49 -10.73
C GLN B 78 6.00 5.57 -10.98
N THR B 79 6.67 6.60 -10.43
CA THR B 79 8.11 6.88 -10.68
C THR B 79 9.03 6.57 -9.50
N HIS B 80 8.44 6.39 -8.31
CA HIS B 80 9.17 6.16 -7.07
C HIS B 80 9.98 7.41 -6.67
N VAL B 81 9.64 8.59 -7.19
CA VAL B 81 10.30 9.84 -6.76
C VAL B 81 9.86 10.07 -5.30
N ASN B 82 10.75 10.63 -4.46
CA ASN B 82 10.45 10.96 -3.05
C ASN B 82 10.01 9.75 -2.25
N ASP B 83 10.74 8.62 -2.44
CA ASP B 83 10.46 7.37 -1.77
C ASP B 83 11.02 7.35 -0.34
N LEU B 84 10.37 8.10 0.55
CA LEU B 84 10.71 8.12 1.96
C LEU B 84 9.48 8.37 2.81
N MET B 85 9.55 7.83 4.01
CA MET B 85 8.47 7.82 4.96
C MET B 85 9.01 7.75 6.38
N LEU B 86 8.35 8.46 7.29
CA LEU B 86 8.66 8.45 8.71
C LEU B 86 7.61 7.65 9.45
N VAL B 87 8.07 6.70 10.27
CA VAL B 87 7.24 5.80 11.06
C VAL B 87 7.37 6.16 12.53
N LYS B 88 6.24 6.49 13.14
CA LYS B 88 6.23 6.92 14.54
C LYS B 88 5.91 5.75 15.44
N LEU B 89 6.88 5.39 16.28
CA LEU B 89 6.77 4.28 17.22
C LEU B 89 5.76 4.62 18.33
N ASN B 90 4.91 3.65 18.72
CA ASN B 90 3.89 3.86 19.78
C ASN B 90 4.50 4.09 21.14
N SER B 91 5.74 3.60 21.33
CA SER B 91 6.51 3.84 22.54
C SER B 91 7.96 4.01 22.14
N GLN B 92 8.74 4.71 22.97
CA GLN B 92 10.15 4.95 22.69
C GLN B 92 10.99 3.66 22.59
N ALA B 93 12.00 3.67 21.70
CA ALA B 93 12.94 2.58 21.58
C ALA B 93 13.91 2.77 22.74
N ARG B 94 14.32 1.69 23.40
CA ARG B 94 15.26 1.83 24.49
C ARG B 94 16.66 1.73 23.87
N LEU B 95 17.45 2.80 24.03
CA LEU B 95 18.83 2.84 23.52
C LEU B 95 19.71 1.91 24.34
N SER B 96 20.57 1.15 23.65
CA SER B 96 21.47 0.19 24.26
C SER B 96 22.67 0.03 23.35
N SER B 97 23.53 -0.97 23.65
CA SER B 97 24.68 -1.27 22.81
C SER B 97 24.19 -1.80 21.44
N MET B 98 22.97 -2.37 21.39
CA MET B 98 22.40 -2.92 20.18
C MET B 98 21.34 -2.00 19.47
N VAL B 99 20.97 -0.85 20.10
CA VAL B 99 19.96 0.08 19.62
C VAL B 99 20.49 1.50 19.71
N LYS B 100 20.78 2.11 18.57
CA LYS B 100 21.34 3.47 18.46
C LYS B 100 20.75 4.17 17.28
N LYS B 101 20.74 5.51 17.35
CA LYS B 101 20.22 6.37 16.27
C LYS B 101 21.29 6.42 15.16
N VAL B 102 20.84 6.49 13.91
CA VAL B 102 21.74 6.62 12.76
C VAL B 102 22.25 8.09 12.73
N ARG B 103 23.34 8.33 12.04
CA ARG B 103 23.83 9.68 11.87
C ARG B 103 23.31 10.12 10.50
N LEU B 104 22.44 11.13 10.52
CA LEU B 104 21.88 11.75 9.33
C LEU B 104 22.96 12.59 8.64
N PRO B 105 22.94 12.71 7.29
CA PRO B 105 24.00 13.45 6.63
C PRO B 105 23.84 14.95 6.66
N SER B 106 24.97 15.66 6.65
CA SER B 106 24.91 17.11 6.51
C SER B 106 25.20 17.45 5.06
N ARG B 107 25.98 16.60 4.40
CA ARG B 107 26.37 16.77 3.00
C ARG B 107 26.18 15.50 2.16
N CYS B 108 26.20 15.64 0.85
CA CYS B 108 26.07 14.51 -0.04
C CYS B 108 27.41 13.96 -0.45
N GLU B 109 27.58 12.67 -0.40
CA GLU B 109 28.83 12.08 -0.79
C GLU B 109 28.90 11.98 -2.28
N PRO B 110 30.08 12.18 -2.85
CA PRO B 110 30.17 12.17 -4.31
C PRO B 110 30.21 10.78 -4.97
N PRO B 111 30.13 10.70 -6.33
CA PRO B 111 30.29 9.39 -6.99
C PRO B 111 31.69 8.83 -6.70
N GLY B 112 31.80 7.50 -6.65
CA GLY B 112 33.07 6.85 -6.36
C GLY B 112 33.26 6.48 -4.90
N THR B 113 32.48 7.09 -4.00
CA THR B 113 32.53 6.79 -2.55
C THR B 113 32.11 5.33 -2.29
N THR B 114 32.84 4.64 -1.39
CA THR B 114 32.52 3.30 -0.93
C THR B 114 31.42 3.40 0.15
N CYS B 115 30.39 2.58 0.04
CA CYS B 115 29.24 2.51 0.92
C CYS B 115 28.95 1.10 1.27
N THR B 116 28.09 0.95 2.27
CA THR B 116 27.61 -0.36 2.68
C THR B 116 26.11 -0.30 2.74
N VAL B 117 25.47 -1.29 2.12
CA VAL B 117 24.03 -1.49 2.19
C VAL B 117 23.77 -2.80 3.00
N SER B 118 22.79 -2.77 3.91
CA SER B 118 22.47 -3.91 4.76
C SER B 118 20.96 -4.22 4.72
N GLY B 119 20.63 -5.47 5.03
CA GLY B 119 19.24 -5.89 5.05
C GLY B 119 19.06 -7.38 5.18
N TRP B 120 17.79 -7.78 5.45
CA TRP B 120 17.37 -9.16 5.59
C TRP B 120 16.61 -9.63 4.32
N GLY B 121 16.74 -8.88 3.22
CA GLY B 121 16.04 -9.22 1.99
C GLY B 121 16.63 -10.46 1.34
N THR B 122 15.96 -10.99 0.33
CA THR B 122 16.42 -12.21 -0.36
C THR B 122 17.90 -12.11 -0.83
N THR B 123 18.61 -13.24 -0.71
CA THR B 123 20.00 -13.31 -1.12
C THR B 123 20.11 -13.90 -2.52
N THR B 124 18.98 -14.35 -3.09
CA THR B 124 18.94 -14.91 -4.45
C THR B 124 17.78 -14.25 -5.21
N SER B 125 17.82 -14.35 -6.54
CA SER B 125 16.79 -13.77 -7.40
C SER B 125 16.82 -14.50 -8.75
N PRO B 126 15.66 -14.86 -9.36
CA PRO B 126 14.27 -14.56 -8.95
C PRO B 126 13.73 -15.41 -7.78
N ASP B 127 14.22 -16.65 -7.63
CA ASP B 127 13.86 -17.57 -6.53
C ASP B 127 14.32 -16.92 -5.23
N VAL B 128 13.47 -16.93 -4.19
CA VAL B 128 13.80 -16.22 -2.94
C VAL B 128 14.46 -17.13 -1.89
N THR B 129 15.45 -16.55 -1.18
CA THR B 129 16.20 -17.11 -0.06
C THR B 129 16.34 -15.98 0.98
N PHE B 130 15.44 -15.97 1.97
CA PHE B 130 15.45 -14.96 3.03
C PHE B 130 16.33 -15.43 4.20
N PRO B 131 17.44 -14.71 4.51
CA PRO B 131 18.31 -15.13 5.64
C PRO B 131 17.76 -14.73 7.01
N SER B 132 18.24 -15.37 8.04
CA SER B 132 17.84 -15.00 9.40
C SER B 132 18.77 -13.90 9.92
N ASP B 133 20.01 -13.85 9.43
CA ASP B 133 20.99 -12.84 9.88
C ASP B 133 21.13 -11.70 8.89
N LEU B 134 21.34 -10.50 9.43
CA LEU B 134 21.52 -9.27 8.68
C LEU B 134 22.72 -9.41 7.76
N MET B 135 22.54 -9.12 6.47
CA MET B 135 23.56 -9.25 5.41
C MET B 135 24.03 -7.88 4.99
N CYS B 136 25.30 -7.77 4.62
CA CYS B 136 25.94 -6.53 4.21
C CYS B 136 26.61 -6.74 2.89
N VAL B 137 26.71 -5.68 2.10
CA VAL B 137 27.55 -5.67 0.92
C VAL B 137 28.11 -4.26 0.71
N ASP B 138 29.34 -4.15 0.25
CA ASP B 138 29.97 -2.87 -0.05
C ASP B 138 29.69 -2.54 -1.52
N VAL B 139 29.28 -1.30 -1.79
CA VAL B 139 28.98 -0.80 -3.13
C VAL B 139 29.57 0.60 -3.26
N LYS B 140 29.68 1.09 -4.49
CA LYS B 140 30.18 2.44 -4.71
C LYS B 140 29.11 3.32 -5.34
N LEU B 141 29.13 4.62 -4.99
CA LEU B 141 28.21 5.62 -5.58
C LEU B 141 28.53 5.81 -7.04
N ILE B 142 27.50 5.75 -7.88
CA ILE B 142 27.62 5.85 -9.34
C ILE B 142 27.01 7.21 -9.76
N SER B 143 27.72 7.96 -10.62
CA SER B 143 27.26 9.26 -11.08
C SER B 143 25.87 9.22 -11.74
N PRO B 144 25.04 10.28 -11.54
CA PRO B 144 23.76 10.36 -12.25
C PRO B 144 23.93 10.18 -13.77
N GLN B 145 25.02 10.70 -14.38
CA GLN B 145 25.26 10.52 -15.81
C GLN B 145 25.46 9.05 -16.20
N ASP B 146 26.20 8.28 -15.39
CA ASP B 146 26.41 6.87 -15.66
C ASP B 146 25.12 6.07 -15.47
N CYS B 147 24.38 6.37 -14.39
CA CYS B 147 23.11 5.71 -14.04
C CYS B 147 21.98 5.97 -15.09
N THR B 148 21.97 7.17 -15.73
CA THR B 148 21.01 7.53 -16.79
C THR B 148 21.16 6.61 -18.02
N LYS B 149 22.39 6.10 -18.29
CA LYS B 149 22.61 5.19 -19.41
C LYS B 149 21.81 3.88 -19.17
N VAL B 150 21.41 3.60 -17.92
CA VAL B 150 20.66 2.40 -17.61
C VAL B 150 19.16 2.68 -17.48
N TYR B 151 18.80 3.66 -16.63
CA TYR B 151 17.40 3.89 -16.31
C TYR B 151 16.75 5.09 -17.02
N LYS B 152 17.50 5.83 -17.85
CA LYS B 152 16.98 6.97 -18.66
C LYS B 152 16.22 8.02 -17.82
N ASP B 153 15.06 8.51 -18.29
CA ASP B 153 14.28 9.56 -17.60
C ASP B 153 13.59 9.13 -16.30
N LEU B 154 13.60 7.82 -15.95
CA LEU B 154 13.04 7.32 -14.69
C LEU B 154 13.79 7.88 -13.45
N LEU B 155 15.07 8.30 -13.65
CA LEU B 155 15.98 8.76 -12.63
C LEU B 155 15.81 10.23 -12.30
N GLU B 156 15.65 10.56 -11.04
CA GLU B 156 15.48 11.93 -10.65
C GLU B 156 16.69 12.38 -9.86
N ASN B 157 16.82 13.67 -9.66
CA ASN B 157 17.97 14.20 -8.96
C ASN B 157 18.07 13.94 -7.48
N SER B 158 17.01 13.49 -6.84
CA SER B 158 17.02 13.14 -5.45
C SER B 158 17.13 11.62 -5.28
N MET B 159 17.52 10.94 -6.34
CA MET B 159 17.76 9.51 -6.34
C MET B 159 19.27 9.30 -6.41
N LEU B 160 19.78 8.30 -5.72
CA LEU B 160 21.19 8.01 -5.70
C LEU B 160 21.44 6.61 -6.17
N CYS B 161 22.38 6.42 -7.06
CA CYS B 161 22.69 5.10 -7.56
C CYS B 161 23.97 4.52 -6.99
N ALA B 162 24.01 3.21 -6.81
CA ALA B 162 25.18 2.53 -6.25
C ALA B 162 25.29 1.08 -6.75
N GLY B 163 26.52 0.64 -6.93
CA GLY B 163 26.84 -0.71 -7.38
C GLY B 163 28.33 -0.89 -7.58
N ILE B 164 28.72 -2.03 -8.16
CA ILE B 164 30.11 -2.38 -8.47
C ILE B 164 30.12 -2.81 -9.94
N PRO B 165 31.06 -2.34 -10.81
CA PRO B 165 31.00 -2.76 -12.23
C PRO B 165 31.13 -4.27 -12.40
N ASP B 166 30.33 -4.84 -13.32
CA ASP B 166 30.32 -6.28 -13.65
C ASP B 166 30.18 -7.16 -12.41
N SER B 167 29.36 -6.72 -11.45
CA SER B 167 29.13 -7.44 -10.20
C SER B 167 27.65 -7.54 -9.88
N LYS B 168 27.28 -8.65 -9.23
CA LYS B 168 25.92 -8.99 -8.79
C LYS B 168 25.58 -8.27 -7.47
N LYS B 169 26.60 -7.74 -6.75
CA LYS B 169 26.49 -7.02 -5.47
C LYS B 169 25.41 -5.96 -5.53
N ASN B 170 24.35 -6.18 -4.76
CA ASN B 170 23.22 -5.26 -4.79
C ASN B 170 22.22 -5.53 -3.69
N ALA B 171 21.22 -4.64 -3.54
CA ALA B 171 20.09 -4.81 -2.63
C ALA B 171 18.97 -5.47 -3.47
N CYS B 172 17.99 -6.10 -2.81
CA CYS B 172 16.91 -6.86 -3.46
C CYS B 172 15.66 -6.76 -2.58
N ASN B 173 14.60 -7.47 -2.95
CA ASN B 173 13.32 -7.47 -2.26
C ASN B 173 13.43 -7.84 -0.79
N GLY B 174 12.86 -6.98 0.04
CA GLY B 174 12.91 -7.09 1.49
C GLY B 174 13.92 -6.13 2.09
N ASP B 175 14.86 -5.65 1.25
CA ASP B 175 15.89 -4.69 1.65
C ASP B 175 15.37 -3.26 1.58
N SER B 176 14.23 -3.09 0.90
CA SER B 176 13.54 -1.82 0.65
C SER B 176 13.39 -0.99 1.93
N GLY B 177 13.83 0.26 1.87
CA GLY B 177 13.78 1.20 3.00
C GLY B 177 14.98 1.14 3.93
N GLY B 178 15.83 0.15 3.71
CA GLY B 178 17.05 -0.11 4.47
C GLY B 178 18.19 0.84 4.19
N PRO B 179 19.23 0.83 5.05
CA PRO B 179 20.26 1.86 4.93
C PRO B 179 21.39 1.63 3.95
N LEU B 180 21.85 2.71 3.35
CA LEU B 180 23.06 2.79 2.51
C LEU B 180 23.89 3.82 3.29
N VAL B 181 24.98 3.37 3.90
CA VAL B 181 25.87 4.19 4.74
C VAL B 181 27.22 4.43 4.06
N CYS B 182 27.66 5.71 3.95
CA CYS B 182 28.94 6.09 3.33
C CYS B 182 29.62 7.06 4.24
N ARG B 183 30.92 6.80 4.55
CA ARG B 183 31.79 7.64 5.40
C ARG B 183 31.09 8.03 6.70
N GLY B 184 30.46 7.04 7.33
CA GLY B 184 29.80 7.21 8.62
C GLY B 184 28.43 7.86 8.61
N THR B 185 27.86 8.19 7.43
CA THR B 185 26.53 8.81 7.42
C THR B 185 25.57 8.05 6.56
N LEU B 186 24.29 8.18 6.85
CA LEU B 186 23.24 7.60 6.05
C LEU B 186 23.06 8.39 4.75
N GLN B 187 23.42 7.83 3.63
CA GLN B 187 23.31 8.50 2.35
C GLN B 187 22.10 8.03 1.51
N GLY B 188 21.63 6.84 1.76
CA GLY B 188 20.51 6.34 1.04
C GLY B 188 19.57 5.38 1.70
N LEU B 189 18.37 5.28 1.15
CA LEU B 189 17.40 4.29 1.56
C LEU B 189 17.16 3.41 0.33
N VAL B 190 17.23 2.07 0.47
CA VAL B 190 16.99 1.14 -0.64
C VAL B 190 15.59 1.50 -1.24
N SER B 191 15.55 1.72 -2.56
CA SER B 191 14.31 2.14 -3.21
C SER B 191 13.85 1.15 -4.30
N TRP B 192 14.66 0.99 -5.37
CA TRP B 192 14.28 0.13 -6.50
C TRP B 192 15.51 -0.20 -7.33
N GLY B 193 15.34 -1.16 -8.23
CA GLY B 193 16.40 -1.64 -9.10
C GLY B 193 15.83 -2.56 -10.15
N THR B 194 16.66 -3.33 -10.81
CA THR B 194 16.15 -4.24 -11.83
C THR B 194 15.63 -5.52 -11.18
N PHE B 195 14.80 -6.26 -11.91
CA PHE B 195 14.27 -7.52 -11.45
C PHE B 195 14.38 -8.55 -12.60
N PRO B 196 14.98 -9.73 -12.41
CA PRO B 196 15.65 -10.22 -11.18
C PRO B 196 16.81 -9.32 -10.68
N CYS B 197 17.02 -9.26 -9.34
CA CYS B 197 18.09 -8.49 -8.69
C CYS B 197 19.46 -9.02 -9.06
N GLY B 198 20.48 -8.20 -8.76
CA GLY B 198 21.87 -8.59 -8.95
C GLY B 198 22.30 -8.78 -10.38
N GLN B 199 21.79 -7.96 -11.29
CA GLN B 199 22.23 -8.02 -12.67
C GLN B 199 23.48 -7.17 -12.80
N PRO B 200 24.57 -7.73 -13.40
CA PRO B 200 25.80 -6.94 -13.51
C PRO B 200 25.52 -5.72 -14.39
N ASN B 201 26.09 -4.59 -14.03
CA ASN B 201 25.95 -3.34 -14.74
C ASN B 201 24.57 -2.67 -14.58
N ASP B 202 23.72 -3.17 -13.65
CA ASP B 202 22.43 -2.55 -13.34
C ASP B 202 22.50 -2.03 -11.91
N PRO B 203 22.71 -0.71 -11.72
CA PRO B 203 22.87 -0.16 -10.35
C PRO B 203 21.61 -0.23 -9.50
N GLY B 204 21.77 -0.26 -8.18
CA GLY B 204 20.67 -0.17 -7.24
C GLY B 204 20.33 1.30 -7.10
N VAL B 205 19.07 1.62 -6.95
CA VAL B 205 18.61 2.99 -6.80
C VAL B 205 18.10 3.26 -5.39
N TYR B 206 18.58 4.35 -4.84
CA TYR B 206 18.32 4.75 -3.51
C TYR B 206 17.75 6.14 -3.40
N THR B 207 17.01 6.39 -2.35
CA THR B 207 16.50 7.69 -2.05
C THR B 207 17.68 8.49 -1.44
N GLN B 208 18.02 9.64 -2.01
CA GLN B 208 19.15 10.46 -1.54
C GLN B 208 18.83 11.33 -0.31
N VAL B 209 19.08 10.75 0.85
CA VAL B 209 18.79 11.34 2.14
C VAL B 209 19.25 12.75 2.39
N CYS B 210 20.41 13.15 1.85
CA CYS B 210 20.94 14.51 1.98
C CYS B 210 20.05 15.61 1.37
N LYS B 211 19.19 15.29 0.43
CA LYS B 211 18.26 16.22 -0.15
C LYS B 211 16.97 16.34 0.68
N PHE B 212 16.79 15.48 1.68
CA PHE B 212 15.55 15.49 2.44
C PHE B 212 15.59 15.82 3.91
N THR B 213 16.72 16.25 4.42
CA THR B 213 16.85 16.53 5.84
C THR B 213 15.88 17.56 6.43
N LYS B 214 15.57 18.63 5.72
CA LYS B 214 14.61 19.61 6.21
C LYS B 214 13.22 18.97 6.43
N TRP B 215 12.75 18.17 5.46
CA TRP B 215 11.47 17.46 5.57
C TRP B 215 11.50 16.45 6.72
N ILE B 216 12.60 15.71 6.86
CA ILE B 216 12.77 14.74 7.95
C ILE B 216 12.64 15.44 9.30
N ASN B 217 13.48 16.46 9.55
CA ASN B 217 13.44 17.15 10.84
CA ASN B 217 13.47 17.24 10.80
C ASN B 217 12.10 17.88 11.08
N ASP B 218 11.49 18.52 10.04
CA ASP B 218 10.18 19.19 10.17
C ASP B 218 9.01 18.25 10.50
N THR B 219 8.97 17.10 9.84
CA THR B 219 7.90 16.09 10.04
C THR B 219 7.90 15.54 11.46
N MET B 220 9.09 15.21 12.03
CA MET B 220 9.22 14.68 13.38
C MET B 220 8.80 15.75 14.41
N LYS B 221 9.19 17.02 14.19
CA LYS B 221 8.81 18.15 15.04
C LYS B 221 7.30 18.39 14.98
N LYS B 222 6.70 18.36 13.78
CA LYS B 222 5.26 18.59 13.61
C LYS B 222 4.39 17.47 14.21
N HIS B 223 4.87 16.20 14.17
CA HIS B 223 4.03 15.08 14.64
C HIS B 223 4.49 14.40 15.92
N ARG B 224 5.42 15.03 16.67
CA ARG B 224 5.93 14.51 17.95
C ARG B 224 4.80 14.29 18.99
N ILE C 1 -0.90 39.89 -17.61
CA ILE C 1 -1.66 39.17 -18.64
C ILE C 1 -1.34 39.80 -19.98
N ILE C 2 -0.84 39.03 -20.95
CA ILE C 2 -0.54 39.55 -22.28
C ILE C 2 -1.78 39.34 -23.16
N ASP C 3 -2.16 40.41 -23.89
CA ASP C 3 -3.26 40.43 -24.88
C ASP C 3 -4.62 40.04 -24.27
N GLY C 4 -4.82 40.45 -23.05
CA GLY C 4 -6.10 40.22 -22.38
C GLY C 4 -6.95 41.47 -22.38
N ALA C 5 -7.95 41.50 -21.51
CA ALA C 5 -8.87 42.62 -21.41
C ALA C 5 -9.33 42.68 -19.93
N PRO C 6 -9.78 43.85 -19.43
CA PRO C 6 -10.27 43.89 -18.04
C PRO C 6 -11.36 42.85 -17.78
N CYS C 7 -11.27 42.09 -16.68
CA CYS C 7 -12.31 41.12 -16.32
C CYS C 7 -13.60 41.90 -16.00
N ALA C 8 -14.78 41.30 -16.22
CA ALA C 8 -16.08 41.88 -15.87
C ALA C 8 -16.06 42.13 -14.33
N ARG C 9 -16.49 43.31 -13.88
CA ARG C 9 -16.50 43.67 -12.45
C ARG C 9 -17.29 42.62 -11.63
N GLY C 10 -16.74 42.14 -10.52
CA GLY C 10 -17.37 41.13 -9.66
C GLY C 10 -17.35 39.68 -10.13
N SER C 11 -16.68 39.38 -11.25
CA SER C 11 -16.66 38.00 -11.75
C SER C 11 -15.49 37.13 -11.21
N HIS C 12 -14.54 37.74 -10.46
CA HIS C 12 -13.42 37.00 -9.87
C HIS C 12 -13.36 37.21 -8.36
N PRO C 13 -14.45 36.92 -7.60
CA PRO C 13 -14.41 37.17 -6.16
C PRO C 13 -13.40 36.31 -5.37
N TRP C 14 -12.85 35.25 -5.97
CA TRP C 14 -11.87 34.34 -5.32
C TRP C 14 -10.43 34.71 -5.63
N GLN C 15 -10.22 35.70 -6.50
CA GLN C 15 -8.91 36.18 -6.85
C GLN C 15 -8.39 37.10 -5.75
N VAL C 16 -7.13 36.91 -5.34
CA VAL C 16 -6.50 37.81 -4.38
C VAL C 16 -5.18 38.34 -5.02
N ALA C 17 -4.56 39.29 -4.37
CA ALA C 17 -3.27 39.79 -4.75
C ALA C 17 -2.44 39.85 -3.49
N LEU C 18 -1.18 39.48 -3.61
CA LEU C 18 -0.24 39.52 -2.53
C LEU C 18 0.64 40.69 -2.80
N LEU C 19 0.66 41.59 -1.85
CA LEU C 19 1.44 42.79 -1.94
C LEU C 19 2.55 42.83 -0.94
N SER C 20 3.58 43.57 -1.32
CA SER C 20 4.77 43.82 -0.52
C SER C 20 5.08 45.27 -0.75
N GLY C 21 5.05 46.06 0.31
CA GLY C 21 5.30 47.47 0.20
C GLY C 21 4.36 48.22 -0.72
N ASN C 22 3.09 47.82 -0.69
CA ASN C 22 2.01 48.35 -1.52
C ASN C 22 2.22 48.17 -3.00
N GLN C 23 3.02 47.18 -3.33
CA GLN C 23 3.32 46.85 -4.70
C GLN C 23 2.96 45.42 -5.00
N LEU C 24 2.45 45.18 -6.17
CA LEU C 24 2.06 43.85 -6.54
C LEU C 24 3.22 42.88 -6.54
N HIS C 25 3.05 41.79 -5.81
CA HIS C 25 4.06 40.76 -5.74
C HIS C 25 3.62 39.53 -6.53
N CYS C 26 2.45 38.98 -6.27
CA CYS C 26 1.91 37.82 -6.96
C CYS C 26 0.39 37.76 -6.92
N GLY C 27 -0.18 36.89 -7.72
CA GLY C 27 -1.60 36.59 -7.65
C GLY C 27 -1.79 35.45 -6.65
N GLY C 28 -3.04 35.10 -6.39
CA GLY C 28 -3.40 33.99 -5.52
C GLY C 28 -4.88 33.76 -5.58
N VAL C 29 -5.38 32.73 -4.87
CA VAL C 29 -6.81 32.44 -4.81
C VAL C 29 -7.25 32.19 -3.39
N LEU C 30 -8.46 32.63 -3.06
CA LEU C 30 -9.01 32.38 -1.73
C LEU C 30 -9.59 30.95 -1.70
N VAL C 31 -9.06 30.07 -0.82
CA VAL C 31 -9.54 28.69 -0.64
C VAL C 31 -10.69 28.66 0.38
N ASN C 32 -10.54 29.41 1.48
CA ASN C 32 -11.54 29.57 2.54
C ASN C 32 -11.20 30.82 3.36
N GLU C 33 -12.01 31.16 4.34
CA GLU C 33 -11.83 32.37 5.18
C GLU C 33 -10.42 32.54 5.77
N ARG C 34 -9.68 31.44 5.97
CA ARG C 34 -8.35 31.48 6.59
C ARG C 34 -7.15 31.29 5.62
N TRP C 35 -7.39 30.76 4.41
CA TRP C 35 -6.31 30.36 3.52
C TRP C 35 -6.35 30.84 2.08
N VAL C 36 -5.15 31.18 1.61
CA VAL C 36 -4.87 31.58 0.24
C VAL C 36 -3.92 30.54 -0.34
N LEU C 37 -4.16 30.18 -1.59
CA LEU C 37 -3.36 29.28 -2.40
C LEU C 37 -2.67 30.13 -3.46
N THR C 38 -1.35 29.93 -3.61
CA THR C 38 -0.53 30.65 -4.59
C THR C 38 0.67 29.78 -5.02
N ALA C 39 1.63 30.36 -5.78
CA ALA C 39 2.85 29.63 -6.18
C ALA C 39 3.86 29.68 -5.02
N ALA C 40 4.67 28.64 -4.89
CA ALA C 40 5.76 28.53 -3.90
C ALA C 40 6.86 29.52 -4.19
N HIS C 41 6.83 30.03 -5.42
N HIS C 41 6.83 30.03 -5.42
CA HIS C 41 7.79 31.02 -5.90
CA HIS C 41 7.80 31.02 -5.88
C HIS C 41 7.52 32.40 -5.27
C HIS C 41 7.51 32.42 -5.31
N CYS C 42 6.31 32.61 -4.79
CA CYS C 42 5.87 33.83 -4.17
C CYS C 42 6.17 33.94 -2.67
N LYS C 43 6.87 32.96 -2.11
CA LYS C 43 7.26 32.93 -0.70
C LYS C 43 7.87 34.25 -0.18
N MET C 44 7.34 34.74 0.93
CA MET C 44 7.82 35.93 1.66
C MET C 44 7.62 35.61 3.15
N ASN C 45 8.22 36.40 4.06
CA ASN C 45 8.07 36.23 5.50
C ASN C 45 6.74 36.83 5.94
N GLU C 46 6.30 37.89 5.24
CA GLU C 46 5.06 38.62 5.53
C GLU C 46 4.35 38.91 4.24
N TYR C 47 3.01 38.97 4.27
CA TYR C 47 2.22 39.31 3.08
C TYR C 47 1.14 40.26 3.50
N THR C 48 0.70 41.09 2.56
CA THR C 48 -0.48 41.92 2.66
C THR C 48 -1.38 41.34 1.56
N VAL C 49 -2.50 40.75 1.96
CA VAL C 49 -3.43 40.14 1.01
C VAL C 49 -4.55 41.15 0.65
N HIS C 50 -4.71 41.43 -0.65
CA HIS C 50 -5.75 42.30 -1.18
C HIS C 50 -6.87 41.36 -1.63
N LEU C 51 -8.12 41.61 -1.17
CA LEU C 51 -9.30 40.82 -1.51
C LEU C 51 -10.49 41.74 -1.80
N GLY C 52 -11.44 41.27 -2.59
CA GLY C 52 -12.69 41.99 -2.80
C GLY C 52 -12.74 43.18 -3.73
N SER C 53 -11.86 43.25 -4.72
CA SER C 53 -11.92 44.32 -5.72
C SER C 53 -11.11 43.97 -6.92
N ASP C 54 -11.61 44.34 -8.11
CA ASP C 54 -10.87 44.14 -9.37
C ASP C 54 -9.84 45.27 -9.55
N THR C 55 -9.88 46.27 -8.66
CA THR C 55 -8.94 47.37 -8.71
C THR C 55 -8.02 47.35 -7.53
N LEU C 56 -6.71 47.36 -7.77
CA LEU C 56 -5.74 47.47 -6.69
C LEU C 56 -5.81 48.91 -6.18
N GLY C 57 -5.99 49.08 -4.87
CA GLY C 57 -6.13 50.39 -4.27
C GLY C 57 -7.57 50.92 -4.20
N ASP C 58 -8.57 50.05 -4.37
CA ASP C 58 -9.98 50.42 -4.24
C ASP C 58 -10.20 50.46 -2.74
N ARG C 59 -10.78 51.56 -2.20
CA ARG C 59 -10.98 51.72 -0.74
C ARG C 59 -11.82 50.60 -0.15
N ARG C 60 -12.71 50.02 -0.96
CA ARG C 60 -13.64 48.95 -0.60
C ARG C 60 -12.95 47.60 -0.44
N ALA C 61 -11.70 47.44 -0.92
CA ALA C 61 -11.01 46.15 -0.81
C ALA C 61 -10.64 45.85 0.63
N GLN C 62 -10.56 44.57 0.95
CA GLN C 62 -10.11 44.12 2.24
C GLN C 62 -8.62 43.95 2.14
N ARG C 63 -7.92 44.22 3.20
CA ARG C 63 -6.51 44.03 3.25
C ARG C 63 -6.19 43.30 4.53
N ILE C 64 -5.71 42.06 4.42
CA ILE C 64 -5.39 41.22 5.55
C ILE C 64 -3.94 40.75 5.57
N LYS C 65 -3.27 40.92 6.70
CA LYS C 65 -1.87 40.50 6.82
C LYS C 65 -1.83 38.99 7.00
N ALA C 66 -0.76 38.39 6.50
CA ALA C 66 -0.48 36.97 6.62
C ALA C 66 1.00 36.84 7.06
N SER C 67 1.25 36.12 8.16
CA SER C 67 2.60 35.96 8.72
C SER C 67 3.11 34.51 8.59
N LYS C 68 2.27 33.59 8.11
CA LYS C 68 2.60 32.17 7.99
C LYS C 68 2.27 31.66 6.58
N SER C 69 3.17 30.84 6.03
CA SER C 69 3.02 30.24 4.70
C SER C 69 3.77 28.93 4.64
N PHE C 70 3.26 28.00 3.83
CA PHE C 70 3.74 26.63 3.76
C PHE C 70 3.91 26.20 2.31
N ARG C 71 5.15 26.11 1.87
CA ARG C 71 5.38 25.66 0.49
C ARG C 71 5.25 24.15 0.42
N HIS C 72 4.88 23.60 -0.75
CA HIS C 72 4.85 22.15 -0.90
C HIS C 72 6.29 21.67 -0.61
N PRO C 73 6.52 20.60 0.20
CA PRO C 73 7.92 20.17 0.48
C PRO C 73 8.72 19.77 -0.74
N GLY C 74 8.03 19.37 -1.80
CA GLY C 74 8.71 18.96 -3.02
C GLY C 74 9.10 20.09 -3.95
N TYR C 75 8.90 21.36 -3.52
CA TYR C 75 9.23 22.51 -4.36
C TYR C 75 10.72 22.66 -4.65
N SER C 76 11.06 22.95 -5.90
CA SER C 76 12.44 23.20 -6.32
C SER C 76 12.47 24.49 -7.11
N THR C 77 13.38 25.36 -6.74
CA THR C 77 13.62 26.64 -7.44
C THR C 77 14.40 26.38 -8.77
N GLN C 78 14.95 25.16 -8.97
CA GLN C 78 15.71 24.79 -10.18
C GLN C 78 14.80 24.50 -11.34
N THR C 79 13.75 23.68 -11.10
CA THR C 79 12.81 23.16 -12.09
C THR C 79 11.41 23.67 -11.94
N HIS C 80 11.07 24.31 -10.78
CA HIS C 80 9.70 24.81 -10.53
C HIS C 80 8.70 23.70 -10.31
N VAL C 81 9.19 22.47 -10.06
CA VAL C 81 8.28 21.37 -9.79
C VAL C 81 7.60 21.63 -8.41
N ASN C 82 6.31 21.26 -8.27
CA ASN C 82 5.54 21.44 -7.02
C ASN C 82 5.46 22.90 -6.61
N ASP C 83 5.21 23.80 -7.60
CA ASP C 83 5.17 25.22 -7.32
C ASP C 83 3.84 25.63 -6.66
N LEU C 84 3.66 25.29 -5.39
CA LEU C 84 2.44 25.70 -4.68
C LEU C 84 2.72 25.93 -3.22
N MET C 85 1.91 26.80 -2.63
CA MET C 85 2.10 27.26 -1.26
C MET C 85 0.76 27.73 -0.72
N LEU C 86 0.55 27.45 0.57
CA LEU C 86 -0.63 27.89 1.31
C LEU C 86 -0.23 29.03 2.20
N VAL C 87 -0.97 30.14 2.10
CA VAL C 87 -0.73 31.35 2.89
C VAL C 87 -1.84 31.46 3.96
N LYS C 88 -1.46 31.52 5.23
CA LYS C 88 -2.42 31.58 6.31
C LYS C 88 -2.68 33.04 6.75
N LEU C 89 -3.90 33.52 6.53
CA LEU C 89 -4.32 34.87 6.92
C LEU C 89 -4.34 35.03 8.45
N ASN C 90 -3.91 36.19 8.98
CA ASN C 90 -3.87 36.46 10.42
C ASN C 90 -5.26 36.61 11.00
N SER C 91 -6.21 37.08 10.18
CA SER C 91 -7.63 37.25 10.49
C SER C 91 -8.41 36.62 9.34
N GLN C 92 -9.65 36.20 9.62
CA GLN C 92 -10.51 35.59 8.61
C GLN C 92 -10.95 36.62 7.58
N ALA C 93 -10.97 36.21 6.29
CA ALA C 93 -11.50 37.02 5.20
C ALA C 93 -13.01 37.08 5.43
N ARG C 94 -13.61 38.25 5.22
CA ARG C 94 -15.04 38.38 5.38
C ARG C 94 -15.68 38.08 4.01
N LEU C 95 -16.44 36.99 3.92
CA LEU C 95 -17.13 36.62 2.66
C LEU C 95 -18.25 37.62 2.35
N SER C 96 -18.39 37.96 1.05
CA SER C 96 -19.33 38.97 0.58
C SER C 96 -19.62 38.75 -0.90
N SER C 97 -20.30 39.72 -1.55
CA SER C 97 -20.58 39.65 -2.99
C SER C 97 -19.25 39.67 -3.78
N MET C 98 -18.21 40.33 -3.23
CA MET C 98 -16.90 40.51 -3.84
C MET C 98 -15.80 39.55 -3.33
N VAL C 99 -16.08 38.76 -2.25
CA VAL C 99 -15.11 37.84 -1.63
C VAL C 99 -15.71 36.44 -1.48
N LYS C 100 -15.31 35.52 -2.35
CA LYS C 100 -15.83 34.15 -2.29
C LYS C 100 -14.69 33.11 -2.37
N LYS C 101 -14.98 31.86 -1.95
CA LYS C 101 -14.02 30.76 -1.99
C LYS C 101 -13.99 30.20 -3.40
N VAL C 102 -12.83 29.85 -3.90
CA VAL C 102 -12.68 29.21 -5.23
C VAL C 102 -13.21 27.77 -5.15
N ARG C 103 -13.64 27.21 -6.27
CA ARG C 103 -14.07 25.83 -6.27
C ARG C 103 -12.84 25.00 -6.65
N LEU C 104 -12.33 24.19 -5.69
CA LEU C 104 -11.17 23.33 -5.92
C LEU C 104 -11.58 22.18 -6.83
N PRO C 105 -10.70 21.67 -7.71
CA PRO C 105 -11.14 20.59 -8.61
C PRO C 105 -11.26 19.23 -7.94
N SER C 106 -12.10 18.36 -8.50
CA SER C 106 -12.18 16.94 -8.12
C SER C 106 -11.53 16.12 -9.26
N ARG C 107 -11.59 16.61 -10.48
CA ARG C 107 -11.03 15.94 -11.64
C ARG C 107 -10.09 16.82 -12.42
N CYS C 108 -9.31 16.24 -13.31
CA CYS C 108 -8.43 17.02 -14.14
C CYS C 108 -9.10 17.30 -15.48
N GLU C 109 -9.08 18.53 -15.96
CA GLU C 109 -9.66 18.81 -17.27
C GLU C 109 -8.72 18.39 -18.39
N PRO C 110 -9.26 17.89 -19.51
CA PRO C 110 -8.37 17.39 -20.56
C PRO C 110 -7.78 18.44 -21.53
N PRO C 111 -6.80 18.04 -22.39
CA PRO C 111 -6.30 18.99 -23.42
C PRO C 111 -7.42 19.51 -24.32
N GLY C 112 -7.40 20.78 -24.64
CA GLY C 112 -8.41 21.38 -25.50
C GLY C 112 -9.48 22.15 -24.79
N THR C 113 -9.61 21.96 -23.46
CA THR C 113 -10.59 22.67 -22.61
C THR C 113 -10.27 24.16 -22.63
N THR C 114 -11.31 25.02 -22.70
CA THR C 114 -11.18 26.48 -22.64
C THR C 114 -11.08 26.87 -21.16
N CYS C 115 -10.14 27.75 -20.85
CA CYS C 115 -9.85 28.22 -19.50
C CYS C 115 -9.72 29.73 -19.54
N THR C 116 -9.70 30.34 -18.36
CA THR C 116 -9.47 31.78 -18.20
C THR C 116 -8.37 31.94 -17.16
N VAL C 117 -7.38 32.79 -17.49
CA VAL C 117 -6.30 33.14 -16.56
C VAL C 117 -6.42 34.64 -16.29
N SER C 118 -6.20 35.03 -15.04
CA SER C 118 -6.42 36.41 -14.67
C SER C 118 -5.33 36.90 -13.74
N GLY C 119 -5.07 38.20 -13.78
CA GLY C 119 -4.05 38.79 -12.92
C GLY C 119 -3.79 40.25 -13.17
N TRP C 120 -2.99 40.86 -12.27
CA TRP C 120 -2.63 42.27 -12.36
C TRP C 120 -1.18 42.40 -12.86
N GLY C 121 -0.61 41.32 -13.39
CA GLY C 121 0.75 41.31 -13.90
C GLY C 121 0.93 42.21 -15.11
N THR C 122 2.17 42.37 -15.56
CA THR C 122 2.47 43.19 -16.74
C THR C 122 1.67 42.75 -18.00
N THR C 123 1.25 43.73 -18.79
CA THR C 123 0.48 43.50 -20.02
C THR C 123 1.38 43.60 -21.24
N THR C 124 2.66 43.91 -21.02
CA THR C 124 3.68 44.03 -22.06
C THR C 124 4.91 43.27 -21.57
N SER C 125 5.80 42.89 -22.50
CA SER C 125 7.06 42.21 -22.22
C SER C 125 8.02 42.39 -23.40
N PRO C 126 9.32 42.71 -23.20
CA PRO C 126 10.08 42.80 -21.93
C PRO C 126 9.76 44.05 -21.09
N ASP C 127 9.44 45.15 -21.75
CA ASP C 127 9.08 46.39 -21.13
C ASP C 127 7.88 46.18 -20.23
N VAL C 128 7.86 46.69 -19.02
CA VAL C 128 6.73 46.44 -18.17
C VAL C 128 5.65 47.51 -18.09
N THR C 129 4.41 47.06 -17.98
CA THR C 129 3.22 47.90 -17.89
C THR C 129 2.20 47.25 -16.97
N PHE C 130 2.06 47.74 -15.76
CA PHE C 130 1.14 47.18 -14.77
C PHE C 130 -0.19 47.90 -14.72
N PRO C 131 -1.28 47.18 -14.93
CA PRO C 131 -2.63 47.72 -14.89
C PRO C 131 -3.19 47.86 -13.47
N SER C 132 -4.13 48.76 -13.28
CA SER C 132 -4.78 48.91 -11.96
C SER C 132 -5.90 47.87 -11.84
N ASP C 133 -6.53 47.57 -12.99
CA ASP C 133 -7.66 46.65 -13.11
C ASP C 133 -7.23 45.25 -13.42
N LEU C 134 -7.96 44.28 -12.84
CA LEU C 134 -7.73 42.86 -13.05
C LEU C 134 -7.97 42.52 -14.52
N MET C 135 -6.95 41.92 -15.16
CA MET C 135 -7.00 41.51 -16.58
C MET C 135 -7.33 40.02 -16.72
N CYS C 136 -8.01 39.66 -17.81
CA CYS C 136 -8.43 38.30 -18.14
C CYS C 136 -7.99 37.94 -19.52
N VAL C 137 -7.75 36.65 -19.74
CA VAL C 137 -7.54 36.12 -21.08
C VAL C 137 -8.01 34.65 -21.15
N ASP C 138 -8.65 34.25 -22.24
CA ASP C 138 -9.05 32.87 -22.45
C ASP C 138 -7.93 32.16 -23.17
N VAL C 139 -7.58 30.97 -22.65
CA VAL C 139 -6.54 30.10 -23.20
C VAL C 139 -7.08 28.67 -23.20
N LYS C 140 -6.44 27.76 -23.93
CA LYS C 140 -6.86 26.37 -23.97
C LYS C 140 -5.80 25.49 -23.39
N LEU C 141 -6.19 24.37 -22.75
CA LEU C 141 -5.23 23.41 -22.22
C LEU C 141 -4.49 22.71 -23.36
N ILE C 142 -3.15 22.62 -23.24
CA ILE C 142 -2.27 22.02 -24.25
C ILE C 142 -1.75 20.67 -23.71
N SER C 143 -1.80 19.62 -24.54
CA SER C 143 -1.37 18.29 -24.11
C SER C 143 0.10 18.25 -23.67
N PRO C 144 0.46 17.38 -22.68
CA PRO C 144 1.88 17.26 -22.30
C PRO C 144 2.78 16.94 -23.49
N GLN C 145 2.31 16.14 -24.45
CA GLN C 145 3.03 15.80 -25.68
C GLN C 145 3.35 17.02 -26.52
N ASP C 146 2.35 17.91 -26.77
CA ASP C 146 2.62 19.13 -27.54
C ASP C 146 3.51 20.09 -26.76
N CYS C 147 3.30 20.18 -25.43
CA CYS C 147 4.08 21.07 -24.58
C CYS C 147 5.55 20.61 -24.46
N THR C 148 5.80 19.28 -24.46
CA THR C 148 7.16 18.70 -24.38
C THR C 148 7.98 19.06 -25.61
N LYS C 149 7.32 19.32 -26.77
CA LYS C 149 7.99 19.78 -27.99
C LYS C 149 8.71 21.10 -27.71
N VAL C 150 8.12 21.94 -26.82
CA VAL C 150 8.71 23.23 -26.49
C VAL C 150 9.70 23.12 -25.33
N TYR C 151 9.24 22.57 -24.18
CA TYR C 151 10.04 22.59 -22.95
C TYR C 151 10.84 21.33 -22.62
N LYS C 152 10.70 20.24 -23.38
CA LYS C 152 11.44 18.98 -23.19
C LYS C 152 11.28 18.41 -21.75
N ASP C 153 12.39 17.92 -21.13
CA ASP C 153 12.43 17.25 -19.82
C ASP C 153 12.19 18.19 -18.64
N LEU C 154 12.10 19.50 -18.88
CA LEU C 154 11.82 20.47 -17.84
C LEU C 154 10.39 20.30 -17.30
N LEU C 155 9.51 19.74 -18.15
CA LEU C 155 8.10 19.53 -17.88
C LEU C 155 7.82 18.30 -17.02
N GLU C 156 7.11 18.49 -15.94
CA GLU C 156 6.75 17.39 -15.08
C GLU C 156 5.28 17.03 -15.32
N ASN C 157 4.83 15.91 -14.79
CA ASN C 157 3.46 15.51 -14.99
C ASN C 157 2.43 16.21 -14.13
N SER C 158 2.87 17.00 -13.17
CA SER C 158 2.00 17.78 -12.33
C SER C 158 2.02 19.26 -12.79
N MET C 159 2.55 19.49 -13.97
CA MET C 159 2.59 20.79 -14.61
C MET C 159 1.59 20.78 -15.73
N LEU C 160 0.85 21.88 -15.87
CA LEU C 160 -0.18 22.02 -16.86
C LEU C 160 0.16 23.09 -17.85
N CYS C 161 -0.01 22.81 -19.11
CA CYS C 161 0.26 23.80 -20.15
C CYS C 161 -1.02 24.42 -20.78
N ALA C 162 -0.99 25.72 -21.10
CA ALA C 162 -2.14 26.42 -21.71
C ALA C 162 -1.67 27.60 -22.58
N GLY C 163 -2.45 27.88 -23.61
CA GLY C 163 -2.19 28.95 -24.57
C GLY C 163 -3.13 28.86 -25.75
N ILE C 164 -2.98 29.78 -26.71
CA ILE C 164 -3.77 29.78 -27.95
C ILE C 164 -2.76 29.60 -29.10
N PRO C 165 -3.03 28.73 -30.10
CA PRO C 165 -2.05 28.59 -31.21
C PRO C 165 -1.77 29.93 -31.89
N ASP C 166 -0.50 30.18 -32.18
CA ASP C 166 0.01 31.40 -32.87
C ASP C 166 -0.38 32.71 -32.18
N SER C 167 -0.57 32.69 -30.88
CA SER C 167 -1.07 33.86 -30.17
C SER C 167 -0.17 34.28 -29.03
N LYS C 168 -0.17 35.60 -28.73
CA LYS C 168 0.60 36.21 -27.65
C LYS C 168 -0.10 36.03 -26.29
N LYS C 169 -1.40 35.63 -26.32
CA LYS C 169 -2.26 35.43 -25.13
C LYS C 169 -1.60 34.56 -24.09
N ASN C 170 -1.31 35.16 -22.93
CA ASN C 170 -0.58 34.45 -21.90
C ASN C 170 -0.51 35.23 -20.58
N ALA C 171 0.02 34.58 -19.53
CA ALA C 171 0.27 35.20 -18.23
C ALA C 171 1.72 35.65 -18.26
N CYS C 172 2.10 36.59 -17.39
CA CYS C 172 3.45 37.15 -17.33
C CYS C 172 3.75 37.52 -15.87
N ASN C 173 4.90 38.15 -15.60
CA ASN C 173 5.37 38.56 -14.28
C ASN C 173 4.32 39.38 -13.50
N GLY C 174 4.07 38.95 -12.28
CA GLY C 174 3.06 39.57 -11.41
C GLY C 174 1.80 38.72 -11.37
N ASP C 175 1.57 37.92 -12.42
CA ASP C 175 0.40 37.00 -12.49
C ASP C 175 0.68 35.67 -11.74
N SER C 176 1.98 35.39 -11.45
CA SER C 176 2.48 34.18 -10.77
C SER C 176 1.61 33.84 -9.55
N GLY C 177 1.22 32.58 -9.45
CA GLY C 177 0.37 32.09 -8.37
C GLY C 177 -1.11 32.32 -8.56
N GLY C 178 -1.47 33.10 -9.60
CA GLY C 178 -2.84 33.45 -9.99
C GLY C 178 -3.64 32.28 -10.56
N PRO C 179 -4.98 32.41 -10.61
CA PRO C 179 -5.82 31.30 -11.08
C PRO C 179 -5.98 31.08 -12.59
N LEU C 180 -6.02 29.79 -12.97
CA LEU C 180 -6.37 29.31 -14.29
C LEU C 180 -7.63 28.50 -13.97
N VAL C 181 -8.80 29.00 -14.40
CA VAL C 181 -10.09 28.33 -14.15
C VAL C 181 -10.67 27.74 -15.46
N CYS C 182 -11.07 26.46 -15.43
CA CYS C 182 -11.65 25.76 -16.60
C CYS C 182 -12.90 25.07 -16.10
N ARG C 183 -14.05 25.34 -16.77
CA ARG C 183 -15.36 24.73 -16.54
C ARG C 183 -15.78 24.78 -15.06
N GLY C 184 -15.60 25.95 -14.45
CA GLY C 184 -16.01 26.21 -13.08
C GLY C 184 -15.05 25.79 -11.99
N THR C 185 -13.89 25.20 -12.32
CA THR C 185 -12.99 24.82 -11.23
C THR C 185 -11.59 25.40 -11.43
N LEU C 186 -10.82 25.50 -10.36
CA LEU C 186 -9.45 25.93 -10.40
C LEU C 186 -8.59 24.79 -10.92
N GLN C 187 -8.02 24.96 -12.08
CA GLN C 187 -7.22 23.92 -12.66
C GLN C 187 -5.72 24.23 -12.59
N GLY C 188 -5.36 25.48 -12.53
CA GLY C 188 -3.97 25.82 -12.46
C GLY C 188 -3.56 27.03 -11.68
N LEU C 189 -2.28 27.11 -11.36
CA LEU C 189 -1.75 28.32 -10.73
C LEU C 189 -0.61 28.76 -11.64
N VAL C 190 -0.57 30.05 -12.03
CA VAL C 190 0.47 30.58 -12.92
C VAL C 190 1.84 30.26 -12.31
N SER C 191 2.69 29.56 -13.07
CA SER C 191 4.01 29.17 -12.54
C SER C 191 5.18 29.78 -13.33
N TRP C 192 5.31 29.46 -14.63
CA TRP C 192 6.40 29.96 -15.47
C TRP C 192 6.11 29.84 -16.95
N GLY C 193 7.05 30.35 -17.74
CA GLY C 193 6.98 30.35 -19.20
C GLY C 193 8.26 30.91 -19.78
N THR C 194 8.20 31.31 -21.04
CA THR C 194 9.40 31.87 -21.65
C THR C 194 9.46 33.38 -21.34
N PHE C 195 10.64 33.93 -21.51
CA PHE C 195 10.89 35.34 -21.33
C PHE C 195 11.66 35.85 -22.57
N PRO C 196 11.21 36.95 -23.20
CA PRO C 196 10.02 37.78 -22.88
C PRO C 196 8.72 36.97 -22.95
N CYS C 197 7.68 37.37 -22.20
CA CYS C 197 6.35 36.77 -22.20
C CYS C 197 5.64 36.99 -23.52
N GLY C 198 4.54 36.28 -23.68
CA GLY C 198 3.65 36.39 -24.83
C GLY C 198 4.27 36.03 -26.15
N GLN C 199 5.11 34.98 -26.16
CA GLN C 199 5.71 34.54 -27.43
C GLN C 199 4.74 33.52 -28.06
N PRO C 200 4.29 33.74 -29.31
CA PRO C 200 3.36 32.78 -29.94
C PRO C 200 3.90 31.36 -29.95
N ASN C 201 3.08 30.38 -29.57
CA ASN C 201 3.45 28.94 -29.57
C ASN C 201 4.43 28.53 -28.47
N ASP C 202 4.62 29.41 -27.45
CA ASP C 202 5.38 29.08 -26.23
C ASP C 202 4.32 29.01 -25.14
N PRO C 203 3.83 27.81 -24.78
CA PRO C 203 2.74 27.75 -23.78
C PRO C 203 3.08 28.35 -22.42
N GLY C 204 2.06 28.76 -21.67
CA GLY C 204 2.22 29.16 -20.29
C GLY C 204 2.21 27.88 -19.48
N VAL C 205 3.03 27.77 -18.46
CA VAL C 205 3.09 26.60 -17.57
C VAL C 205 2.51 26.88 -16.20
N TYR C 206 1.67 25.98 -15.77
CA TYR C 206 0.93 26.09 -14.55
C TYR C 206 1.06 24.89 -13.63
N THR C 207 0.86 25.10 -12.35
CA THR C 207 0.87 24.03 -11.38
C THR C 207 -0.51 23.38 -11.54
N GLN C 208 -0.56 22.09 -11.78
CA GLN C 208 -1.82 21.37 -11.96
C GLN C 208 -2.48 20.99 -10.63
N VAL C 209 -3.35 21.86 -10.19
CA VAL C 209 -4.05 21.76 -8.93
C VAL C 209 -4.74 20.47 -8.57
N CYS C 210 -5.29 19.77 -9.56
CA CYS C 210 -5.94 18.48 -9.41
C CYS C 210 -5.03 17.34 -8.87
N LYS C 211 -3.72 17.46 -9.00
CA LYS C 211 -2.76 16.52 -8.49
C LYS C 211 -2.33 16.80 -7.03
N PHE C 212 -2.73 17.95 -6.50
CA PHE C 212 -2.34 18.34 -5.16
C PHE C 212 -3.42 18.49 -4.11
N THR C 213 -4.60 17.95 -4.37
CA THR C 213 -5.74 18.04 -3.49
C THR C 213 -5.52 17.56 -2.06
N LYS C 214 -4.95 16.38 -1.92
CA LYS C 214 -4.66 15.77 -0.63
C LYS C 214 -3.75 16.68 0.24
N TRP C 215 -2.61 17.13 -0.35
CA TRP C 215 -1.66 18.00 0.32
C TRP C 215 -2.31 19.32 0.75
N ILE C 216 -3.09 19.97 -0.15
CA ILE C 216 -3.78 21.23 0.15
C ILE C 216 -4.69 21.03 1.38
N ASN C 217 -5.57 20.01 1.34
CA ASN C 217 -6.51 19.76 2.44
C ASN C 217 -5.81 19.34 3.74
N ASP C 218 -4.76 18.50 3.65
CA ASP C 218 -4.00 18.06 4.83
C ASP C 218 -3.24 19.20 5.52
N THR C 219 -2.63 20.12 4.73
CA THR C 219 -1.83 21.25 5.24
C THR C 219 -2.72 22.24 6.00
N MET C 220 -3.91 22.53 5.46
CA MET C 220 -4.87 23.44 6.09
C MET C 220 -5.37 22.88 7.42
N LYS C 221 -5.72 21.58 7.48
CA LYS C 221 -6.14 20.90 8.72
C LYS C 221 -5.01 20.87 9.76
N LYS C 222 -3.77 20.51 9.33
CA LYS C 222 -2.60 20.45 10.23
C LYS C 222 -2.21 21.81 10.79
N HIS C 223 -2.37 22.90 9.99
CA HIS C 223 -1.95 24.24 10.42
C HIS C 223 -3.13 25.19 10.74
N ARG C 224 -4.33 24.64 11.02
CA ARG C 224 -5.56 25.36 11.38
C ARG C 224 -5.50 26.11 12.72
N ILE D 1 0.21 -40.13 19.14
CA ILE D 1 1.55 -39.75 19.64
C ILE D 1 2.44 -41.00 19.69
N ILE D 2 3.58 -40.99 18.98
CA ILE D 2 4.52 -42.10 18.97
C ILE D 2 5.63 -41.81 19.95
N ASP D 3 5.94 -42.82 20.81
CA ASP D 3 7.02 -42.89 21.79
C ASP D 3 6.95 -41.80 22.86
N GLY D 4 5.74 -41.45 23.27
CA GLY D 4 5.55 -40.47 24.33
C GLY D 4 5.08 -41.14 25.61
N ALA D 5 4.29 -40.41 26.41
CA ALA D 5 3.77 -40.91 27.68
C ALA D 5 2.50 -40.14 28.03
N PRO D 6 1.61 -40.60 28.95
CA PRO D 6 0.47 -39.76 29.31
C PRO D 6 0.92 -38.38 29.76
N CYS D 7 0.19 -37.31 29.37
CA CYS D 7 0.49 -35.94 29.79
C CYS D 7 0.22 -35.88 31.30
N ALA D 8 0.91 -34.99 32.02
CA ALA D 8 0.64 -34.81 33.46
C ALA D 8 -0.83 -34.33 33.52
N ARG D 9 -1.60 -34.91 34.41
CA ARG D 9 -3.03 -34.56 34.52
C ARG D 9 -3.23 -33.02 34.74
N GLY D 10 -4.11 -32.41 33.94
CA GLY D 10 -4.46 -30.99 34.05
C GLY D 10 -3.53 -30.00 33.39
N SER D 11 -2.45 -30.47 32.71
CA SER D 11 -1.49 -29.60 32.04
C SER D 11 -1.92 -29.13 30.63
N HIS D 12 -3.03 -29.67 30.10
CA HIS D 12 -3.51 -29.25 28.77
C HIS D 12 -4.98 -28.79 28.79
N PRO D 13 -5.34 -27.78 29.64
CA PRO D 13 -6.75 -27.37 29.69
C PRO D 13 -7.24 -26.67 28.41
N TRP D 14 -6.29 -26.26 27.53
CA TRP D 14 -6.55 -25.58 26.26
C TRP D 14 -6.69 -26.53 25.10
N GLN D 15 -6.48 -27.82 25.34
CA GLN D 15 -6.56 -28.83 24.30
C GLN D 15 -7.99 -29.36 24.18
N VAL D 16 -8.43 -29.60 22.92
CA VAL D 16 -9.76 -30.16 22.65
C VAL D 16 -9.57 -31.36 21.69
N ALA D 17 -10.60 -32.20 21.59
CA ALA D 17 -10.65 -33.25 20.59
C ALA D 17 -11.91 -32.99 19.77
N LEU D 18 -11.82 -33.22 18.45
CA LEU D 18 -12.98 -33.12 17.56
C LEU D 18 -13.43 -34.54 17.30
N LEU D 19 -14.70 -34.76 17.55
CA LEU D 19 -15.26 -36.09 17.39
C LEU D 19 -16.25 -36.08 16.24
N SER D 20 -16.38 -37.24 15.63
CA SER D 20 -17.27 -37.59 14.52
C SER D 20 -17.77 -38.97 14.87
N GLY D 21 -19.08 -39.12 15.03
CA GLY D 21 -19.70 -40.39 15.40
C GLY D 21 -19.19 -40.93 16.73
N ASN D 22 -18.89 -40.01 17.68
CA ASN D 22 -18.32 -40.35 18.99
C ASN D 22 -16.95 -41.10 18.88
N GLN D 23 -16.23 -40.89 17.78
CA GLN D 23 -14.91 -41.44 17.52
C GLN D 23 -13.97 -40.25 17.34
N LEU D 24 -12.71 -40.41 17.71
CA LEU D 24 -11.73 -39.34 17.55
C LEU D 24 -11.48 -39.03 16.07
N HIS D 25 -11.60 -37.76 15.69
CA HIS D 25 -11.35 -37.32 14.33
C HIS D 25 -10.03 -36.54 14.27
N CYS D 26 -9.86 -35.56 15.20
CA CYS D 26 -8.73 -34.63 15.20
C CYS D 26 -8.53 -34.03 16.56
N GLY D 27 -7.37 -33.41 16.70
CA GLY D 27 -7.02 -32.58 17.84
C GLY D 27 -7.39 -31.15 17.50
N GLY D 28 -7.27 -30.28 18.49
CA GLY D 28 -7.52 -28.85 18.35
C GLY D 28 -7.15 -28.09 19.62
N VAL D 29 -7.31 -26.77 19.60
CA VAL D 29 -7.06 -25.92 20.77
C VAL D 29 -8.22 -24.98 20.93
N LEU D 30 -8.54 -24.62 22.16
CA LEU D 30 -9.59 -23.64 22.41
C LEU D 30 -8.98 -22.22 22.34
N VAL D 31 -9.47 -21.36 21.42
CA VAL D 31 -8.95 -19.99 21.27
C VAL D 31 -9.66 -19.06 22.27
N ASN D 32 -10.97 -19.15 22.31
CA ASN D 32 -11.81 -18.43 23.22
C ASN D 32 -13.08 -19.24 23.46
N GLU D 33 -14.05 -18.67 24.13
CA GLU D 33 -15.29 -19.36 24.44
C GLU D 33 -16.16 -19.82 23.27
N ARG D 34 -15.99 -19.21 22.10
CA ARG D 34 -16.73 -19.49 20.91
C ARG D 34 -15.95 -20.22 19.81
N TRP D 35 -14.63 -20.18 19.86
CA TRP D 35 -13.80 -20.72 18.81
C TRP D 35 -12.70 -21.73 19.08
N VAL D 36 -12.61 -22.72 18.21
CA VAL D 36 -11.62 -23.79 18.24
C VAL D 36 -10.73 -23.66 16.98
N LEU D 37 -9.43 -23.82 17.14
CA LEU D 37 -8.43 -23.78 16.09
C LEU D 37 -7.90 -25.20 15.86
N THR D 38 -7.90 -25.62 14.59
CA THR D 38 -7.45 -26.96 14.21
C THR D 38 -6.92 -26.90 12.78
N ALA D 39 -6.63 -28.06 12.18
CA ALA D 39 -6.14 -28.15 10.81
C ALA D 39 -7.31 -28.08 9.81
N ALA D 40 -7.08 -27.45 8.64
CA ALA D 40 -8.05 -27.42 7.53
C ALA D 40 -8.37 -28.88 7.05
N HIS D 41 -7.41 -29.82 7.23
N HIS D 41 -7.40 -29.82 7.23
CA HIS D 41 -7.56 -31.24 6.86
CA HIS D 41 -7.55 -31.24 6.89
C HIS D 41 -8.71 -31.92 7.64
C HIS D 41 -8.76 -31.87 7.62
N CYS D 42 -9.06 -31.37 8.83
CA CYS D 42 -10.11 -31.86 9.73
C CYS D 42 -11.53 -31.37 9.40
N LYS D 43 -11.71 -30.65 8.29
CA LYS D 43 -13.02 -30.15 7.82
C LYS D 43 -14.14 -31.23 7.82
N MET D 44 -15.28 -30.87 8.40
CA MET D 44 -16.50 -31.68 8.46
C MET D 44 -17.69 -30.73 8.40
N ASN D 45 -18.88 -31.23 8.10
CA ASN D 45 -20.06 -30.36 8.11
C ASN D 45 -20.50 -30.06 9.54
N GLU D 46 -20.28 -31.02 10.45
CA GLU D 46 -20.68 -30.98 11.88
C GLU D 46 -19.57 -31.58 12.72
N TYR D 47 -19.37 -31.06 13.93
CA TYR D 47 -18.37 -31.53 14.87
C TYR D 47 -19.01 -31.66 16.23
N THR D 48 -18.45 -32.56 17.03
CA THR D 48 -18.73 -32.68 18.44
C THR D 48 -17.37 -32.37 19.05
N VAL D 49 -17.31 -31.36 19.91
CA VAL D 49 -16.07 -30.90 20.51
C VAL D 49 -15.98 -31.37 21.96
N HIS D 50 -14.90 -32.10 22.29
CA HIS D 50 -14.65 -32.58 23.65
C HIS D 50 -13.71 -31.57 24.31
N LEU D 51 -14.01 -31.13 25.52
CA LEU D 51 -13.18 -30.18 26.25
C LEU D 51 -13.19 -30.57 27.69
N GLY D 52 -12.18 -30.13 28.44
CA GLY D 52 -12.18 -30.27 29.89
C GLY D 52 -11.83 -31.60 30.49
N SER D 53 -11.11 -32.45 29.77
CA SER D 53 -10.63 -33.73 30.34
C SER D 53 -9.53 -34.36 29.50
N ASP D 54 -8.52 -34.89 30.19
CA ASP D 54 -7.41 -35.63 29.60
C ASP D 54 -7.85 -37.01 29.09
N THR D 55 -9.05 -37.45 29.49
CA THR D 55 -9.62 -38.76 29.15
C THR D 55 -10.84 -38.62 28.23
N LEU D 56 -10.75 -39.17 27.01
CA LEU D 56 -11.92 -39.17 26.13
C LEU D 56 -12.97 -40.11 26.74
N GLY D 57 -14.23 -39.72 26.74
CA GLY D 57 -15.27 -40.52 27.35
C GLY D 57 -15.46 -40.22 28.83
N ASP D 58 -14.66 -39.29 29.39
CA ASP D 58 -14.84 -38.88 30.79
C ASP D 58 -16.20 -38.18 30.88
N ARG D 59 -17.10 -38.70 31.74
CA ARG D 59 -18.46 -38.16 31.91
C ARG D 59 -18.48 -36.66 32.26
N ARG D 60 -17.45 -36.18 32.97
CA ARG D 60 -17.33 -34.80 33.41
C ARG D 60 -16.74 -33.84 32.35
N ALA D 61 -16.35 -34.36 31.16
CA ALA D 61 -15.87 -33.52 30.07
C ALA D 61 -17.07 -32.76 29.45
N GLN D 62 -16.81 -31.57 28.85
CA GLN D 62 -17.83 -30.79 28.14
C GLN D 62 -17.90 -31.31 26.74
N ARG D 63 -18.69 -30.94 25.71
CA ARG D 63 -18.96 -31.61 24.49
C ARG D 63 -19.94 -30.65 23.93
N ILE D 64 -19.46 -29.84 23.03
CA ILE D 64 -20.25 -28.83 22.42
C ILE D 64 -20.26 -29.10 20.94
N LYS D 65 -21.43 -28.91 20.37
CA LYS D 65 -21.66 -29.12 18.97
C LYS D 65 -21.22 -27.94 18.20
N ALA D 66 -20.77 -28.15 16.99
CA ALA D 66 -20.31 -27.05 16.14
C ALA D 66 -20.73 -27.36 14.72
N SER D 67 -21.51 -26.46 14.13
CA SER D 67 -22.07 -26.61 12.78
C SER D 67 -21.44 -25.65 11.76
N LYS D 68 -20.48 -24.82 12.18
CA LYS D 68 -19.83 -23.84 11.30
C LYS D 68 -18.33 -23.89 11.45
N SER D 69 -17.64 -23.86 10.31
CA SER D 69 -16.19 -23.87 10.27
C SER D 69 -15.68 -23.17 9.01
N PHE D 70 -14.45 -22.63 9.12
CA PHE D 70 -13.84 -21.77 8.11
C PHE D 70 -12.39 -22.12 7.92
N ARG D 71 -12.08 -22.76 6.80
CA ARG D 71 -10.70 -23.11 6.46
C ARG D 71 -10.02 -21.87 5.95
N HIS D 72 -8.70 -21.75 6.13
CA HIS D 72 -7.96 -20.62 5.55
C HIS D 72 -8.15 -20.75 4.01
N PRO D 73 -8.51 -19.66 3.29
CA PRO D 73 -8.75 -19.80 1.83
C PRO D 73 -7.54 -20.28 1.03
N GLY D 74 -6.34 -20.14 1.59
CA GLY D 74 -5.13 -20.56 0.91
C GLY D 74 -4.84 -22.05 1.03
N TYR D 75 -5.71 -22.81 1.76
CA TYR D 75 -5.51 -24.23 1.99
C TYR D 75 -5.50 -25.04 0.73
N SER D 76 -4.51 -25.88 0.60
CA SER D 76 -4.37 -26.75 -0.53
C SER D 76 -4.35 -28.20 -0.10
N THR D 77 -5.28 -29.00 -0.60
CA THR D 77 -5.28 -30.42 -0.31
C THR D 77 -4.09 -31.14 -0.93
N GLN D 78 -3.57 -30.65 -2.05
CA GLN D 78 -2.41 -31.26 -2.68
C GLN D 78 -1.14 -31.15 -1.88
N THR D 79 -0.79 -29.96 -1.44
CA THR D 79 0.47 -29.67 -0.74
C THR D 79 0.37 -29.45 0.79
N HIS D 80 -0.85 -29.31 1.32
CA HIS D 80 -1.17 -29.06 2.74
C HIS D 80 -0.70 -27.68 3.21
N VAL D 81 -0.46 -26.74 2.29
CA VAL D 81 -0.09 -25.37 2.65
C VAL D 81 -1.32 -24.72 3.29
N ASN D 82 -1.11 -23.84 4.30
CA ASN D 82 -2.20 -23.11 4.99
C ASN D 82 -3.22 -24.07 5.61
N ASP D 83 -2.72 -25.09 6.30
CA ASP D 83 -3.53 -26.11 6.95
C ASP D 83 -4.01 -25.65 8.33
N LEU D 84 -5.03 -24.79 8.32
CA LEU D 84 -5.66 -24.26 9.52
C LEU D 84 -7.10 -23.90 9.26
N MET D 85 -7.90 -24.02 10.32
CA MET D 85 -9.34 -23.83 10.25
C MET D 85 -9.86 -23.40 11.60
N LEU D 86 -10.87 -22.55 11.58
CA LEU D 86 -11.55 -22.08 12.79
C LEU D 86 -12.92 -22.73 12.81
N VAL D 87 -13.21 -23.37 13.94
CA VAL D 87 -14.45 -24.08 14.22
C VAL D 87 -15.27 -23.26 15.20
N LYS D 88 -16.49 -22.91 14.79
CA LYS D 88 -17.33 -22.09 15.65
C LYS D 88 -18.26 -22.97 16.49
N LEU D 89 -18.12 -22.88 17.84
CA LEU D 89 -18.94 -23.65 18.80
C LEU D 89 -20.40 -23.13 18.76
N ASN D 90 -21.37 -24.01 18.78
CA ASN D 90 -22.75 -23.59 18.74
C ASN D 90 -23.16 -22.87 20.03
N SER D 91 -22.52 -23.18 21.13
CA SER D 91 -22.74 -22.50 22.38
C SER D 91 -21.39 -22.29 23.06
N GLN D 92 -21.29 -21.28 23.90
CA GLN D 92 -20.04 -20.95 24.57
C GLN D 92 -19.45 -22.05 25.44
N ALA D 93 -18.13 -22.14 25.43
CA ALA D 93 -17.45 -23.10 26.27
C ALA D 93 -17.44 -22.51 27.65
N ARG D 94 -17.65 -23.32 28.67
CA ARG D 94 -17.58 -22.86 30.03
C ARG D 94 -16.13 -22.96 30.46
N LEU D 95 -15.51 -21.85 30.80
CA LEU D 95 -14.14 -21.85 31.21
C LEU D 95 -13.99 -22.21 32.68
N SER D 96 -12.93 -22.93 33.02
CA SER D 96 -12.67 -23.38 34.40
C SER D 96 -11.20 -23.77 34.49
N SER D 97 -10.79 -24.43 35.60
CA SER D 97 -9.41 -24.91 35.73
C SER D 97 -9.09 -26.00 34.68
N MET D 98 -10.14 -26.67 34.18
CA MET D 98 -10.03 -27.76 33.19
C MET D 98 -10.21 -27.29 31.74
N VAL D 99 -10.76 -26.07 31.51
CA VAL D 99 -11.04 -25.47 30.19
C VAL D 99 -10.46 -24.05 30.15
N LYS D 100 -9.44 -23.86 29.35
CA LYS D 100 -8.72 -22.59 29.28
C LYS D 100 -8.40 -22.22 27.83
N LYS D 101 -8.32 -20.91 27.55
CA LYS D 101 -7.96 -20.37 26.23
C LYS D 101 -6.47 -20.53 26.02
N VAL D 102 -6.07 -21.00 24.84
CA VAL D 102 -4.65 -21.20 24.53
C VAL D 102 -3.90 -19.84 24.44
N ARG D 103 -2.58 -19.84 24.68
CA ARG D 103 -1.82 -18.61 24.48
C ARG D 103 -1.29 -18.64 23.05
N LEU D 104 -1.83 -17.76 22.22
CA LEU D 104 -1.41 -17.63 20.84
C LEU D 104 -0.05 -16.94 20.79
N PRO D 105 0.82 -17.21 19.79
CA PRO D 105 2.15 -16.57 19.78
C PRO D 105 2.11 -15.16 19.26
N SER D 106 3.10 -14.37 19.68
CA SER D 106 3.33 -13.04 19.16
C SER D 106 4.58 -13.12 18.26
N ARG D 107 5.49 -14.03 18.58
CA ARG D 107 6.71 -14.26 17.83
C ARG D 107 6.89 -15.71 17.48
N CYS D 108 7.78 -16.00 16.55
CA CYS D 108 8.08 -17.36 16.18
C CYS D 108 9.27 -17.86 17.01
N GLU D 109 9.25 -19.12 17.40
CA GLU D 109 10.36 -19.67 18.15
C GLU D 109 11.35 -20.22 17.14
N PRO D 110 12.64 -20.12 17.41
CA PRO D 110 13.65 -20.56 16.43
C PRO D 110 14.00 -22.08 16.40
N PRO D 111 14.69 -22.61 15.36
CA PRO D 111 15.14 -24.03 15.42
C PRO D 111 15.97 -24.30 16.70
N GLY D 112 15.89 -25.50 17.23
CA GLY D 112 16.60 -25.87 18.45
C GLY D 112 15.73 -25.80 19.70
N THR D 113 14.61 -25.05 19.65
CA THR D 113 13.68 -24.91 20.80
C THR D 113 12.99 -26.22 21.17
N THR D 114 12.97 -26.57 22.46
CA THR D 114 12.27 -27.76 22.96
C THR D 114 10.77 -27.44 23.05
N CYS D 115 9.96 -28.33 22.45
CA CYS D 115 8.50 -28.18 22.40
C CYS D 115 7.81 -29.44 22.86
N THR D 116 6.49 -29.36 23.07
CA THR D 116 5.67 -30.49 23.45
C THR D 116 4.49 -30.59 22.50
N VAL D 117 4.25 -31.79 21.95
CA VAL D 117 3.11 -32.07 21.10
C VAL D 117 2.25 -33.06 21.86
N SER D 118 0.92 -32.88 21.84
CA SER D 118 0.01 -33.73 22.58
C SER D 118 -1.18 -34.12 21.70
N GLY D 119 -1.84 -35.21 22.06
CA GLY D 119 -3.03 -35.66 21.36
C GLY D 119 -3.45 -37.07 21.75
N TRP D 120 -4.63 -37.49 21.22
CA TRP D 120 -5.21 -38.82 21.44
C TRP D 120 -5.03 -39.70 20.19
N GLY D 121 -4.13 -39.29 19.29
CA GLY D 121 -3.83 -40.04 18.07
C GLY D 121 -3.21 -41.38 18.35
N THR D 122 -3.02 -42.22 17.32
CA THR D 122 -2.46 -43.56 17.52
C THR D 122 -1.06 -43.52 18.12
N THR D 123 -0.76 -44.50 18.99
CA THR D 123 0.53 -44.60 19.66
C THR D 123 1.42 -45.62 18.97
N THR D 124 0.88 -46.31 17.96
CA THR D 124 1.55 -47.30 17.13
C THR D 124 1.29 -46.96 15.65
N SER D 125 2.11 -47.47 14.74
CA SER D 125 1.94 -47.25 13.31
C SER D 125 2.73 -48.34 12.57
N PRO D 126 2.21 -49.03 11.52
CA PRO D 126 0.92 -48.81 10.81
C PRO D 126 -0.33 -49.26 11.56
N ASP D 127 -0.22 -50.33 12.36
CA ASP D 127 -1.30 -50.88 13.19
C ASP D 127 -1.77 -49.78 14.18
N VAL D 128 -3.10 -49.57 14.36
CA VAL D 128 -3.59 -48.48 15.23
C VAL D 128 -3.88 -48.92 16.69
N THR D 129 -3.53 -48.01 17.64
CA THR D 129 -3.73 -48.15 19.08
C THR D 129 -4.10 -46.75 19.55
N PHE D 130 -5.40 -46.52 19.75
CA PHE D 130 -5.94 -45.23 20.16
C PHE D 130 -6.11 -45.16 21.69
N PRO D 131 -5.33 -44.29 22.37
CA PRO D 131 -5.43 -44.19 23.84
C PRO D 131 -6.66 -43.43 24.34
N SER D 132 -7.08 -43.72 25.55
CA SER D 132 -8.17 -43.00 26.20
C SER D 132 -7.59 -41.72 26.83
N ASP D 133 -6.34 -41.79 27.33
CA ASP D 133 -5.68 -40.65 27.96
C ASP D 133 -4.81 -39.89 27.01
N LEU D 134 -4.74 -38.57 27.23
CA LEU D 134 -3.95 -37.64 26.41
C LEU D 134 -2.49 -37.95 26.57
N MET D 135 -1.80 -38.08 25.44
CA MET D 135 -0.40 -38.41 25.36
C MET D 135 0.41 -37.21 24.92
N CYS D 136 1.67 -37.14 25.40
CA CYS D 136 2.61 -36.04 25.19
C CYS D 136 3.92 -36.58 24.73
N VAL D 137 4.66 -35.78 23.97
CA VAL D 137 6.03 -36.09 23.60
C VAL D 137 6.81 -34.76 23.39
N ASP D 138 8.08 -34.70 23.83
CA ASP D 138 8.92 -33.53 23.63
C ASP D 138 9.70 -33.69 22.35
N VAL D 139 9.69 -32.65 21.51
CA VAL D 139 10.42 -32.64 20.25
C VAL D 139 11.20 -31.32 20.15
N LYS D 140 12.13 -31.22 19.20
CA LYS D 140 12.82 -29.95 18.99
C LYS D 140 12.46 -29.43 17.62
N LEU D 141 12.38 -28.09 17.49
CA LEU D 141 12.14 -27.43 16.22
C LEU D 141 13.36 -27.61 15.33
N ILE D 142 13.11 -28.07 14.10
CA ILE D 142 14.12 -28.37 13.07
C ILE D 142 14.06 -27.26 12.02
N SER D 143 15.21 -26.73 11.62
CA SER D 143 15.31 -25.65 10.64
C SER D 143 14.70 -26.02 9.29
N PRO D 144 14.15 -25.05 8.53
CA PRO D 144 13.63 -25.41 7.19
C PRO D 144 14.71 -26.04 6.29
N GLN D 145 16.00 -25.63 6.43
CA GLN D 145 17.15 -26.16 5.68
C GLN D 145 17.33 -27.66 5.92
N ASP D 146 17.33 -28.11 7.20
CA ASP D 146 17.45 -29.52 7.54
C ASP D 146 16.20 -30.32 7.16
N CYS D 147 15.02 -29.71 7.30
CA CYS D 147 13.76 -30.37 6.96
C CYS D 147 13.57 -30.49 5.42
N THR D 148 14.17 -29.55 4.62
CA THR D 148 14.20 -29.55 3.15
C THR D 148 14.99 -30.76 2.61
N LYS D 149 15.99 -31.24 3.39
CA LYS D 149 16.80 -32.40 3.02
C LYS D 149 15.93 -33.66 2.95
N VAL D 150 14.86 -33.70 3.78
CA VAL D 150 13.90 -34.80 3.91
C VAL D 150 12.72 -34.68 2.94
N TYR D 151 12.01 -33.52 2.95
CA TYR D 151 10.77 -33.30 2.20
C TYR D 151 10.86 -32.47 0.91
N LYS D 152 12.05 -31.93 0.60
CA LYS D 152 12.35 -31.17 -0.63
C LYS D 152 11.40 -29.96 -0.89
N ASP D 153 10.84 -29.86 -2.13
CA ASP D 153 9.99 -28.76 -2.62
C ASP D 153 8.59 -28.69 -1.96
N LEU D 154 8.20 -29.74 -1.23
CA LEU D 154 6.90 -29.84 -0.56
C LEU D 154 6.76 -28.89 0.65
N LEU D 155 7.90 -28.46 1.21
CA LEU D 155 7.98 -27.58 2.38
C LEU D 155 7.77 -26.12 2.04
N GLU D 156 6.93 -25.43 2.79
CA GLU D 156 6.69 -24.03 2.59
C GLU D 156 7.14 -23.28 3.81
N ASN D 157 7.22 -21.98 3.72
CA ASN D 157 7.70 -21.23 4.84
C ASN D 157 6.72 -20.93 5.98
N SER D 158 5.47 -21.37 5.82
CA SER D 158 4.47 -21.25 6.84
C SER D 158 4.35 -22.63 7.49
N MET D 159 5.23 -23.55 7.16
CA MET D 159 5.27 -24.87 7.77
C MET D 159 6.43 -24.95 8.73
N LEU D 160 6.26 -25.66 9.83
CA LEU D 160 7.24 -25.81 10.87
C LEU D 160 7.56 -27.27 11.04
N CYS D 161 8.82 -27.58 11.21
CA CYS D 161 9.21 -28.96 11.36
C CYS D 161 9.73 -29.22 12.79
N ALA D 162 9.44 -30.40 13.32
CA ALA D 162 9.85 -30.78 14.67
C ALA D 162 10.09 -32.29 14.76
N GLY D 163 11.06 -32.66 15.59
CA GLY D 163 11.43 -34.04 15.87
C GLY D 163 12.65 -34.15 16.75
N ILE D 164 13.12 -35.37 16.97
CA ILE D 164 14.34 -35.67 17.74
C ILE D 164 15.21 -36.53 16.81
N PRO D 165 16.52 -36.20 16.64
CA PRO D 165 17.36 -37.00 15.72
C PRO D 165 17.48 -38.45 16.20
N ASP D 166 17.36 -39.41 15.26
CA ASP D 166 17.43 -40.87 15.50
C ASP D 166 16.39 -41.29 16.55
N SER D 167 15.18 -40.75 16.44
CA SER D 167 14.11 -41.02 17.38
C SER D 167 12.76 -41.15 16.71
N LYS D 168 11.95 -42.09 17.22
CA LYS D 168 10.57 -42.32 16.77
C LYS D 168 9.59 -41.25 17.30
N LYS D 169 10.04 -40.38 18.23
CA LYS D 169 9.16 -39.36 18.89
C LYS D 169 8.46 -38.48 17.88
N ASN D 170 7.12 -38.57 17.82
CA ASN D 170 6.36 -37.85 16.80
C ASN D 170 4.85 -37.91 17.01
N ALA D 171 4.10 -37.14 16.18
CA ALA D 171 2.65 -37.13 16.13
C ALA D 171 2.23 -38.14 15.07
N CYS D 172 1.00 -38.67 15.12
CA CYS D 172 0.51 -39.65 14.15
C CYS D 172 -1.00 -39.40 13.90
N ASN D 173 -1.68 -40.32 13.18
CA ASN D 173 -3.10 -40.24 12.83
C ASN D 173 -3.96 -40.00 14.07
N GLY D 174 -4.82 -38.98 14.00
CA GLY D 174 -5.69 -38.58 15.09
C GLY D 174 -5.16 -37.42 15.91
N ASP D 175 -3.85 -37.12 15.76
CA ASP D 175 -3.19 -35.99 16.44
C ASP D 175 -3.34 -34.69 15.62
N SER D 176 -3.68 -34.82 14.29
CA SER D 176 -3.87 -33.73 13.32
C SER D 176 -4.70 -32.62 13.92
N GLY D 177 -4.26 -31.38 13.73
CA GLY D 177 -4.94 -30.20 14.23
C GLY D 177 -4.60 -29.85 15.66
N GLY D 178 -3.92 -30.78 16.33
CA GLY D 178 -3.45 -30.70 17.72
C GLY D 178 -2.26 -29.79 17.96
N PRO D 179 -2.05 -29.40 19.24
CA PRO D 179 -1.03 -28.38 19.54
C PRO D 179 0.42 -28.83 19.72
N LEU D 180 1.31 -27.94 19.26
CA LEU D 180 2.75 -27.98 19.47
C LEU D 180 3.00 -26.66 20.21
N VAL D 181 3.34 -26.78 21.50
CA VAL D 181 3.58 -25.63 22.35
CA VAL D 181 3.57 -25.65 22.38
C VAL D 181 5.07 -25.50 22.69
N CYS D 182 5.61 -24.27 22.62
CA CYS D 182 7.04 -24.01 22.93
C CYS D 182 7.06 -22.81 23.86
N ARG D 183 7.84 -22.90 24.96
CA ARG D 183 8.04 -21.80 25.93
C ARG D 183 6.74 -20.99 26.22
N GLY D 184 5.66 -21.70 26.57
CA GLY D 184 4.39 -21.07 26.90
C GLY D 184 3.46 -20.60 25.79
N THR D 185 3.84 -20.71 24.49
CA THR D 185 2.93 -20.29 23.42
C THR D 185 2.63 -21.42 22.46
N LEU D 186 1.51 -21.35 21.75
CA LEU D 186 1.16 -22.29 20.72
C LEU D 186 1.98 -21.96 19.49
N GLN D 187 2.74 -22.91 18.99
CA GLN D 187 3.57 -22.64 17.84
C GLN D 187 3.15 -23.46 16.62
N GLY D 188 2.58 -24.60 16.82
CA GLY D 188 2.16 -25.40 15.73
C GLY D 188 0.90 -26.17 15.91
N LEU D 189 0.37 -26.62 14.79
CA LEU D 189 -0.79 -27.48 14.69
C LEU D 189 -0.30 -28.67 13.91
N VAL D 190 -0.56 -29.90 14.39
CA VAL D 190 -0.15 -31.12 13.69
C VAL D 190 -0.69 -31.08 12.25
N SER D 191 0.17 -31.32 11.26
CA SER D 191 -0.33 -31.22 9.89
C SER D 191 -0.08 -32.50 9.11
N TRP D 192 1.17 -32.85 8.88
CA TRP D 192 1.52 -34.06 8.14
C TRP D 192 2.90 -34.57 8.49
N GLY D 193 3.19 -35.78 8.07
CA GLY D 193 4.47 -36.43 8.28
C GLY D 193 4.59 -37.65 7.39
N THR D 194 5.51 -38.56 7.72
CA THR D 194 5.65 -39.77 6.91
C THR D 194 4.71 -40.85 7.42
N PHE D 195 4.35 -41.77 6.55
CA PHE D 195 3.51 -42.90 6.92
C PHE D 195 4.19 -44.20 6.51
N PRO D 196 4.34 -45.19 7.42
CA PRO D 196 3.98 -45.20 8.86
C PRO D 196 4.65 -44.08 9.65
N CYS D 197 4.02 -43.65 10.76
CA CYS D 197 4.54 -42.60 11.64
C CYS D 197 5.71 -43.13 12.46
N GLY D 198 6.41 -42.21 13.14
CA GLY D 198 7.51 -42.55 14.05
C GLY D 198 8.76 -43.06 13.37
N GLN D 199 9.03 -42.59 12.15
CA GLN D 199 10.22 -43.00 11.41
C GLN D 199 11.37 -42.09 11.82
N PRO D 200 12.46 -42.67 12.37
CA PRO D 200 13.61 -41.85 12.81
C PRO D 200 14.17 -41.00 11.68
N ASN D 201 14.39 -39.72 11.98
CA ASN D 201 14.96 -38.68 11.09
C ASN D 201 13.95 -38.19 10.02
N ASP D 202 12.68 -38.54 10.19
CA ASP D 202 11.60 -38.02 9.36
C ASP D 202 10.81 -37.07 10.27
N PRO D 203 11.04 -35.74 10.17
CA PRO D 203 10.34 -34.81 11.10
C PRO D 203 8.85 -34.67 10.86
N GLY D 204 8.14 -34.31 11.92
CA GLY D 204 6.72 -34.01 11.83
C GLY D 204 6.58 -32.62 11.22
N VAL D 205 5.52 -32.38 10.49
CA VAL D 205 5.28 -31.06 9.90
C VAL D 205 4.04 -30.44 10.50
N TYR D 206 4.19 -29.18 10.85
CA TYR D 206 3.19 -28.41 11.49
C TYR D 206 2.86 -27.08 10.80
N THR D 207 1.68 -26.56 11.04
CA THR D 207 1.27 -25.28 10.52
C THR D 207 1.86 -24.30 11.53
N GLN D 208 2.65 -23.35 11.06
CA GLN D 208 3.31 -22.38 11.90
C GLN D 208 2.39 -21.27 12.28
N VAL D 209 1.76 -21.39 13.44
CA VAL D 209 0.78 -20.46 13.96
C VAL D 209 1.15 -18.98 14.00
N CYS D 210 2.41 -18.68 14.27
CA CYS D 210 2.93 -17.32 14.33
C CYS D 210 2.77 -16.53 13.00
N LYS D 211 2.54 -17.21 11.88
CA LYS D 211 2.37 -16.54 10.60
C LYS D 211 0.91 -16.25 10.25
N PHE D 212 -0.03 -16.71 11.06
CA PHE D 212 -1.45 -16.59 10.80
C PHE D 212 -2.32 -15.87 11.82
N THR D 213 -1.74 -15.15 12.76
CA THR D 213 -2.54 -14.48 13.77
C THR D 213 -3.49 -13.41 13.28
N LYS D 214 -3.18 -12.76 12.17
CA LYS D 214 -4.08 -11.73 11.62
C LYS D 214 -5.34 -12.41 11.08
N TRP D 215 -5.17 -13.51 10.31
CA TRP D 215 -6.31 -14.22 9.78
C TRP D 215 -7.16 -14.83 10.90
N ILE D 216 -6.51 -15.40 11.94
CA ILE D 216 -7.24 -15.99 13.08
C ILE D 216 -8.13 -14.92 13.73
N ASN D 217 -7.57 -13.74 14.05
CA ASN D 217 -8.34 -12.66 14.69
C ASN D 217 -9.43 -12.06 13.80
N ASP D 218 -9.14 -11.81 12.50
CA ASP D 218 -10.13 -11.24 11.57
C ASP D 218 -11.28 -12.19 11.26
N THR D 219 -10.99 -13.51 11.17
CA THR D 219 -12.02 -14.53 10.90
C THR D 219 -12.98 -14.62 12.08
N MET D 220 -12.47 -14.67 13.31
CA MET D 220 -13.33 -14.67 14.50
C MET D 220 -14.20 -13.42 14.59
N LYS D 221 -13.62 -12.22 14.36
CA LYS D 221 -14.36 -10.95 14.38
C LYS D 221 -15.46 -10.91 13.31
N LYS D 222 -15.14 -11.33 12.06
CA LYS D 222 -16.05 -11.40 10.91
C LYS D 222 -17.23 -12.37 11.08
N HIS D 223 -17.01 -13.54 11.73
CA HIS D 223 -18.04 -14.56 11.88
C HIS D 223 -18.61 -14.68 13.29
N ARG D 224 -18.37 -13.65 14.15
CA ARG D 224 -18.89 -13.57 15.53
C ARG D 224 -20.41 -13.50 15.56
N ILE E 1 25.94 27.88 -16.92
CA ILE E 1 26.79 28.54 -17.93
C ILE E 1 26.59 27.78 -19.24
N ILE E 2 26.26 28.47 -20.35
CA ILE E 2 26.05 27.85 -21.66
C ILE E 2 27.30 28.05 -22.49
N ASP E 3 27.76 26.97 -23.16
CA ASP E 3 28.92 26.91 -24.08
C ASP E 3 30.23 27.43 -23.45
N GLY E 4 30.38 27.15 -22.16
CA GLY E 4 31.61 27.47 -21.45
C GLY E 4 32.46 26.22 -21.32
N ALA E 5 33.44 26.28 -20.42
CA ALA E 5 34.32 25.16 -20.13
C ALA E 5 34.62 25.20 -18.62
N PRO E 6 35.07 24.07 -18.03
CA PRO E 6 35.44 24.08 -16.60
C PRO E 6 36.54 25.13 -16.30
N CYS E 7 36.34 25.95 -15.26
CA CYS E 7 37.30 26.94 -14.81
C CYS E 7 38.58 26.23 -14.40
N ALA E 8 39.74 26.85 -14.61
CA ALA E 8 41.00 26.29 -14.15
C ALA E 8 41.01 26.30 -12.61
N ARG E 9 41.47 25.20 -11.98
CA ARG E 9 41.57 25.01 -10.53
C ARG E 9 42.26 26.19 -9.84
N GLY E 10 41.66 26.70 -8.76
CA GLY E 10 42.20 27.83 -8.00
C GLY E 10 42.09 29.20 -8.63
N SER E 11 41.54 29.33 -9.86
CA SER E 11 41.42 30.61 -10.54
C SER E 11 40.19 31.46 -10.12
N HIS E 12 39.24 30.89 -9.35
CA HIS E 12 38.07 31.63 -8.85
C HIS E 12 37.93 31.43 -7.36
N PRO E 13 38.95 31.83 -6.54
CA PRO E 13 38.84 31.63 -5.09
C PRO E 13 37.79 32.52 -4.41
N TRP E 14 37.27 33.54 -5.14
CA TRP E 14 36.24 34.42 -4.61
C TRP E 14 34.83 33.94 -4.94
N GLN E 15 34.70 32.89 -5.78
CA GLN E 15 33.41 32.30 -6.12
C GLN E 15 32.83 31.49 -4.94
N VAL E 16 31.54 31.69 -4.66
CA VAL E 16 30.84 30.92 -3.64
C VAL E 16 29.52 30.42 -4.27
N ALA E 17 28.90 29.43 -3.64
CA ALA E 17 27.57 28.93 -4.02
C ALA E 17 26.66 29.04 -2.81
N LEU E 18 25.40 29.41 -3.02
CA LEU E 18 24.37 29.45 -1.99
C LEU E 18 23.57 28.18 -2.23
N LEU E 19 23.53 27.33 -1.23
CA LEU E 19 22.81 26.06 -1.30
C LEU E 19 21.57 26.10 -0.41
N SER E 20 20.56 25.34 -0.80
CA SER E 20 19.33 25.12 -0.04
C SER E 20 19.00 23.65 -0.21
N GLY E 21 18.99 22.92 0.90
CA GLY E 21 18.75 21.47 0.94
C GLY E 21 19.73 20.67 0.10
N ASN E 22 21.00 21.09 0.12
CA ASN E 22 22.11 20.47 -0.61
C ASN E 22 21.93 20.56 -2.12
N GLN E 23 21.18 21.56 -2.56
CA GLN E 23 20.95 21.83 -3.98
C GLN E 23 21.43 23.25 -4.24
N LEU E 24 21.97 23.48 -5.43
CA LEU E 24 22.39 24.80 -5.82
C LEU E 24 21.15 25.74 -5.86
N HIS E 25 21.25 26.87 -5.14
CA HIS E 25 20.25 27.91 -5.18
C HIS E 25 20.77 29.11 -6.03
N CYS E 26 22.01 29.58 -5.79
CA CYS E 26 22.56 30.78 -6.46
C CYS E 26 24.05 30.78 -6.39
N GLY E 27 24.67 31.63 -7.19
CA GLY E 27 26.10 31.94 -7.12
C GLY E 27 26.27 33.12 -6.17
N GLY E 28 27.50 33.53 -6.00
CA GLY E 28 27.87 34.64 -5.15
C GLY E 28 29.36 34.87 -5.19
N VAL E 29 29.76 35.97 -4.56
CA VAL E 29 31.16 36.42 -4.50
CA VAL E 29 31.16 36.42 -4.50
C VAL E 29 31.55 36.76 -3.09
N LEU E 30 32.71 36.31 -2.66
CA LEU E 30 33.20 36.64 -1.34
C LEU E 30 33.81 38.05 -1.41
N VAL E 31 33.33 38.98 -0.59
CA VAL E 31 33.78 40.38 -0.52
C VAL E 31 34.84 40.51 0.55
N ASN E 32 34.62 39.86 1.69
CA ASN E 32 35.56 39.77 2.78
C ASN E 32 35.21 38.55 3.63
N GLU E 33 35.93 38.33 4.73
CA GLU E 33 35.73 37.19 5.64
C GLU E 33 34.30 37.05 6.17
N ARG E 34 33.54 38.15 6.27
CA ARG E 34 32.18 38.14 6.84
C ARG E 34 31.03 38.27 5.86
N TRP E 35 31.30 38.67 4.61
CA TRP E 35 30.29 39.07 3.64
C TRP E 35 30.40 38.46 2.26
N VAL E 36 29.25 37.99 1.79
CA VAL E 36 29.07 37.49 0.45
C VAL E 36 28.14 38.46 -0.28
N LEU E 37 28.46 38.77 -1.52
CA LEU E 37 27.66 39.65 -2.36
C LEU E 37 27.00 38.77 -3.40
N THR E 38 25.68 38.96 -3.62
CA THR E 38 24.93 38.15 -4.60
C THR E 38 23.72 38.96 -5.10
N ALA E 39 22.82 38.33 -5.80
CA ALA E 39 21.66 38.99 -6.29
C ALA E 39 20.60 39.02 -5.23
N ALA E 40 19.77 40.03 -5.27
CA ALA E 40 18.63 40.21 -4.38
C ALA E 40 17.54 39.12 -4.61
N HIS E 41 17.46 38.64 -5.84
N HIS E 41 17.46 38.64 -5.84
CA HIS E 41 16.55 37.59 -6.22
CA HIS E 41 16.54 37.59 -6.23
C HIS E 41 16.84 36.28 -5.46
C HIS E 41 16.84 36.28 -5.46
N CYS E 42 18.08 36.13 -4.97
CA CYS E 42 18.53 34.96 -4.19
C CYS E 42 18.17 34.98 -2.69
N LYS E 43 17.46 36.02 -2.22
CA LYS E 43 17.02 36.16 -0.83
C LYS E 43 16.39 34.89 -0.23
N MET E 44 16.88 34.49 0.94
CA MET E 44 16.35 33.35 1.72
C MET E 44 16.42 33.76 3.18
N ASN E 45 15.72 33.05 4.09
CA ASN E 45 15.85 33.36 5.52
C ASN E 45 17.16 32.80 6.07
N GLU E 46 17.60 31.65 5.52
CA GLU E 46 18.85 30.98 5.95
C GLU E 46 19.60 30.56 4.72
N TYR E 47 20.92 30.67 4.76
CA TYR E 47 21.76 30.24 3.65
C TYR E 47 22.76 29.23 4.15
N THR E 48 23.20 28.34 3.26
CA THR E 48 24.33 27.44 3.44
C THR E 48 25.30 27.88 2.33
N VAL E 49 26.43 28.48 2.74
CA VAL E 49 27.41 28.99 1.79
C VAL E 49 28.56 27.98 1.58
N HIS E 50 28.81 27.61 0.33
CA HIS E 50 29.89 26.74 -0.12
C HIS E 50 31.06 27.64 -0.56
N LEU E 51 32.29 27.37 -0.08
CA LEU E 51 33.48 28.15 -0.45
C LEU E 51 34.67 27.22 -0.58
N GLY E 52 35.65 27.62 -1.37
CA GLY E 52 36.95 26.95 -1.43
C GLY E 52 37.08 25.70 -2.26
N SER E 53 36.21 25.53 -3.25
CA SER E 53 36.32 24.42 -4.19
C SER E 53 35.50 24.66 -5.43
N ASP E 54 36.09 24.29 -6.59
CA ASP E 54 35.44 24.35 -7.90
C ASP E 54 34.46 23.21 -8.07
N THR E 55 34.49 22.22 -7.17
CA THR E 55 33.56 21.08 -7.22
C THR E 55 32.48 21.32 -6.16
N LEU E 56 31.23 21.50 -6.62
CA LEU E 56 30.09 21.65 -5.73
C LEU E 56 29.95 20.42 -4.87
N GLY E 57 29.76 20.62 -3.56
CA GLY E 57 29.69 19.51 -2.62
C GLY E 57 30.98 18.74 -2.43
N ASP E 58 32.14 19.41 -2.55
CA ASP E 58 33.44 18.76 -2.34
C ASP E 58 33.57 18.71 -0.82
N ARG E 59 34.11 17.59 -0.27
CA ARG E 59 34.36 17.41 1.17
C ARG E 59 35.37 18.48 1.65
N ARG E 60 36.28 18.89 0.75
CA ARG E 60 37.35 19.86 0.99
C ARG E 60 36.84 21.32 1.06
N ALA E 61 35.59 21.58 0.59
CA ALA E 61 35.02 22.92 0.64
C ALA E 61 34.59 23.30 2.07
N GLN E 62 34.59 24.59 2.37
CA GLN E 62 34.06 25.16 3.60
C GLN E 62 32.54 25.32 3.41
N ARG E 63 31.79 25.18 4.50
CA ARG E 63 30.34 25.24 4.54
C ARG E 63 29.99 26.11 5.72
N ILE E 64 29.59 27.37 5.41
CA ILE E 64 29.27 28.37 6.41
C ILE E 64 27.83 28.78 6.32
N LYS E 65 27.14 28.73 7.46
CA LYS E 65 25.75 29.15 7.56
C LYS E 65 25.70 30.68 7.62
N ALA E 66 24.59 31.25 7.13
CA ALA E 66 24.34 32.69 7.13
C ALA E 66 22.86 32.89 7.47
N SER E 67 22.56 33.70 8.50
CA SER E 67 21.20 33.94 8.97
C SER E 67 20.73 35.37 8.72
N LYS E 68 21.59 36.22 8.17
CA LYS E 68 21.31 37.64 7.95
C LYS E 68 21.69 38.04 6.55
N SER E 69 20.83 38.86 5.92
CA SER E 69 21.01 39.35 4.56
C SER E 69 20.22 40.63 4.37
N PHE E 70 20.75 41.49 3.51
CA PHE E 70 20.27 42.84 3.28
C PHE E 70 20.26 43.12 1.78
N ARG E 71 19.06 43.21 1.26
CA ARG E 71 18.85 43.51 -0.12
C ARG E 71 18.93 45.00 -0.28
N HIS E 72 19.34 45.44 -1.45
CA HIS E 72 19.33 46.84 -1.72
C HIS E 72 17.88 47.34 -1.63
N PRO E 73 17.62 48.46 -0.93
CA PRO E 73 16.31 49.08 -0.74
C PRO E 73 15.55 49.40 -2.02
N GLY E 74 16.25 49.74 -3.07
CA GLY E 74 15.67 49.98 -4.36
C GLY E 74 15.38 48.76 -5.20
N TYR E 75 15.58 47.55 -4.68
CA TYR E 75 15.32 46.34 -5.43
C TYR E 75 13.85 46.17 -5.74
N SER E 76 13.55 45.83 -6.98
CA SER E 76 12.21 45.55 -7.40
C SER E 76 12.10 44.21 -8.09
N THR E 77 11.19 43.41 -7.63
CA THR E 77 10.94 42.11 -8.24
C THR E 77 10.26 42.23 -9.61
N GLN E 78 9.63 43.36 -9.88
CA GLN E 78 8.94 43.61 -11.13
C GLN E 78 9.86 43.99 -12.25
N THR E 79 10.85 44.80 -11.95
CA THR E 79 11.72 45.27 -12.98
C THR E 79 13.15 44.82 -12.93
N HIS E 80 13.48 44.06 -11.90
CA HIS E 80 14.85 43.57 -11.63
C HIS E 80 15.91 44.66 -11.32
N VAL E 81 15.55 45.90 -11.09
CA VAL E 81 16.47 46.95 -10.82
C VAL E 81 17.04 46.81 -9.43
N ASN E 82 18.30 47.21 -9.28
CA ASN E 82 19.05 47.15 -8.03
C ASN E 82 19.11 45.73 -7.47
N ASP E 83 19.42 44.77 -8.34
CA ASP E 83 19.48 43.37 -7.98
C ASP E 83 20.79 42.97 -7.32
N LEU E 84 20.92 43.33 -6.07
CA LEU E 84 22.07 43.01 -5.27
C LEU E 84 21.70 42.86 -3.81
N MET E 85 22.44 42.02 -3.12
CA MET E 85 22.21 41.74 -1.73
C MET E 85 23.47 41.32 -1.01
N LEU E 86 23.63 41.78 0.23
CA LEU E 86 24.77 41.42 1.06
C LEU E 86 24.37 40.33 2.05
N VAL E 87 25.09 39.22 2.05
CA VAL E 87 24.81 38.06 2.93
C VAL E 87 25.90 38.01 4.00
N LYS E 88 25.48 38.08 5.28
CA LYS E 88 26.41 38.09 6.41
C LYS E 88 26.66 36.67 6.93
N LEU E 89 27.91 36.18 6.81
CA LEU E 89 28.27 34.83 7.28
C LEU E 89 28.17 34.76 8.80
N ASN E 90 27.71 33.63 9.36
CA ASN E 90 27.60 33.47 10.82
C ASN E 90 29.01 33.30 11.44
N SER E 91 29.96 32.84 10.66
CA SER E 91 31.35 32.74 11.10
C SER E 91 32.22 33.17 9.94
N GLN E 92 33.43 33.56 10.22
CA GLN E 92 34.35 34.06 9.22
C GLN E 92 34.85 33.01 8.25
N ALA E 93 34.88 33.37 6.96
CA ALA E 93 35.46 32.49 5.93
C ALA E 93 36.96 32.35 6.30
N ARG E 94 37.48 31.14 6.23
CA ARG E 94 38.88 30.89 6.55
C ARG E 94 39.66 31.00 5.24
N LEU E 95 40.34 32.14 5.07
CA LEU E 95 41.08 32.48 3.84
C LEU E 95 42.32 31.64 3.63
N SER E 96 42.58 31.32 2.36
CA SER E 96 43.70 30.51 1.90
C SER E 96 43.83 30.78 0.42
N SER E 97 44.62 29.96 -0.30
CA SER E 97 44.79 30.04 -1.76
C SER E 97 43.45 29.72 -2.48
N MET E 98 42.56 28.92 -1.84
CA MET E 98 41.26 28.55 -2.45
C MET E 98 40.08 29.46 -2.01
N VAL E 99 40.31 30.38 -1.04
CA VAL E 99 39.33 31.33 -0.50
C VAL E 99 39.95 32.72 -0.37
N LYS E 100 39.63 33.61 -1.31
CA LYS E 100 40.15 34.99 -1.31
C LYS E 100 39.01 35.95 -1.59
N LYS E 101 39.13 37.19 -1.11
CA LYS E 101 38.15 38.26 -1.36
C LYS E 101 38.29 38.65 -2.83
N VAL E 102 37.19 39.07 -3.46
CA VAL E 102 37.20 39.59 -4.83
C VAL E 102 37.72 41.04 -4.76
N ARG E 103 38.27 41.52 -5.88
CA ARG E 103 38.69 42.92 -5.96
C ARG E 103 37.44 43.67 -6.42
N LEU E 104 36.95 44.61 -5.60
CA LEU E 104 35.80 45.44 -5.93
C LEU E 104 36.22 46.50 -6.94
N PRO E 105 35.32 46.91 -7.86
CA PRO E 105 35.71 47.89 -8.88
C PRO E 105 35.82 49.30 -8.36
N SER E 106 36.72 50.09 -8.94
CA SER E 106 36.81 51.52 -8.66
C SER E 106 36.20 52.27 -9.87
N ARG E 107 36.20 51.66 -11.03
CA ARG E 107 35.57 52.27 -12.15
C ARG E 107 34.86 51.25 -13.03
N CYS E 108 34.02 51.72 -13.93
CA CYS E 108 33.28 50.85 -14.81
C CYS E 108 34.00 50.54 -16.10
N GLU E 109 34.04 49.28 -16.50
CA GLU E 109 34.66 48.91 -17.74
C GLU E 109 33.77 49.26 -18.92
N PRO E 110 34.36 49.73 -20.01
CA PRO E 110 33.51 50.14 -21.14
C PRO E 110 33.05 49.01 -22.07
N PRO E 111 32.04 49.26 -22.93
CA PRO E 111 31.64 48.23 -23.90
C PRO E 111 32.81 47.73 -24.76
N GLY E 112 32.77 46.44 -25.12
CA GLY E 112 33.82 45.80 -25.91
C GLY E 112 34.82 45.02 -25.10
N THR E 113 34.93 45.32 -23.79
CA THR E 113 35.85 44.65 -22.84
C THR E 113 35.48 43.18 -22.68
N THR E 114 36.49 42.31 -22.73
CA THR E 114 36.35 40.87 -22.55
C THR E 114 36.36 40.61 -21.05
N CYS E 115 35.37 39.84 -20.63
CA CYS E 115 35.07 39.49 -19.25
C CYS E 115 34.86 38.01 -19.14
N THR E 116 34.85 37.51 -17.88
CA THR E 116 34.58 36.11 -17.55
C THR E 116 33.44 36.02 -16.54
N VAL E 117 32.46 35.16 -16.85
CA VAL E 117 31.38 34.84 -15.94
C VAL E 117 31.49 33.36 -15.55
N SER E 118 31.29 33.05 -14.27
CA SER E 118 31.42 31.71 -13.75
C SER E 118 30.22 31.25 -12.92
N GLY E 119 30.03 29.95 -12.86
CA GLY E 119 28.93 29.40 -12.09
C GLY E 119 28.70 27.91 -12.20
N TRP E 120 27.81 27.40 -11.35
CA TRP E 120 27.38 25.99 -11.37
C TRP E 120 25.97 25.86 -11.94
N GLY E 121 25.50 26.91 -12.62
CA GLY E 121 24.17 26.89 -13.22
C GLY E 121 24.05 25.89 -14.36
N THR E 122 22.83 25.69 -14.89
CA THR E 122 22.61 24.72 -15.97
C THR E 122 23.49 25.02 -17.19
N THR E 123 23.94 23.96 -17.86
CA THR E 123 24.76 24.12 -19.06
C THR E 123 23.93 23.90 -20.33
N THR E 124 22.63 23.62 -20.15
CA THR E 124 21.67 23.43 -21.24
C THR E 124 20.38 24.17 -20.90
N SER E 125 19.52 24.44 -21.89
CA SER E 125 18.24 25.12 -21.67
C SER E 125 17.31 24.80 -22.84
N PRO E 126 15.98 24.49 -22.67
CA PRO E 126 15.17 24.48 -21.42
C PRO E 126 15.50 23.33 -20.47
N ASP E 127 15.87 22.19 -21.01
CA ASP E 127 16.25 20.98 -20.28
C ASP E 127 17.47 21.31 -19.38
N VAL E 128 17.42 20.97 -18.08
CA VAL E 128 18.50 21.32 -17.13
C VAL E 128 19.58 20.23 -17.05
N THR E 129 20.84 20.65 -16.94
CA THR E 129 22.05 19.82 -16.76
C THR E 129 22.91 20.59 -15.78
N PHE E 130 22.90 20.18 -14.52
CA PHE E 130 23.66 20.86 -13.49
C PHE E 130 25.03 20.23 -13.27
N PRO E 131 26.13 20.96 -13.60
CA PRO E 131 27.47 20.38 -13.42
C PRO E 131 27.96 20.39 -11.97
N SER E 132 28.86 19.46 -11.65
CA SER E 132 29.46 19.48 -10.33
C SER E 132 30.68 20.43 -10.37
N ASP E 133 31.34 20.56 -11.55
CA ASP E 133 32.49 21.45 -11.74
C ASP E 133 32.09 22.88 -12.14
N LEU E 134 32.75 23.87 -11.54
CA LEU E 134 32.56 25.28 -11.81
C LEU E 134 32.93 25.60 -13.28
N MET E 135 32.00 26.20 -14.01
CA MET E 135 32.10 26.53 -15.43
C MET E 135 32.32 28.02 -15.63
N CYS E 136 33.08 28.35 -16.69
CA CYS E 136 33.54 29.69 -17.06
C CYS E 136 33.22 29.94 -18.51
N VAL E 137 32.92 31.20 -18.84
CA VAL E 137 32.71 31.61 -20.21
C VAL E 137 33.17 33.04 -20.40
N ASP E 138 33.84 33.28 -21.52
CA ASP E 138 34.30 34.62 -21.88
C ASP E 138 33.26 35.30 -22.75
N VAL E 139 32.81 36.45 -22.25
CA VAL E 139 31.83 37.32 -22.90
C VAL E 139 32.41 38.72 -23.03
N LYS E 140 31.75 39.57 -23.81
CA LYS E 140 32.19 40.95 -23.96
C LYS E 140 31.06 41.86 -23.52
N LEU E 141 31.43 42.98 -22.92
CA LEU E 141 30.47 44.00 -22.51
C LEU E 141 29.79 44.63 -23.72
N ILE E 142 28.48 44.69 -23.69
CA ILE E 142 27.70 45.22 -24.81
C ILE E 142 27.19 46.61 -24.38
N SER E 143 27.26 47.59 -25.29
CA SER E 143 26.82 48.96 -25.00
C SER E 143 25.34 49.05 -24.60
N PRO E 144 24.94 50.01 -23.73
CA PRO E 144 23.51 50.17 -23.42
C PRO E 144 22.66 50.40 -24.69
N GLN E 145 23.18 51.11 -25.70
CA GLN E 145 22.48 51.33 -26.97
C GLN E 145 22.13 50.03 -27.71
N ASP E 146 23.11 49.11 -27.84
CA ASP E 146 22.87 47.81 -28.49
C ASP E 146 21.98 46.93 -27.65
N CYS E 147 22.18 46.93 -26.33
CA CYS E 147 21.37 46.11 -25.45
C CYS E 147 19.90 46.58 -25.40
N THR E 148 19.64 47.90 -25.52
CA THR E 148 18.29 48.46 -25.57
C THR E 148 17.51 47.96 -26.80
N LYS E 149 18.22 47.64 -27.90
CA LYS E 149 17.60 47.08 -29.12
C LYS E 149 16.87 45.78 -28.80
N VAL E 150 17.36 45.05 -27.80
CA VAL E 150 16.77 43.78 -27.37
C VAL E 150 15.75 43.97 -26.22
N TYR E 151 16.14 44.63 -25.13
CA TYR E 151 15.30 44.67 -23.94
C TYR E 151 14.47 45.94 -23.72
N LYS E 152 14.67 46.95 -24.60
CA LYS E 152 13.94 48.22 -24.57
C LYS E 152 13.97 48.89 -23.19
N ASP E 153 12.83 49.43 -22.71
CA ASP E 153 12.70 50.15 -21.44
C ASP E 153 12.90 49.33 -20.19
N LEU E 154 13.06 48.00 -20.29
CA LEU E 154 13.35 47.17 -19.11
C LEU E 154 14.79 47.42 -18.62
N LEU E 155 15.67 47.83 -19.52
CA LEU E 155 17.07 48.09 -19.19
C LEU E 155 17.29 49.42 -18.45
N GLU E 156 17.97 49.39 -17.32
CA GLU E 156 18.25 50.60 -16.57
C GLU E 156 19.72 50.96 -16.58
N ASN E 157 20.07 52.16 -16.14
CA ASN E 157 21.47 52.62 -16.12
C ASN E 157 22.46 51.77 -15.34
N SER E 158 21.99 51.06 -14.32
CA SER E 158 22.84 50.27 -13.48
C SER E 158 22.83 48.77 -13.76
N MET E 159 22.40 48.43 -14.95
CA MET E 159 22.40 47.09 -15.44
C MET E 159 23.43 47.07 -16.55
N LEU E 160 24.12 45.97 -16.67
CA LEU E 160 25.17 45.81 -17.60
C LEU E 160 24.89 44.59 -18.46
N CYS E 161 25.08 44.72 -19.75
CA CYS E 161 24.85 43.63 -20.68
C CYS E 161 26.14 43.01 -21.20
N ALA E 162 26.14 41.71 -21.43
CA ALA E 162 27.32 41.02 -21.90
C ALA E 162 26.94 39.79 -22.74
N GLY E 163 27.79 39.45 -23.69
CA GLY E 163 27.54 38.31 -24.57
C GLY E 163 28.49 38.31 -25.73
N ILE E 164 28.26 37.43 -26.70
CA ILE E 164 29.10 37.32 -27.89
C ILE E 164 28.16 37.31 -29.09
N PRO E 165 28.43 38.10 -30.18
CA PRO E 165 27.55 38.04 -31.36
C PRO E 165 27.43 36.62 -31.90
N ASP E 166 26.21 36.18 -32.31
CA ASP E 166 25.92 34.87 -32.92
C ASP E 166 26.52 33.70 -32.13
N SER E 167 26.43 33.76 -30.81
CA SER E 167 26.96 32.74 -29.94
C SER E 167 25.97 32.46 -28.79
N LYS E 168 25.90 31.18 -28.40
CA LYS E 168 25.06 30.71 -27.28
C LYS E 168 25.71 31.07 -25.92
N LYS E 169 26.99 31.51 -25.88
CA LYS E 169 27.74 31.83 -24.65
C LYS E 169 26.99 32.76 -23.71
N ASN E 170 26.66 32.25 -22.52
CA ASN E 170 25.86 33.01 -21.57
C ASN E 170 25.77 32.34 -20.21
N ALA E 171 25.08 33.03 -19.27
CA ALA E 171 24.81 32.55 -17.93
C ALA E 171 23.36 32.09 -17.99
N CYS E 172 22.94 31.20 -17.08
CA CYS E 172 21.61 30.62 -17.07
C CYS E 172 21.18 30.41 -15.61
N ASN E 173 20.05 29.72 -15.40
CA ASN E 173 19.46 29.36 -14.08
C ASN E 173 20.53 28.68 -13.22
N GLY E 174 20.71 29.16 -12.00
CA GLY E 174 21.71 28.66 -11.07
C GLY E 174 22.96 29.52 -11.00
N ASP E 175 23.24 30.29 -12.09
CA ASP E 175 24.40 31.20 -12.14
C ASP E 175 24.10 32.54 -11.46
N SER E 176 22.80 32.85 -11.26
CA SER E 176 22.26 34.07 -10.62
C SER E 176 23.07 34.44 -9.39
N GLY E 177 23.45 35.71 -9.31
CA GLY E 177 24.22 36.23 -8.18
C GLY E 177 25.72 36.06 -8.31
N GLY E 178 26.15 35.26 -9.29
CA GLY E 178 27.54 34.96 -9.56
C GLY E 178 28.36 36.05 -10.24
N PRO E 179 29.70 35.89 -10.24
CA PRO E 179 30.57 36.98 -10.71
C PRO E 179 30.82 37.09 -12.22
N LEU E 180 30.84 38.33 -12.68
CA LEU E 180 31.24 38.75 -14.01
C LEU E 180 32.48 39.59 -13.71
N VAL E 181 33.65 39.08 -14.07
N VAL E 181 33.67 39.09 -14.06
CA VAL E 181 34.94 39.74 -13.79
CA VAL E 181 34.98 39.71 -13.75
C VAL E 181 35.61 40.23 -15.06
C VAL E 181 35.70 40.18 -15.01
N CYS E 182 36.15 41.46 -15.03
CA CYS E 182 36.83 42.12 -16.19
C CYS E 182 38.09 42.77 -15.68
N ARG E 183 39.25 42.45 -16.30
CA ARG E 183 40.56 43.02 -15.97
C ARG E 183 40.84 43.06 -14.46
N GLY E 184 40.62 41.93 -13.80
CA GLY E 184 40.86 41.77 -12.38
C GLY E 184 39.90 42.42 -11.41
N THR E 185 38.76 42.96 -11.88
CA THR E 185 37.77 43.52 -10.95
C THR E 185 36.40 42.95 -11.20
N LEU E 186 35.57 42.92 -10.18
CA LEU E 186 34.21 42.47 -10.27
C LEU E 186 33.38 43.57 -10.92
N GLN E 187 32.81 43.27 -12.06
CA GLN E 187 32.01 44.24 -12.77
C GLN E 187 30.51 43.91 -12.73
N GLY E 188 30.19 42.66 -12.73
CA GLY E 188 28.81 42.26 -12.66
C GLY E 188 28.40 41.10 -11.79
N LEU E 189 27.12 41.10 -11.48
CA LEU E 189 26.47 39.99 -10.77
C LEU E 189 25.37 39.50 -11.70
N VAL E 190 25.38 38.19 -12.08
CA VAL E 190 24.37 37.59 -12.97
C VAL E 190 22.98 37.97 -12.47
N SER E 191 22.15 38.56 -13.33
CA SER E 191 20.83 39.00 -12.85
C SER E 191 19.68 38.35 -13.58
N TRP E 192 19.56 38.57 -14.91
CA TRP E 192 18.47 38.01 -15.71
C TRP E 192 18.88 37.98 -17.19
N GLY E 193 18.03 37.38 -18.00
CA GLY E 193 18.24 37.18 -19.42
C GLY E 193 16.99 36.58 -20.04
N THR E 194 17.11 36.13 -21.29
CA THR E 194 15.97 35.52 -21.93
C THR E 194 15.89 34.06 -21.51
N PHE E 195 14.69 33.48 -21.60
CA PHE E 195 14.51 32.08 -21.29
C PHE E 195 13.72 31.46 -22.44
N PRO E 196 14.16 30.33 -23.03
CA PRO E 196 15.35 29.51 -22.70
C PRO E 196 16.68 30.27 -22.83
N CYS E 197 17.72 29.85 -22.05
CA CYS E 197 19.06 30.45 -22.07
C CYS E 197 19.80 30.13 -23.35
N GLY E 198 20.88 30.88 -23.56
CA GLY E 198 21.80 30.65 -24.67
C GLY E 198 21.24 30.91 -26.04
N GLN E 199 20.33 31.87 -26.15
CA GLN E 199 19.77 32.23 -27.45
C GLN E 199 20.76 33.22 -28.05
N PRO E 200 21.31 32.98 -29.26
CA PRO E 200 22.29 33.94 -29.82
C PRO E 200 21.71 35.34 -29.98
N ASN E 201 22.52 36.35 -29.67
CA ASN E 201 22.18 37.78 -29.76
C ASN E 201 21.21 38.26 -28.69
N ASP E 202 20.93 37.44 -27.67
CA ASP E 202 20.13 37.83 -26.51
C ASP E 202 21.15 38.01 -25.39
N PRO E 203 21.59 39.24 -25.08
CA PRO E 203 22.62 39.38 -24.03
C PRO E 203 22.15 38.99 -22.64
N GLY E 204 23.10 38.64 -21.79
CA GLY E 204 22.86 38.38 -20.38
C GLY E 204 22.85 39.73 -19.69
N VAL E 205 22.01 39.92 -18.71
CA VAL E 205 21.94 41.15 -17.96
C VAL E 205 22.46 40.97 -16.54
N TYR E 206 23.32 41.88 -16.15
CA TYR E 206 24.02 41.88 -14.90
C TYR E 206 23.83 43.16 -14.12
N THR E 207 23.92 43.04 -12.81
CA THR E 207 23.90 44.18 -11.94
C THR E 207 25.30 44.82 -12.06
N GLN E 208 25.38 46.10 -12.40
CA GLN E 208 26.65 46.83 -12.57
C GLN E 208 27.25 47.28 -11.26
N VAL E 209 28.09 46.43 -10.70
CA VAL E 209 28.73 46.61 -9.41
C VAL E 209 29.40 47.95 -9.13
N CYS E 210 30.03 48.55 -10.14
CA CYS E 210 30.68 49.86 -10.03
C CYS E 210 29.74 51.03 -9.59
N LYS E 211 28.46 50.87 -9.79
CA LYS E 211 27.50 51.85 -9.44
C LYS E 211 26.98 51.66 -8.04
N PHE E 212 27.40 50.62 -7.35
CA PHE E 212 26.91 50.33 -6.01
C PHE E 212 27.93 50.26 -4.88
N THR E 213 29.16 50.63 -5.15
CA THR E 213 30.19 50.56 -4.13
C THR E 213 29.95 51.33 -2.84
N LYS E 214 29.32 52.50 -2.90
CA LYS E 214 29.02 53.25 -1.67
C LYS E 214 28.06 52.45 -0.78
N TRP E 215 26.94 51.90 -1.36
CA TRP E 215 25.97 51.10 -0.62
C TRP E 215 26.62 49.80 -0.09
N ILE E 216 27.46 49.12 -0.90
CA ILE E 216 28.13 47.89 -0.50
C ILE E 216 28.95 48.15 0.77
N ASN E 217 29.80 49.19 0.72
CA ASN E 217 30.67 49.59 1.81
C ASN E 217 29.91 50.08 3.03
N ASP E 218 28.90 50.94 2.85
CA ASP E 218 28.09 51.46 3.97
C ASP E 218 27.36 50.34 4.72
N THR E 219 26.77 49.37 3.98
CA THR E 219 25.97 48.26 4.51
C THR E 219 26.83 47.32 5.35
N MET E 220 28.03 47.02 4.87
CA MET E 220 28.98 46.17 5.60
C MET E 220 29.39 46.84 6.91
N LYS E 221 29.64 48.15 6.89
CA LYS E 221 30.02 48.95 8.06
C LYS E 221 28.85 49.08 9.07
N LYS E 222 27.61 49.27 8.59
CA LYS E 222 26.43 49.39 9.46
C LYS E 222 25.96 48.07 10.08
N HIS E 223 26.08 46.95 9.36
CA HIS E 223 25.63 45.66 9.92
C HIS E 223 26.77 44.73 10.32
N ARG E 224 27.98 45.26 10.53
CA ARG E 224 29.17 44.48 10.93
C ARG E 224 29.00 43.74 12.27
N ILE F 1 -31.59 -64.30 29.40
CA ILE F 1 -30.82 -63.61 30.48
C ILE F 1 -30.37 -64.63 31.56
N ILE F 2 -29.07 -64.70 31.85
CA ILE F 2 -28.49 -65.61 32.85
C ILE F 2 -28.26 -64.90 34.16
N ASP F 3 -28.75 -65.51 35.25
CA ASP F 3 -28.52 -65.12 36.65
C ASP F 3 -29.07 -63.73 36.98
N GLY F 4 -30.17 -63.37 36.33
CA GLY F 4 -30.86 -62.12 36.58
C GLY F 4 -32.11 -62.31 37.41
N ALA F 5 -33.13 -61.49 37.17
CA ALA F 5 -34.40 -61.56 37.88
C ALA F 5 -35.46 -60.93 36.99
N PRO F 6 -36.77 -61.17 37.25
CA PRO F 6 -37.82 -60.51 36.44
C PRO F 6 -37.75 -58.99 36.54
N CYS F 7 -37.89 -58.30 35.40
CA CYS F 7 -37.87 -56.84 35.38
C CYS F 7 -39.08 -56.31 36.12
N ALA F 8 -38.95 -55.14 36.78
CA ALA F 8 -40.08 -54.48 37.45
C ALA F 8 -41.12 -54.22 36.35
N ARG F 9 -42.38 -54.60 36.61
CA ARG F 9 -43.49 -54.44 35.65
C ARG F 9 -43.62 -52.98 35.15
N GLY F 10 -43.70 -52.79 33.83
CA GLY F 10 -43.83 -51.46 33.25
C GLY F 10 -42.57 -50.63 33.15
N SER F 11 -41.41 -51.16 33.59
CA SER F 11 -40.17 -50.40 33.54
C SER F 11 -39.39 -50.53 32.20
N HIS F 12 -39.86 -51.36 31.25
CA HIS F 12 -39.22 -51.53 29.93
C HIS F 12 -40.23 -51.30 28.77
N PRO F 13 -40.87 -50.10 28.71
CA PRO F 13 -41.88 -49.87 27.66
C PRO F 13 -41.33 -49.77 26.25
N TRP F 14 -39.99 -49.61 26.12
CA TRP F 14 -39.28 -49.51 24.83
C TRP F 14 -38.77 -50.86 24.33
N GLN F 15 -38.84 -51.90 25.16
CA GLN F 15 -38.42 -53.24 24.80
C GLN F 15 -39.47 -53.92 23.91
N VAL F 16 -39.01 -54.57 22.84
CA VAL F 16 -39.91 -55.32 21.98
C VAL F 16 -39.36 -56.73 21.83
N ALA F 17 -40.17 -57.63 21.29
CA ALA F 17 -39.71 -58.98 20.94
C ALA F 17 -40.01 -59.23 19.46
N LEU F 18 -39.06 -59.88 18.75
CA LEU F 18 -39.24 -60.25 17.36
C LEU F 18 -39.58 -61.71 17.38
N LEU F 19 -40.74 -62.04 16.82
CA LEU F 19 -41.23 -63.41 16.78
C LEU F 19 -41.26 -63.93 15.37
N SER F 20 -41.12 -65.24 15.23
CA SER F 20 -41.20 -65.97 13.96
C SER F 20 -42.00 -67.22 14.24
N GLY F 21 -43.19 -67.34 13.67
CA GLY F 21 -44.06 -68.49 13.95
C GLY F 21 -44.44 -68.60 15.43
N ASN F 22 -44.69 -67.44 16.05
CA ASN F 22 -45.06 -67.29 17.46
C ASN F 22 -43.96 -67.77 18.43
N GLN F 23 -42.73 -67.88 17.94
CA GLN F 23 -41.64 -68.25 18.82
C GLN F 23 -40.64 -67.10 18.91
N LEU F 24 -40.07 -66.90 20.07
CA LEU F 24 -39.11 -65.82 20.26
C LEU F 24 -37.90 -65.98 19.34
N HIS F 25 -37.64 -64.96 18.55
CA HIS F 25 -36.50 -64.97 17.65
C HIS F 25 -35.39 -64.06 18.20
N CYS F 26 -35.73 -62.84 18.64
CA CYS F 26 -34.75 -61.83 19.07
C CYS F 26 -35.44 -60.80 19.92
N GLY F 27 -34.63 -60.00 20.57
CA GLY F 27 -35.06 -58.79 21.27
C GLY F 27 -34.89 -57.59 20.34
N GLY F 28 -35.34 -56.46 20.80
CA GLY F 28 -35.26 -55.22 20.05
C GLY F 28 -35.72 -54.06 20.89
N VAL F 29 -35.61 -52.83 20.32
CA VAL F 29 -36.05 -51.60 20.96
C VAL F 29 -36.88 -50.77 20.06
N LEU F 30 -37.92 -50.11 20.60
CA LEU F 30 -38.71 -49.18 19.81
C LEU F 30 -37.97 -47.83 19.74
N VAL F 31 -37.56 -47.41 18.52
CA VAL F 31 -36.91 -46.12 18.28
C VAL F 31 -38.00 -45.03 18.18
N ASN F 32 -39.01 -45.31 17.39
CA ASN F 32 -40.17 -44.45 17.24
C ASN F 32 -41.36 -45.26 16.77
N GLU F 33 -42.49 -44.64 16.50
CA GLU F 33 -43.70 -45.35 16.07
C GLU F 33 -43.63 -46.26 14.84
N ARG F 34 -42.67 -46.06 13.97
CA ARG F 34 -42.49 -46.81 12.78
C ARG F 34 -41.27 -47.71 12.78
N TRP F 35 -40.32 -47.48 13.68
CA TRP F 35 -39.09 -48.24 13.68
C TRP F 35 -38.62 -48.95 14.94
N VAL F 36 -38.09 -50.15 14.73
CA VAL F 36 -37.50 -51.01 15.76
C VAL F 36 -36.04 -51.18 15.43
N LEU F 37 -35.17 -51.07 16.45
CA LEU F 37 -33.74 -51.29 16.28
C LEU F 37 -33.39 -52.62 16.92
N THR F 38 -32.59 -53.43 16.23
CA THR F 38 -32.19 -54.75 16.71
C THR F 38 -30.80 -55.12 16.12
N ALA F 39 -30.37 -56.38 16.31
CA ALA F 39 -29.11 -56.87 15.72
C ALA F 39 -29.33 -57.22 14.26
N ALA F 40 -28.30 -57.09 13.42
CA ALA F 40 -28.35 -57.54 12.02
C ALA F 40 -28.45 -59.08 11.96
N HIS F 41 -27.96 -59.78 13.00
N HIS F 41 -27.94 -59.78 13.00
CA HIS F 41 -28.01 -61.24 13.15
CA HIS F 41 -28.03 -61.24 13.16
C HIS F 41 -29.47 -61.74 13.15
C HIS F 41 -29.48 -61.71 13.07
N CYS F 42 -30.42 -60.85 13.52
CA CYS F 42 -31.86 -61.16 13.60
C CYS F 42 -32.63 -61.03 12.30
N LYS F 43 -31.93 -60.76 11.18
CA LYS F 43 -32.56 -60.61 9.86
C LYS F 43 -33.53 -61.75 9.46
N MET F 44 -34.73 -61.36 8.99
CA MET F 44 -35.77 -62.26 8.46
C MET F 44 -36.50 -61.51 7.35
N ASN F 45 -37.26 -62.22 6.52
CA ASN F 45 -38.07 -61.61 5.46
C ASN F 45 -39.29 -60.96 6.07
N GLU F 46 -39.83 -61.54 7.15
CA GLU F 46 -41.03 -61.04 7.85
C GLU F 46 -40.82 -61.17 9.36
N TYR F 47 -41.40 -60.23 10.15
CA TYR F 47 -41.32 -60.29 11.60
C TYR F 47 -42.69 -60.08 12.17
N THR F 48 -42.92 -60.62 13.37
CA THR F 48 -44.07 -60.29 14.18
C THR F 48 -43.43 -59.57 15.36
N VAL F 49 -43.83 -58.32 15.60
CA VAL F 49 -43.25 -57.52 16.67
C VAL F 49 -44.21 -57.48 17.87
N HIS F 50 -43.74 -57.94 19.03
CA HIS F 50 -44.51 -57.90 20.28
C HIS F 50 -44.14 -56.60 21.01
N LEU F 51 -45.13 -55.80 21.45
CA LEU F 51 -44.82 -54.57 22.20
C LEU F 51 -45.84 -54.40 23.36
N GLY F 52 -45.45 -53.66 24.40
CA GLY F 52 -46.36 -53.28 25.47
C GLY F 52 -46.73 -54.25 26.55
N SER F 53 -45.90 -55.27 26.77
CA SER F 53 -46.08 -56.22 27.87
C SER F 53 -44.77 -56.86 28.23
N ASP F 54 -44.57 -57.09 29.54
CA ASP F 54 -43.40 -57.80 30.05
C ASP F 54 -43.59 -59.31 29.88
N THR F 55 -44.83 -59.74 29.55
CA THR F 55 -45.21 -61.14 29.34
C THR F 55 -45.56 -61.36 27.88
N LEU F 56 -44.86 -62.31 27.23
CA LEU F 56 -45.13 -62.67 25.83
C LEU F 56 -46.45 -63.42 25.82
N GLY F 57 -47.32 -63.11 24.86
CA GLY F 57 -48.63 -63.74 24.82
C GLY F 57 -49.74 -62.97 25.51
N ASP F 58 -49.38 -61.99 26.39
CA ASP F 58 -50.36 -61.13 27.10
C ASP F 58 -51.31 -60.51 26.08
N ARG F 59 -52.62 -60.64 26.32
CA ARG F 59 -53.74 -60.11 25.53
C ARG F 59 -53.60 -58.60 25.27
N ARG F 60 -53.12 -57.84 26.26
CA ARG F 60 -52.96 -56.38 26.21
C ARG F 60 -51.78 -55.94 25.35
N ALA F 61 -50.91 -56.88 24.96
CA ALA F 61 -49.75 -56.52 24.13
C ALA F 61 -50.17 -56.18 22.70
N GLN F 62 -49.43 -55.27 22.07
CA GLN F 62 -49.67 -54.94 20.67
C GLN F 62 -48.81 -55.92 19.86
N ARG F 63 -49.31 -56.34 18.72
CA ARG F 63 -48.64 -57.25 17.84
C ARG F 63 -48.69 -56.62 16.47
N ILE F 64 -47.56 -56.21 15.94
CA ILE F 64 -47.44 -55.54 14.65
C ILE F 64 -46.48 -56.24 13.70
N LYS F 65 -46.94 -56.50 12.49
CA LYS F 65 -46.12 -57.16 11.50
C LYS F 65 -45.19 -56.17 10.86
N ALA F 66 -44.04 -56.66 10.42
CA ALA F 66 -43.03 -55.85 9.76
C ALA F 66 -42.51 -56.67 8.61
N SER F 67 -42.53 -56.09 7.39
CA SER F 67 -42.12 -56.72 6.12
C SER F 67 -40.87 -56.08 5.51
N LYS F 68 -40.33 -55.04 6.15
CA LYS F 68 -39.12 -54.34 5.67
C LYS F 68 -38.13 -54.21 6.78
N SER F 69 -36.84 -54.44 6.47
CA SER F 69 -35.73 -54.30 7.40
C SER F 69 -34.45 -54.01 6.64
N PHE F 70 -33.54 -53.25 7.32
CA PHE F 70 -32.32 -52.73 6.72
C PHE F 70 -31.15 -52.97 7.63
N ARG F 71 -30.24 -53.85 7.19
CA ARG F 71 -29.06 -54.15 8.00
C ARG F 71 -28.03 -53.07 7.74
N HIS F 72 -27.16 -52.79 8.72
CA HIS F 72 -26.06 -51.86 8.48
C HIS F 72 -25.20 -52.46 7.34
N PRO F 73 -24.93 -51.71 6.23
CA PRO F 73 -24.10 -52.26 5.11
C PRO F 73 -22.73 -52.83 5.52
N GLY F 74 -22.20 -52.38 6.65
CA GLY F 74 -20.90 -52.84 7.13
C GLY F 74 -20.96 -54.16 7.89
N TYR F 75 -22.14 -54.72 8.10
CA TYR F 75 -22.31 -55.93 8.86
C TYR F 75 -21.62 -57.10 8.25
N SER F 76 -20.94 -57.87 9.08
CA SER F 76 -20.31 -59.07 8.63
C SER F 76 -20.65 -60.25 9.52
N THR F 77 -20.99 -61.37 8.91
CA THR F 77 -21.29 -62.59 9.63
C THR F 77 -20.04 -63.31 10.17
N GLN F 78 -18.88 -62.94 9.67
CA GLN F 78 -17.63 -63.52 10.10
C GLN F 78 -17.10 -62.96 11.40
N THR F 79 -17.07 -61.66 11.54
CA THR F 79 -16.53 -61.06 12.75
C THR F 79 -17.52 -60.37 13.65
N HIS F 80 -18.78 -60.34 13.23
CA HIS F 80 -19.91 -59.70 13.90
C HIS F 80 -19.86 -58.20 14.02
N VAL F 81 -19.03 -57.57 13.22
CA VAL F 81 -18.91 -56.15 13.24
C VAL F 81 -20.15 -55.51 12.64
N ASN F 82 -20.52 -54.37 13.18
CA ASN F 82 -21.69 -53.56 12.73
C ASN F 82 -22.98 -54.33 12.80
N ASP F 83 -23.16 -55.00 13.95
CA ASP F 83 -24.34 -55.83 14.20
C ASP F 83 -25.54 -55.00 14.63
N LEU F 84 -26.17 -54.34 13.64
CA LEU F 84 -27.36 -53.55 13.87
C LEU F 84 -28.22 -53.47 12.63
N MET F 85 -29.53 -53.38 12.88
CA MET F 85 -30.53 -53.39 11.83
C MET F 85 -31.75 -52.62 12.25
N LEU F 86 -32.38 -51.94 11.28
CA LEU F 86 -33.63 -51.24 11.51
C LEU F 86 -34.76 -52.04 10.88
N VAL F 87 -35.84 -52.22 11.62
CA VAL F 87 -37.02 -52.97 11.20
C VAL F 87 -38.20 -51.97 11.09
N LYS F 88 -38.77 -51.90 9.88
CA LYS F 88 -39.88 -51.00 9.57
C LYS F 88 -41.23 -51.67 9.81
N LEU F 89 -41.97 -51.17 10.79
CA LEU F 89 -43.31 -51.65 11.15
C LEU F 89 -44.28 -51.36 10.03
N ASN F 90 -45.16 -52.29 9.73
CA ASN F 90 -46.13 -52.09 8.69
C ASN F 90 -47.15 -51.05 9.10
N SER F 91 -47.45 -50.95 10.38
CA SER F 91 -48.31 -49.90 10.88
C SER F 91 -47.69 -49.30 12.13
N GLN F 92 -48.03 -48.08 12.45
CA GLN F 92 -47.48 -47.39 13.60
C GLN F 92 -47.76 -48.04 14.93
N ALA F 93 -46.80 -47.98 15.83
CA ALA F 93 -47.01 -48.49 17.15
C ALA F 93 -47.81 -47.44 17.88
N ARG F 94 -48.73 -47.87 18.73
CA ARG F 94 -49.53 -46.94 19.48
C ARG F 94 -48.88 -46.66 20.83
N LEU F 95 -48.34 -45.47 20.97
CA LEU F 95 -47.70 -45.09 22.22
C LEU F 95 -48.73 -45.07 23.33
N SER F 96 -48.37 -45.61 24.48
CA SER F 96 -49.25 -45.78 25.63
C SER F 96 -48.40 -45.81 26.91
N SER F 97 -49.01 -46.13 28.04
CA SER F 97 -48.29 -46.29 29.30
C SER F 97 -47.28 -47.46 29.24
N MET F 98 -47.50 -48.47 28.34
CA MET F 98 -46.65 -49.67 28.23
C MET F 98 -45.78 -49.71 26.97
N VAL F 99 -45.94 -48.72 26.06
CA VAL F 99 -45.21 -48.58 24.79
C VAL F 99 -44.62 -47.15 24.71
N LYS F 100 -43.28 -47.07 24.70
CA LYS F 100 -42.55 -45.80 24.66
C LYS F 100 -41.31 -45.90 23.78
N LYS F 101 -40.87 -44.77 23.25
CA LYS F 101 -39.66 -44.66 22.45
C LYS F 101 -38.44 -44.74 23.41
N VAL F 102 -37.39 -45.48 23.00
CA VAL F 102 -36.14 -45.59 23.78
C VAL F 102 -35.41 -44.24 23.69
N ARG F 103 -34.56 -43.96 24.66
CA ARG F 103 -33.77 -42.73 24.60
C ARG F 103 -32.45 -43.13 23.96
N LEU F 104 -32.20 -42.66 22.73
CA LEU F 104 -30.95 -42.98 22.05
C LEU F 104 -29.78 -42.22 22.70
N PRO F 105 -28.53 -42.74 22.66
CA PRO F 105 -27.45 -42.05 23.37
C PRO F 105 -26.92 -40.84 22.61
N SER F 106 -26.36 -39.85 23.34
CA SER F 106 -25.67 -38.71 22.74
C SER F 106 -24.16 -38.97 22.87
N ARG F 107 -23.76 -39.57 23.99
CA ARG F 107 -22.36 -39.91 24.26
C ARG F 107 -22.26 -41.35 24.64
N CYS F 108 -21.04 -41.85 24.68
CA CYS F 108 -20.77 -43.20 25.08
C CYS F 108 -20.47 -43.26 26.56
N GLU F 109 -21.00 -44.23 27.28
CA GLU F 109 -20.73 -44.34 28.71
C GLU F 109 -19.41 -45.01 28.93
N PRO F 110 -18.70 -44.60 29.97
CA PRO F 110 -17.34 -45.17 30.13
C PRO F 110 -17.28 -46.54 30.85
N PRO F 111 -16.12 -47.25 30.83
CA PRO F 111 -16.02 -48.51 31.59
C PRO F 111 -16.28 -48.30 33.09
N GLY F 112 -16.87 -49.29 33.74
CA GLY F 112 -17.23 -49.20 35.14
C GLY F 112 -18.69 -48.82 35.37
N THR F 113 -19.38 -48.24 34.34
CA THR F 113 -20.80 -47.82 34.44
C THR F 113 -21.71 -49.04 34.65
N THR F 114 -22.64 -48.97 35.62
CA THR F 114 -23.63 -50.03 35.88
C THR F 114 -24.75 -49.87 34.85
N CYS F 115 -25.09 -50.97 34.20
CA CYS F 115 -26.11 -51.05 33.14
C CYS F 115 -27.07 -52.18 33.38
N THR F 116 -28.19 -52.19 32.67
CA THR F 116 -29.15 -53.29 32.76
C THR F 116 -29.39 -53.81 31.37
N VAL F 117 -29.32 -55.13 31.23
CA VAL F 117 -29.66 -55.81 29.96
C VAL F 117 -30.92 -56.64 30.24
N SER F 118 -31.86 -56.65 29.31
CA SER F 118 -33.13 -57.35 29.43
C SER F 118 -33.48 -58.17 28.21
N GLY F 119 -34.29 -59.21 28.41
CA GLY F 119 -34.72 -60.06 27.33
C GLY F 119 -35.51 -61.26 27.79
N TRP F 120 -36.10 -61.99 26.80
CA TRP F 120 -36.89 -63.20 27.04
C TRP F 120 -36.07 -64.42 26.63
N GLY F 121 -34.76 -64.24 26.45
CA GLY F 121 -33.89 -65.33 26.04
C GLY F 121 -33.73 -66.37 27.14
N THR F 122 -33.00 -67.45 26.85
CA THR F 122 -32.81 -68.53 27.83
C THR F 122 -32.11 -68.02 29.11
N THR F 123 -32.58 -68.54 30.24
CA THR F 123 -32.04 -68.21 31.55
C THR F 123 -31.03 -69.28 31.99
N THR F 124 -30.85 -70.34 31.17
CA THR F 124 -29.90 -71.43 31.43
C THR F 124 -29.11 -71.68 30.14
N SER F 125 -27.94 -72.37 30.24
CA SER F 125 -27.08 -72.72 29.10
C SER F 125 -26.13 -73.85 29.57
N PRO F 126 -25.84 -74.94 28.78
CA PRO F 126 -26.28 -75.23 27.40
C PRO F 126 -27.78 -75.52 27.23
N ASP F 127 -28.39 -76.17 28.20
CA ASP F 127 -29.81 -76.51 28.22
C ASP F 127 -30.64 -75.22 28.21
N VAL F 128 -31.69 -75.14 27.35
CA VAL F 128 -32.49 -73.91 27.24
C VAL F 128 -33.72 -73.91 28.15
N THR F 129 -33.99 -72.75 28.77
CA THR F 129 -35.15 -72.51 29.62
C THR F 129 -35.67 -71.12 29.27
N PHE F 130 -36.76 -71.04 28.52
CA PHE F 130 -37.32 -69.75 28.13
C PHE F 130 -38.34 -69.23 29.14
N PRO F 131 -38.18 -68.00 29.70
CA PRO F 131 -39.19 -67.49 30.63
C PRO F 131 -40.38 -66.81 29.88
N SER F 132 -41.49 -66.67 30.59
CA SER F 132 -42.68 -65.95 30.05
C SER F 132 -42.44 -64.47 30.22
N ASP F 133 -41.95 -64.12 31.45
CA ASP F 133 -41.69 -62.76 31.92
C ASP F 133 -40.33 -62.27 31.55
N LEU F 134 -40.27 -60.97 31.21
CA LEU F 134 -39.07 -60.28 30.82
C LEU F 134 -38.06 -60.27 31.98
N MET F 135 -36.84 -60.73 31.68
CA MET F 135 -35.78 -60.83 32.67
C MET F 135 -34.81 -59.69 32.51
N CYS F 136 -34.15 -59.29 33.61
CA CYS F 136 -33.21 -58.19 33.75
C CYS F 136 -31.96 -58.65 34.47
N VAL F 137 -30.81 -58.08 34.13
CA VAL F 137 -29.60 -58.33 34.87
C VAL F 137 -28.73 -57.06 34.87
N ASP F 138 -28.10 -56.73 36.00
CA ASP F 138 -27.24 -55.56 36.09
C ASP F 138 -25.83 -56.00 35.82
N VAL F 139 -25.19 -55.36 34.84
CA VAL F 139 -23.81 -55.68 34.45
C VAL F 139 -23.01 -54.37 34.41
N LYS F 140 -21.68 -54.44 34.38
CA LYS F 140 -20.88 -53.23 34.29
C LYS F 140 -20.14 -53.19 32.95
N LEU F 141 -19.90 -51.98 32.42
CA LEU F 141 -19.12 -51.82 31.19
C LEU F 141 -17.66 -52.15 31.44
N ILE F 142 -17.08 -52.96 30.57
CA ILE F 142 -15.71 -53.43 30.68
C ILE F 142 -14.89 -52.75 29.63
N SER F 143 -13.71 -52.23 30.00
CA SER F 143 -12.82 -51.56 29.07
C SER F 143 -12.45 -52.46 27.86
N PRO F 144 -12.24 -51.86 26.66
CA PRO F 144 -11.78 -52.67 25.51
C PRO F 144 -10.47 -53.43 25.81
N GLN F 145 -9.55 -52.80 26.59
CA GLN F 145 -8.26 -53.37 27.02
C GLN F 145 -8.48 -54.67 27.79
N ASP F 146 -9.41 -54.67 28.76
CA ASP F 146 -9.74 -55.86 29.56
C ASP F 146 -10.43 -56.95 28.75
N CYS F 147 -11.41 -56.55 27.92
CA CYS F 147 -12.19 -57.45 27.05
C CYS F 147 -11.28 -58.13 26.00
N THR F 148 -10.19 -57.46 25.57
CA THR F 148 -9.22 -57.95 24.59
C THR F 148 -8.42 -59.13 25.13
N LYS F 149 -8.22 -59.19 26.46
CA LYS F 149 -7.52 -60.28 27.13
C LYS F 149 -8.31 -61.58 26.93
N VAL F 150 -9.64 -61.45 26.73
CA VAL F 150 -10.54 -62.58 26.49
C VAL F 150 -10.74 -62.87 25.01
N TYR F 151 -11.09 -61.84 24.21
CA TYR F 151 -11.51 -62.04 22.84
C TYR F 151 -10.51 -61.65 21.75
N LYS F 152 -9.33 -61.15 22.14
CA LYS F 152 -8.23 -60.79 21.24
C LYS F 152 -8.66 -59.80 20.12
N ASP F 153 -8.31 -60.10 18.84
CA ASP F 153 -8.54 -59.23 17.68
C ASP F 153 -9.92 -59.31 17.06
N LEU F 154 -10.78 -60.18 17.60
CA LEU F 154 -12.17 -60.31 17.17
C LEU F 154 -12.98 -59.08 17.60
N LEU F 155 -12.48 -58.35 18.61
CA LEU F 155 -13.12 -57.18 19.16
C LEU F 155 -12.87 -55.93 18.32
N GLU F 156 -13.92 -55.22 17.96
CA GLU F 156 -13.75 -53.99 17.23
C GLU F 156 -14.13 -52.81 18.13
N ASN F 157 -13.81 -51.60 17.75
CA ASN F 157 -14.13 -50.48 18.62
C ASN F 157 -15.54 -49.96 18.65
N SER F 158 -16.41 -50.55 17.86
CA SER F 158 -17.82 -50.23 17.85
C SER F 158 -18.61 -51.33 18.58
N MET F 159 -17.89 -52.17 19.31
CA MET F 159 -18.40 -53.22 20.14
C MET F 159 -18.18 -52.83 21.59
N LEU F 160 -19.13 -53.14 22.43
CA LEU F 160 -19.08 -52.79 23.82
C LEU F 160 -19.18 -54.05 24.65
N CYS F 161 -18.31 -54.17 25.63
CA CYS F 161 -18.29 -55.32 26.50
C CYS F 161 -18.90 -55.06 27.87
N ALA F 162 -19.52 -56.07 28.49
CA ALA F 162 -20.14 -55.93 29.81
C ALA F 162 -20.24 -57.28 30.54
N GLY F 163 -20.23 -57.21 31.85
CA GLY F 163 -20.33 -58.36 32.73
C GLY F 163 -19.99 -57.96 34.14
N ILE F 164 -19.92 -58.95 35.05
CA ILE F 164 -19.57 -58.74 36.46
C ILE F 164 -18.44 -59.73 36.77
N PRO F 165 -17.29 -59.31 37.38
CA PRO F 165 -16.22 -60.30 37.62
C PRO F 165 -16.69 -61.45 38.52
N ASP F 166 -16.25 -62.66 38.20
CA ASP F 166 -16.54 -63.88 38.98
C ASP F 166 -18.05 -64.19 39.10
N SER F 167 -18.83 -63.72 38.13
CA SER F 167 -20.28 -63.90 38.14
C SER F 167 -20.75 -64.38 36.80
N LYS F 168 -21.82 -65.20 36.80
CA LYS F 168 -22.46 -65.75 35.61
C LYS F 168 -23.34 -64.72 34.86
N LYS F 169 -23.65 -63.59 35.50
CA LYS F 169 -24.56 -62.56 34.96
C LYS F 169 -24.25 -62.21 33.50
N ASN F 170 -25.23 -62.37 32.62
CA ASN F 170 -25.00 -62.15 31.19
C ASN F 170 -26.28 -62.32 30.38
N ALA F 171 -26.16 -62.08 29.09
CA ALA F 171 -27.24 -62.26 28.14
C ALA F 171 -26.96 -63.56 27.40
N CYS F 172 -27.98 -64.16 26.77
CA CYS F 172 -27.82 -65.44 26.09
C CYS F 172 -28.73 -65.47 24.87
N ASN F 173 -28.80 -66.62 24.18
CA ASN F 173 -29.63 -66.87 23.00
C ASN F 173 -31.08 -66.50 23.27
N GLY F 174 -31.61 -65.64 22.39
CA GLY F 174 -32.96 -65.12 22.45
C GLY F 174 -32.97 -63.66 22.88
N ASP F 175 -31.91 -63.22 23.59
CA ASP F 175 -31.75 -61.83 24.07
C ASP F 175 -31.15 -60.93 22.98
N SER F 176 -30.49 -61.55 21.95
CA SER F 176 -29.85 -60.91 20.79
C SER F 176 -30.69 -59.77 20.25
N GLY F 177 -30.06 -58.63 20.05
CA GLY F 177 -30.75 -57.46 19.52
C GLY F 177 -31.41 -56.62 20.59
N GLY F 178 -31.50 -57.16 21.80
CA GLY F 178 -32.13 -56.51 22.93
C GLY F 178 -31.30 -55.41 23.54
N PRO F 179 -31.89 -54.61 24.45
CA PRO F 179 -31.18 -53.45 24.96
C PRO F 179 -30.26 -53.60 26.17
N LEU F 180 -29.17 -52.81 26.15
CA LEU F 180 -28.26 -52.62 27.29
C LEU F 180 -28.43 -51.12 27.54
N VAL F 181 -29.05 -50.77 28.69
CA VAL F 181 -29.29 -49.37 29.04
CA VAL F 181 -29.35 -49.39 29.08
C VAL F 181 -28.47 -48.97 30.28
N CYS F 182 -27.83 -47.81 30.20
CA CYS F 182 -26.96 -47.22 31.22
C CYS F 182 -27.41 -45.80 31.41
N ARG F 183 -27.62 -45.38 32.66
CA ARG F 183 -27.97 -43.99 33.01
C ARG F 183 -29.14 -43.39 32.15
N GLY F 184 -30.19 -44.19 31.95
CA GLY F 184 -31.36 -43.80 31.19
C GLY F 184 -31.27 -43.83 29.67
N THR F 185 -30.10 -44.19 29.09
CA THR F 185 -29.97 -44.23 27.62
C THR F 185 -29.54 -45.60 27.11
N LEU F 186 -29.88 -45.86 25.87
CA LEU F 186 -29.56 -47.08 25.20
C LEU F 186 -28.10 -47.06 24.78
N GLN F 187 -27.30 -47.97 25.31
CA GLN F 187 -25.91 -48.01 24.98
C GLN F 187 -25.52 -49.24 24.17
N GLY F 188 -26.21 -50.33 24.34
CA GLY F 188 -25.87 -51.51 23.59
C GLY F 188 -27.01 -52.35 23.09
N LEU F 189 -26.69 -53.16 22.10
CA LEU F 189 -27.59 -54.17 21.57
C LEU F 189 -26.85 -55.48 21.77
N VAL F 190 -27.52 -56.51 22.36
CA VAL F 190 -26.93 -57.85 22.59
C VAL F 190 -26.44 -58.38 21.26
N SER F 191 -25.16 -58.73 21.17
CA SER F 191 -24.61 -59.21 19.89
C SER F 191 -24.05 -60.63 20.01
N TRP F 192 -23.06 -60.86 20.87
CA TRP F 192 -22.45 -62.20 21.00
C TRP F 192 -21.69 -62.34 22.31
N GLY F 193 -21.21 -63.54 22.57
CA GLY F 193 -20.44 -63.89 23.75
C GLY F 193 -19.97 -65.32 23.62
N THR F 194 -19.61 -65.93 24.74
CA THR F 194 -19.15 -67.31 24.72
C THR F 194 -20.34 -68.29 24.75
N PHE F 195 -20.12 -69.52 24.28
CA PHE F 195 -21.13 -70.53 24.34
C PHE F 195 -20.53 -71.77 25.01
N PRO F 196 -21.13 -72.35 26.07
CA PRO F 196 -22.37 -71.95 26.77
C PRO F 196 -22.28 -70.55 27.38
N CYS F 197 -23.43 -69.90 27.53
CA CYS F 197 -23.59 -68.56 28.13
C CYS F 197 -23.34 -68.66 29.61
N GLY F 198 -23.17 -67.49 30.22
CA GLY F 198 -23.03 -67.35 31.67
C GLY F 198 -21.75 -67.92 32.25
N GLN F 199 -20.65 -67.86 31.49
CA GLN F 199 -19.37 -68.32 32.03
C GLN F 199 -18.70 -67.14 32.76
N PRO F 200 -18.35 -67.29 34.06
CA PRO F 200 -17.73 -66.17 34.78
C PRO F 200 -16.43 -65.69 34.12
N ASN F 201 -16.26 -64.35 34.05
CA ASN F 201 -15.10 -63.64 33.49
C ASN F 201 -15.05 -63.69 31.93
N ASP F 202 -16.15 -64.16 31.28
CA ASP F 202 -16.32 -64.11 29.82
C ASP F 202 -17.33 -62.99 29.56
N PRO F 203 -16.89 -61.78 29.14
CA PRO F 203 -17.87 -60.69 28.94
C PRO F 203 -18.89 -60.90 27.82
N GLY F 204 -20.03 -60.26 27.94
CA GLY F 204 -21.02 -60.17 26.87
C GLY F 204 -20.58 -59.08 25.92
N VAL F 205 -20.76 -59.27 24.63
CA VAL F 205 -20.36 -58.28 23.65
C VAL F 205 -21.57 -57.67 22.99
N TYR F 206 -21.58 -56.36 22.96
CA TYR F 206 -22.68 -55.60 22.45
C TYR F 206 -22.34 -54.65 21.33
N THR F 207 -23.30 -54.30 20.51
CA THR F 207 -23.09 -53.34 19.47
C THR F 207 -23.20 -52.02 20.22
N GLN F 208 -22.19 -51.18 20.10
CA GLN F 208 -22.14 -49.89 20.77
C GLN F 208 -22.92 -48.82 20.01
N VAL F 209 -24.17 -48.61 20.42
CA VAL F 209 -25.12 -47.69 19.82
C VAL F 209 -24.70 -46.22 19.63
N CYS F 210 -23.83 -45.69 20.50
CA CYS F 210 -23.33 -44.33 20.39
C CYS F 210 -22.45 -44.05 19.16
N LYS F 211 -21.92 -45.08 18.53
CA LYS F 211 -21.12 -45.01 17.34
C LYS F 211 -21.96 -45.06 16.05
N PHE F 212 -23.25 -45.35 16.17
CA PHE F 212 -24.10 -45.48 14.99
C PHE F 212 -25.30 -44.57 14.88
N THR F 213 -25.32 -43.48 15.61
CA THR F 213 -26.47 -42.60 15.58
C THR F 213 -26.74 -41.89 14.26
N LYS F 214 -25.71 -41.61 13.51
CA LYS F 214 -25.90 -40.99 12.19
C LYS F 214 -26.57 -41.99 11.24
N TRP F 215 -26.11 -43.26 11.21
CA TRP F 215 -26.73 -44.26 10.34
C TRP F 215 -28.17 -44.51 10.75
N ILE F 216 -28.45 -44.63 12.06
CA ILE F 216 -29.82 -44.86 12.54
C ILE F 216 -30.78 -43.77 12.03
N ASN F 217 -30.42 -42.51 12.27
CA ASN F 217 -31.23 -41.35 11.88
C ASN F 217 -31.40 -41.22 10.38
N ASP F 218 -30.29 -41.37 9.59
CA ASP F 218 -30.34 -41.26 8.12
C ASP F 218 -31.24 -42.30 7.49
N THR F 219 -31.08 -43.59 7.90
CA THR F 219 -31.85 -44.75 7.40
C THR F 219 -33.35 -44.57 7.59
N MET F 220 -33.77 -44.11 8.80
CA MET F 220 -35.20 -43.87 9.09
C MET F 220 -35.74 -42.73 8.23
N LYS F 221 -34.94 -41.68 8.00
CA LYS F 221 -35.36 -40.57 7.14
C LYS F 221 -35.50 -41.01 5.66
N LYS F 222 -34.51 -41.75 5.12
CA LYS F 222 -34.53 -42.23 3.74
C LYS F 222 -35.63 -43.27 3.45
N HIS F 223 -35.85 -44.23 4.35
CA HIS F 223 -36.83 -45.30 4.10
C HIS F 223 -38.22 -45.09 4.73
N ARG F 224 -38.56 -43.85 5.14
CA ARG F 224 -39.87 -43.52 5.74
C ARG F 224 -40.95 -43.23 4.69
N ILE G 1 3.64 77.30 -5.17
CA ILE G 1 2.29 76.84 -5.49
C ILE G 1 1.70 77.80 -6.55
N ILE G 2 1.27 77.25 -7.70
CA ILE G 2 0.70 78.02 -8.81
C ILE G 2 -0.83 77.89 -8.77
N ASP G 3 -1.55 79.03 -8.94
CA ASP G 3 -3.01 79.15 -9.00
C ASP G 3 -3.71 78.66 -7.71
N GLY G 4 -3.05 78.87 -6.59
CA GLY G 4 -3.59 78.49 -5.30
C GLY G 4 -4.10 79.66 -4.48
N ALA G 5 -4.17 79.45 -3.17
CA ALA G 5 -4.64 80.46 -2.24
C ALA G 5 -3.97 80.20 -0.88
N PRO G 6 -3.82 81.21 0.03
CA PRO G 6 -3.19 80.93 1.34
C PRO G 6 -3.92 79.83 2.12
N CYS G 7 -3.17 78.96 2.82
CA CYS G 7 -3.75 77.88 3.61
C CYS G 7 -4.51 78.45 4.80
N ALA G 8 -5.55 77.71 5.29
CA ALA G 8 -6.31 78.12 6.49
C ALA G 8 -5.28 78.10 7.62
N ARG G 9 -5.29 79.13 8.45
CA ARG G 9 -4.32 79.29 9.54
C ARG G 9 -4.39 78.13 10.53
N GLY G 10 -3.23 77.52 10.79
CA GLY G 10 -3.11 76.39 11.69
C GLY G 10 -3.58 75.05 11.14
N SER G 11 -3.97 74.99 9.86
CA SER G 11 -4.43 73.74 9.24
C SER G 11 -3.30 72.81 8.70
N HIS G 12 -2.04 73.28 8.68
CA HIS G 12 -0.89 72.48 8.21
C HIS G 12 0.24 72.42 9.27
N PRO G 13 -0.03 71.84 10.48
CA PRO G 13 1.00 71.79 11.53
C PRO G 13 2.16 70.83 11.27
N TRP G 14 1.99 69.93 10.31
CA TRP G 14 3.00 68.95 9.94
C TRP G 14 3.90 69.49 8.83
N GLN G 15 3.57 70.66 8.29
CA GLN G 15 4.37 71.31 7.25
C GLN G 15 5.59 72.00 7.89
N VAL G 16 6.79 71.76 7.33
CA VAL G 16 8.04 72.38 7.75
C VAL G 16 8.70 73.04 6.50
N ALA G 17 9.62 73.98 6.72
CA ALA G 17 10.41 74.55 5.63
C ALA G 17 11.88 74.33 5.98
N LEU G 18 12.66 73.96 4.96
CA LEU G 18 14.10 73.79 5.06
C LEU G 18 14.73 75.08 4.57
N LEU G 19 15.47 75.74 5.45
CA LEU G 19 16.05 77.03 5.11
C LEU G 19 17.56 76.93 4.96
N SER G 20 18.11 77.76 4.07
CA SER G 20 19.53 77.93 3.85
C SER G 20 19.75 79.43 3.77
N GLY G 21 20.51 79.96 4.72
CA GLY G 21 20.81 81.38 4.84
C GLY G 21 19.58 82.27 4.94
N ASN G 22 18.60 81.86 5.78
CA ASN G 22 17.31 82.56 6.01
C ASN G 22 16.45 82.68 4.74
N GLN G 23 16.74 81.82 3.75
CA GLN G 23 16.02 81.76 2.48
C GLN G 23 15.42 80.37 2.35
N LEU G 24 14.25 80.28 1.71
CA LEU G 24 13.56 79.02 1.50
C LEU G 24 14.34 78.11 0.55
N HIS G 25 14.62 76.89 1.02
CA HIS G 25 15.32 75.92 0.21
C HIS G 25 14.32 74.88 -0.29
N CYS G 26 13.51 74.31 0.60
CA CYS G 26 12.59 73.23 0.23
C CYS G 26 11.49 73.16 1.27
N GLY G 27 10.42 72.45 0.93
CA GLY G 27 9.36 72.09 1.85
C GLY G 27 9.70 70.75 2.47
N GLY G 28 8.88 70.31 3.42
CA GLY G 28 9.05 69.03 4.10
C GLY G 28 7.91 68.76 5.05
N VAL G 29 7.91 67.57 5.67
CA VAL G 29 6.90 67.12 6.64
C VAL G 29 7.53 66.61 7.91
N LEU G 30 6.90 66.94 9.04
CA LEU G 30 7.33 66.41 10.30
C LEU G 30 6.77 64.97 10.45
N VAL G 31 7.68 63.99 10.59
CA VAL G 31 7.28 62.57 10.77
C VAL G 31 7.04 62.33 12.26
N ASN G 32 8.01 62.71 13.10
CA ASN G 32 7.96 62.62 14.57
C ASN G 32 8.84 63.74 15.13
N GLU G 33 9.00 63.83 16.46
CA GLU G 33 9.77 64.88 17.16
C GLU G 33 11.24 64.93 16.73
N ARG G 34 11.77 63.83 16.19
CA ARG G 34 13.17 63.71 15.76
C ARG G 34 13.41 63.75 14.24
N TRP G 35 12.38 63.46 13.40
CA TRP G 35 12.57 63.35 11.94
C TRP G 35 11.62 64.14 11.05
N VAL G 36 12.22 64.70 9.98
CA VAL G 36 11.58 65.43 8.90
C VAL G 36 11.75 64.60 7.60
N LEU G 37 10.66 64.44 6.81
CA LEU G 37 10.66 63.77 5.53
C LEU G 37 10.58 64.85 4.46
N THR G 38 11.41 64.74 3.41
CA THR G 38 11.48 65.69 2.30
C THR G 38 12.03 64.99 1.05
N ALA G 39 12.37 65.73 0.00
CA ALA G 39 12.94 65.15 -1.22
C ALA G 39 14.45 64.97 -1.07
N ALA G 40 15.00 63.92 -1.71
CA ALA G 40 16.44 63.66 -1.78
C ALA G 40 17.17 64.80 -2.54
N HIS G 41 16.43 65.50 -3.43
N HIS G 41 16.44 65.49 -3.44
CA HIS G 41 16.93 66.65 -4.21
CA HIS G 41 16.93 66.65 -4.21
C HIS G 41 17.27 67.85 -3.29
C HIS G 41 17.31 67.82 -3.27
N CYS G 42 16.69 67.87 -2.08
CA CYS G 42 16.87 68.93 -1.08
C CYS G 42 18.09 68.76 -0.17
N LYS G 43 18.92 67.73 -0.41
CA LYS G 43 20.15 67.43 0.34
C LYS G 43 21.09 68.64 0.53
N MET G 44 21.51 68.84 1.78
CA MET G 44 22.45 69.85 2.23
C MET G 44 23.24 69.22 3.37
N ASN G 45 24.39 69.82 3.75
CA ASN G 45 25.20 69.30 4.87
C ASN G 45 24.56 69.67 6.20
N GLU G 46 23.91 70.84 6.26
CA GLU G 46 23.23 71.39 7.44
C GLU G 46 21.90 71.97 6.97
N TYR G 47 20.89 71.98 7.86
CA TYR G 47 19.59 72.55 7.57
C TYR G 47 19.18 73.40 8.75
N THR G 48 18.29 74.36 8.50
CA THR G 48 17.60 75.16 9.50
C THR G 48 16.15 74.80 9.22
N VAL G 49 15.51 74.14 10.17
CA VAL G 49 14.13 73.73 9.97
C VAL G 49 13.18 74.72 10.61
N HIS G 50 12.33 75.34 9.79
CA HIS G 50 11.28 76.26 10.26
C HIS G 50 10.09 75.36 10.56
N LEU G 51 9.49 75.48 11.76
CA LEU G 51 8.31 74.68 12.13
C LEU G 51 7.35 75.58 12.87
N GLY G 52 6.07 75.22 12.85
CA GLY G 52 5.05 75.87 13.67
C GLY G 52 4.54 77.25 13.33
N SER G 53 4.45 77.57 12.03
CA SER G 53 3.87 78.83 11.56
C SER G 53 3.64 78.79 10.06
N ASP G 54 2.54 79.42 9.60
CA ASP G 54 2.19 79.51 8.18
C ASP G 54 2.96 80.63 7.52
N THR G 55 3.63 81.45 8.34
CA THR G 55 4.42 82.59 7.87
C THR G 55 5.90 82.37 8.09
N LEU G 56 6.69 82.36 7.00
CA LEU G 56 8.15 82.27 7.09
C LEU G 56 8.62 83.61 7.70
N GLY G 57 9.33 83.54 8.84
CA GLY G 57 9.83 84.73 9.55
C GLY G 57 9.06 85.11 10.81
N ASP G 58 8.04 84.29 11.15
CA ASP G 58 7.21 84.47 12.34
C ASP G 58 8.07 84.18 13.56
N ARG G 59 8.10 85.11 14.54
CA ARG G 59 8.89 84.95 15.76
C ARG G 59 8.40 83.75 16.58
N ARG G 60 7.08 83.46 16.51
CA ARG G 60 6.43 82.35 17.23
C ARG G 60 6.82 80.99 16.68
N ALA G 61 7.37 80.93 15.44
CA ALA G 61 7.82 79.68 14.82
C ALA G 61 9.07 79.14 15.52
N GLN G 62 9.24 77.80 15.47
CA GLN G 62 10.41 77.11 16.00
C GLN G 62 11.46 76.99 14.88
N ARG G 63 12.76 77.16 15.22
CA ARG G 63 13.87 77.02 14.27
C ARG G 63 14.85 76.00 14.85
N ILE G 64 14.93 74.80 14.22
CA ILE G 64 15.74 73.69 14.71
C ILE G 64 16.82 73.34 13.71
N LYS G 65 18.07 73.27 14.17
CA LYS G 65 19.20 72.90 13.33
C LYS G 65 19.19 71.41 13.07
N ALA G 66 19.59 71.01 11.87
CA ALA G 66 19.69 69.59 11.55
C ALA G 66 21.00 69.36 10.83
N SER G 67 21.85 68.49 11.38
CA SER G 67 23.19 68.25 10.80
C SER G 67 23.33 66.88 10.14
N LYS G 68 22.28 66.03 10.22
CA LYS G 68 22.29 64.68 9.65
C LYS G 68 21.10 64.47 8.73
N SER G 69 21.33 63.77 7.61
CA SER G 69 20.30 63.47 6.61
C SER G 69 20.67 62.25 5.79
N PHE G 70 19.66 61.49 5.40
CA PHE G 70 19.79 60.19 4.74
C PHE G 70 18.90 60.05 3.55
N ARG G 71 19.51 60.08 2.36
CA ARG G 71 18.79 59.93 1.10
C ARG G 71 18.53 58.48 0.84
N HIS G 72 17.42 58.18 0.16
CA HIS G 72 17.14 56.81 -0.22
C HIS G 72 18.29 56.35 -1.13
N PRO G 73 18.88 55.16 -0.85
CA PRO G 73 20.03 54.68 -1.64
C PRO G 73 19.77 54.53 -3.13
N GLY G 74 18.51 54.39 -3.51
CA GLY G 74 18.11 54.21 -4.90
C GLY G 74 17.88 55.51 -5.64
N TYR G 75 18.14 56.67 -4.98
CA TYR G 75 17.94 57.99 -5.56
C TYR G 75 18.84 58.27 -6.74
N SER G 76 18.25 58.77 -7.79
CA SER G 76 18.97 59.15 -8.98
C SER G 76 18.71 60.59 -9.29
N THR G 77 19.77 61.38 -9.39
CA THR G 77 19.69 62.79 -9.79
C THR G 77 19.37 62.88 -11.31
N GLN G 78 19.59 61.78 -12.07
CA GLN G 78 19.35 61.72 -13.53
C GLN G 78 17.86 61.54 -13.89
N THR G 79 17.18 60.58 -13.23
CA THR G 79 15.78 60.20 -13.48
C THR G 79 14.82 60.63 -12.37
N HIS G 80 15.35 61.07 -11.21
CA HIS G 80 14.59 61.52 -10.03
C HIS G 80 13.83 60.38 -9.33
N VAL G 81 14.16 59.12 -9.67
CA VAL G 81 13.58 57.93 -9.04
C VAL G 81 13.96 57.91 -7.53
N ASN G 82 13.05 57.45 -6.63
CA ASN G 82 13.29 57.36 -5.17
C ASN G 82 13.71 58.66 -4.55
N ASP G 83 12.94 59.73 -4.86
CA ASP G 83 13.27 61.08 -4.40
C ASP G 83 12.75 61.34 -3.00
N LEU G 84 13.42 60.78 -2.00
CA LEU G 84 13.06 60.97 -0.60
C LEU G 84 14.26 60.91 0.30
N MET G 85 14.15 61.63 1.40
CA MET G 85 15.27 61.74 2.34
C MET G 85 14.73 62.02 3.73
N LEU G 86 15.43 61.47 4.74
CA LEU G 86 15.09 61.74 6.13
C LEU G 86 16.10 62.68 6.72
N VAL G 87 15.62 63.77 7.31
CA VAL G 87 16.44 64.80 7.93
C VAL G 87 16.30 64.64 9.43
N LYS G 88 17.42 64.38 10.12
CA LYS G 88 17.46 64.17 11.55
C LYS G 88 17.67 65.50 12.31
N LEU G 89 16.64 65.96 13.05
CA LEU G 89 16.71 67.20 13.85
C LEU G 89 17.70 67.00 15.01
N ASN G 90 18.58 67.98 15.26
CA ASN G 90 19.59 67.98 16.34
C ASN G 90 18.94 67.94 17.73
N SER G 91 17.79 68.61 17.89
CA SER G 91 17.00 68.59 19.13
C SER G 91 15.54 68.31 18.77
N GLN G 92 14.78 67.68 19.69
CA GLN G 92 13.39 67.34 19.42
C GLN G 92 12.49 68.56 19.19
N ALA G 93 11.54 68.42 18.24
CA ALA G 93 10.55 69.45 17.96
C ALA G 93 9.55 69.44 19.11
N ARG G 94 9.16 70.63 19.58
CA ARG G 94 8.18 70.73 20.66
C ARG G 94 6.81 70.63 19.98
N LEU G 95 6.03 69.62 20.34
CA LEU G 95 4.71 69.47 19.73
C LEU G 95 3.74 70.46 20.39
N SER G 96 2.89 71.10 19.58
CA SER G 96 1.91 72.10 20.01
C SER G 96 0.71 72.07 19.06
N SER G 97 -0.20 73.07 19.17
CA SER G 97 -1.36 73.18 18.27
C SER G 97 -0.90 73.52 16.83
N MET G 98 0.34 74.07 16.70
CA MET G 98 0.96 74.48 15.43
C MET G 98 2.05 73.53 14.93
N VAL G 99 2.48 72.57 15.77
CA VAL G 99 3.52 71.59 15.41
C VAL G 99 2.97 70.19 15.70
N LYS G 100 2.56 69.45 14.64
CA LYS G 100 2.00 68.09 14.80
C LYS G 100 2.62 67.12 13.78
N LYS G 101 2.59 65.80 14.10
CA LYS G 101 3.10 64.76 13.22
C LYS G 101 2.13 64.54 12.07
N VAL G 102 2.66 64.22 10.88
CA VAL G 102 1.84 63.88 9.72
C VAL G 102 1.32 62.45 9.89
N ARG G 103 0.23 62.13 9.19
CA ARG G 103 -0.29 60.78 9.19
C ARG G 103 0.32 60.11 7.94
N LEU G 104 1.17 59.10 8.16
CA LEU G 104 1.77 58.36 7.05
C LEU G 104 0.74 57.36 6.54
N PRO G 105 0.77 57.05 5.27
CA PRO G 105 -0.27 56.17 4.77
C PRO G 105 -0.01 54.71 4.97
N SER G 106 -1.06 53.93 4.85
CA SER G 106 -0.96 52.51 4.89
C SER G 106 -1.32 51.99 3.51
N ARG G 107 -2.18 52.70 2.81
CA ARG G 107 -2.63 52.33 1.50
C ARG G 107 -2.37 53.45 0.51
N CYS G 108 -2.42 53.16 -0.77
CA CYS G 108 -2.25 54.15 -1.80
C CYS G 108 -3.58 54.68 -2.31
N GLU G 109 -3.81 55.98 -2.27
CA GLU G 109 -5.06 56.53 -2.76
C GLU G 109 -5.14 56.35 -4.24
N PRO G 110 -6.34 56.11 -4.75
CA PRO G 110 -6.47 55.82 -6.19
C PRO G 110 -6.50 57.05 -7.10
N PRO G 111 -6.37 56.90 -8.44
CA PRO G 111 -6.57 58.07 -9.33
C PRO G 111 -7.98 58.67 -9.16
N GLY G 112 -8.10 59.99 -9.32
CA GLY G 112 -9.35 60.70 -9.17
C GLY G 112 -9.54 61.32 -7.80
N THR G 113 -8.74 60.88 -6.80
CA THR G 113 -8.77 61.38 -5.42
C THR G 113 -8.31 62.84 -5.38
N THR G 114 -9.14 63.72 -4.78
CA THR G 114 -8.81 65.13 -4.58
C THR G 114 -7.84 65.20 -3.42
N CYS G 115 -6.77 65.97 -3.60
CA CYS G 115 -5.67 66.15 -2.66
C CYS G 115 -5.34 67.62 -2.51
N THR G 116 -4.51 67.94 -1.51
CA THR G 116 -4.03 69.29 -1.30
C THR G 116 -2.50 69.28 -1.23
N VAL G 117 -1.87 70.14 -2.02
CA VAL G 117 -0.43 70.30 -1.98
C VAL G 117 -0.21 71.70 -1.41
N SER G 118 0.80 71.85 -0.55
CA SER G 118 1.10 73.14 0.08
C SER G 118 2.62 73.44 0.07
N GLY G 119 2.95 74.73 0.17
CA GLY G 119 4.32 75.21 0.20
C GLY G 119 4.49 76.71 0.05
N TRP G 120 5.73 77.18 0.27
CA TRP G 120 6.13 78.58 0.16
C TRP G 120 6.90 78.84 -1.17
N GLY G 121 6.81 77.89 -2.10
CA GLY G 121 7.47 78.01 -3.39
C GLY G 121 6.84 79.11 -4.20
N THR G 122 7.48 79.47 -5.33
CA THR G 122 7.03 80.54 -6.21
C THR G 122 5.57 80.32 -6.66
N THR G 123 4.82 81.43 -6.71
CA THR G 123 3.43 81.48 -7.13
C THR G 123 3.34 81.86 -8.61
N THR G 124 4.49 82.15 -9.23
CA THR G 124 4.59 82.50 -10.66
C THR G 124 5.74 81.74 -11.32
N SER G 125 5.67 81.57 -12.65
CA SER G 125 6.71 80.87 -13.41
C SER G 125 6.64 81.35 -14.84
N PRO G 126 7.78 81.64 -15.53
CA PRO G 126 9.19 81.51 -15.09
C PRO G 126 9.67 82.57 -14.06
N ASP G 127 9.12 83.79 -14.14
CA ASP G 127 9.39 84.91 -13.22
C ASP G 127 9.00 84.47 -11.81
N VAL G 128 9.85 84.70 -10.80
CA VAL G 128 9.57 84.19 -9.45
C VAL G 128 8.87 85.22 -8.55
N THR G 129 8.01 84.71 -7.63
CA THR G 129 7.26 85.44 -6.61
C THR G 129 7.15 84.50 -5.41
N PHE G 130 8.01 84.69 -4.40
CA PHE G 130 8.00 83.83 -3.23
C PHE G 130 7.12 84.43 -2.11
N PRO G 131 6.06 83.73 -1.70
CA PRO G 131 5.20 84.28 -0.64
C PRO G 131 5.73 84.05 0.78
N SER G 132 5.29 84.89 1.74
CA SER G 132 5.66 84.71 3.14
C SER G 132 4.71 83.71 3.78
N ASP G 133 3.44 83.72 3.30
CA ASP G 133 2.35 82.84 3.74
C ASP G 133 2.29 81.54 2.98
N LEU G 134 2.04 80.43 3.71
CA LEU G 134 1.90 79.07 3.19
C LEU G 134 0.72 79.02 2.22
N MET G 135 0.97 78.54 0.99
CA MET G 135 -0.02 78.45 -0.09
C MET G 135 -0.50 77.03 -0.26
N CYS G 136 -1.75 76.89 -0.63
CA CYS G 136 -2.45 75.62 -0.80
C CYS G 136 -3.08 75.59 -2.19
N VAL G 137 -3.16 74.40 -2.81
CA VAL G 137 -3.91 74.20 -4.05
C VAL G 137 -4.49 72.77 -4.08
N ASP G 138 -5.72 72.62 -4.55
CA ASP G 138 -6.35 71.31 -4.67
C ASP G 138 -6.14 70.74 -6.05
N VAL G 139 -5.63 69.51 -6.09
CA VAL G 139 -5.35 68.78 -7.34
C VAL G 139 -5.89 67.35 -7.19
N LYS G 140 -6.07 66.64 -8.30
CA LYS G 140 -6.57 65.27 -8.26
C LYS G 140 -5.49 64.33 -8.72
N LEU G 141 -5.46 63.10 -8.15
CA LEU G 141 -4.47 62.10 -8.56
C LEU G 141 -4.79 61.65 -9.98
N ILE G 142 -3.76 61.65 -10.82
CA ILE G 142 -3.86 61.29 -12.24
C ILE G 142 -3.32 59.85 -12.41
N SER G 143 -4.02 59.03 -13.18
CA SER G 143 -3.60 57.64 -13.40
C SER G 143 -2.19 57.52 -14.05
N PRO G 144 -1.42 56.45 -13.74
CA PRO G 144 -0.13 56.25 -14.43
C PRO G 144 -0.27 56.17 -15.94
N GLN G 145 -1.38 55.60 -16.48
CA GLN G 145 -1.62 55.52 -17.92
C GLN G 145 -1.75 56.93 -18.52
N ASP G 146 -2.49 57.84 -17.84
CA ASP G 146 -2.65 59.23 -18.30
C ASP G 146 -1.37 60.06 -18.21
N CYS G 147 -0.63 59.92 -17.12
CA CYS G 147 0.62 60.64 -16.87
C CYS G 147 1.75 60.12 -17.78
N THR G 148 1.71 58.83 -18.15
CA THR G 148 2.69 58.23 -19.08
C THR G 148 2.56 58.83 -20.51
N LYS G 149 1.36 59.32 -20.86
CA LYS G 149 1.16 59.98 -22.16
C LYS G 149 2.00 61.28 -22.24
N VAL G 150 2.31 61.88 -21.07
CA VAL G 150 3.09 63.12 -20.97
C VAL G 150 4.61 62.87 -20.79
N TYR G 151 4.99 62.07 -19.79
CA TYR G 151 6.40 61.88 -19.41
C TYR G 151 7.04 60.60 -19.93
N LYS G 152 6.26 59.73 -20.58
CA LYS G 152 6.75 58.50 -21.20
C LYS G 152 7.53 57.63 -20.23
N ASP G 153 8.72 57.14 -20.63
CA ASP G 153 9.59 56.26 -19.84
C ASP G 153 10.22 56.93 -18.62
N LEU G 154 10.21 58.27 -18.49
CA LEU G 154 10.75 58.94 -17.30
C LEU G 154 9.98 58.58 -15.99
N LEU G 155 8.67 58.32 -16.13
CA LEU G 155 7.78 57.98 -15.03
C LEU G 155 7.97 56.55 -14.50
N GLU G 156 8.13 56.41 -13.20
CA GLU G 156 8.28 55.12 -12.57
C GLU G 156 7.11 54.82 -11.68
N ASN G 157 6.97 53.59 -11.28
CA ASN G 157 5.84 53.19 -10.45
C ASN G 157 5.79 53.67 -8.98
N SER G 158 6.83 54.29 -8.50
CA SER G 158 6.84 54.84 -7.17
C SER G 158 6.69 56.36 -7.25
N MET G 159 6.31 56.85 -8.42
CA MET G 159 6.04 58.26 -8.65
C MET G 159 4.53 58.45 -8.79
N LEU G 160 3.99 59.47 -8.17
CA LEU G 160 2.59 59.75 -8.24
C LEU G 160 2.36 61.05 -9.00
N CYS G 161 1.36 61.11 -9.86
CA CYS G 161 1.07 62.32 -10.63
C CYS G 161 -0.22 63.00 -10.17
N ALA G 162 -0.24 64.32 -10.18
CA ALA G 162 -1.41 65.08 -9.75
C ALA G 162 -1.52 66.43 -10.47
N GLY G 163 -2.75 66.86 -10.66
CA GLY G 163 -3.10 68.11 -11.33
C GLY G 163 -4.60 68.18 -11.57
N ILE G 164 -5.03 69.21 -12.30
CA ILE G 164 -6.45 69.45 -12.68
C ILE G 164 -6.43 69.58 -14.22
N PRO G 165 -7.38 68.96 -14.97
CA PRO G 165 -7.35 69.11 -16.44
C PRO G 165 -7.48 70.58 -16.87
N ASP G 166 -6.67 70.98 -17.87
CA ASP G 166 -6.64 72.34 -18.45
C ASP G 166 -6.50 73.44 -17.41
N SER G 167 -5.69 73.19 -16.38
CA SER G 167 -5.47 74.09 -15.27
C SER G 167 -3.99 74.24 -14.94
N LYS G 168 -3.62 75.44 -14.46
CA LYS G 168 -2.26 75.82 -14.07
C LYS G 168 -1.98 75.39 -12.63
N LYS G 169 -3.01 74.94 -11.89
CA LYS G 169 -2.93 74.49 -10.50
C LYS G 169 -1.85 73.45 -10.34
N ASN G 170 -0.72 73.85 -9.74
CA ASN G 170 0.44 72.98 -9.59
C ASN G 170 1.42 73.45 -8.51
N ALA G 171 2.45 72.63 -8.24
CA ALA G 171 3.55 72.96 -7.33
C ALA G 171 4.65 73.52 -8.21
N CYS G 172 5.60 74.26 -7.63
CA CYS G 172 6.70 74.84 -8.38
C CYS G 172 7.98 74.83 -7.53
N ASN G 173 9.03 75.52 -7.98
CA ASN G 173 10.31 75.63 -7.31
C ASN G 173 10.12 76.26 -5.93
N GLY G 174 10.66 75.58 -4.92
CA GLY G 174 10.57 75.97 -3.53
C GLY G 174 9.61 75.08 -2.77
N ASP G 175 8.67 74.43 -3.50
CA ASP G 175 7.68 73.50 -2.91
C ASP G 175 8.25 72.09 -2.75
N SER G 176 9.36 71.78 -3.44
CA SER G 176 10.08 70.50 -3.45
C SER G 176 10.19 69.90 -2.06
N GLY G 177 9.80 68.63 -1.94
CA GLY G 177 9.85 67.92 -0.69
C GLY G 177 8.62 68.12 0.19
N GLY G 178 7.76 69.07 -0.19
CA GLY G 178 6.52 69.39 0.49
C GLY G 178 5.43 68.34 0.36
N PRO G 179 4.41 68.43 1.25
CA PRO G 179 3.36 67.40 1.28
C PRO G 179 2.19 67.51 0.30
N LEU G 180 1.79 66.37 -0.26
CA LEU G 180 0.58 66.19 -1.07
C LEU G 180 -0.23 65.24 -0.16
N VAL G 181 -1.26 65.79 0.49
CA VAL G 181 -2.08 65.05 1.44
C VAL G 181 -3.49 64.76 0.85
N CYS G 182 -3.95 63.50 0.98
CA CYS G 182 -5.24 63.01 0.46
C CYS G 182 -5.97 62.24 1.54
N ARG G 183 -7.22 62.64 1.83
CA ARG G 183 -8.08 61.97 2.79
C ARG G 183 -7.41 61.71 4.16
N GLY G 184 -6.75 62.74 4.68
CA GLY G 184 -6.08 62.67 5.98
C GLY G 184 -4.69 62.06 6.04
N THR G 185 -4.14 61.51 4.92
CA THR G 185 -2.80 60.92 4.94
C THR G 185 -1.84 61.57 3.94
N LEU G 186 -0.56 61.46 4.20
CA LEU G 186 0.47 61.94 3.30
C LEU G 186 0.62 60.94 2.18
N GLN G 187 0.36 61.36 0.97
CA GLN G 187 0.49 60.48 -0.17
C GLN G 187 1.67 60.86 -1.07
N GLY G 188 2.08 62.09 -1.07
CA GLY G 188 3.17 62.48 -1.91
C GLY G 188 4.11 63.53 -1.41
N LEU G 189 5.28 63.57 -2.01
CA LEU G 189 6.28 64.60 -1.71
C LEU G 189 6.57 65.27 -3.03
N VAL G 190 6.49 66.63 -3.10
CA VAL G 190 6.76 67.38 -4.32
C VAL G 190 8.14 66.96 -4.88
N SER G 191 8.19 66.53 -6.13
CA SER G 191 9.45 66.05 -6.68
C SER G 191 9.88 66.80 -7.95
N TRP G 192 9.10 66.70 -9.03
CA TRP G 192 9.46 67.39 -10.28
C TRP G 192 8.22 67.61 -11.12
N GLY G 193 8.41 68.36 -12.21
CA GLY G 193 7.37 68.66 -13.19
C GLY G 193 7.98 69.42 -14.34
N THR G 194 7.14 70.05 -15.16
CA THR G 194 7.69 70.78 -16.31
C THR G 194 8.17 72.16 -15.90
N PHE G 195 9.01 72.75 -16.74
CA PHE G 195 9.48 74.09 -16.52
C PHE G 195 9.30 74.87 -17.81
N PRO G 196 8.62 76.04 -17.79
CA PRO G 196 8.00 76.73 -16.64
C PRO G 196 6.88 75.92 -15.95
N CYS G 197 6.64 76.15 -14.65
CA CYS G 197 5.59 75.49 -13.86
C CYS G 197 4.20 75.89 -14.31
N GLY G 198 3.21 75.11 -13.88
CA GLY G 198 1.81 75.42 -14.13
C GLY G 198 1.40 75.44 -15.57
N GLN G 199 1.93 74.50 -16.36
CA GLN G 199 1.52 74.41 -17.75
C GLN G 199 0.29 73.51 -17.74
N PRO G 200 -0.87 73.96 -18.31
CA PRO G 200 -2.06 73.10 -18.28
C PRO G 200 -1.81 71.78 -18.96
N ASN G 201 -2.31 70.69 -18.36
CA ASN G 201 -2.19 69.30 -18.83
C ASN G 201 -0.80 68.71 -18.64
N ASP G 202 0.07 69.38 -17.88
CA ASP G 202 1.38 68.83 -17.53
C ASP G 202 1.32 68.52 -16.04
N PRO G 203 1.05 67.26 -15.65
CA PRO G 203 0.93 66.95 -14.21
C PRO G 203 2.20 67.20 -13.39
N GLY G 204 1.99 67.48 -12.11
CA GLY G 204 3.07 67.55 -11.14
C GLY G 204 3.40 66.11 -10.77
N VAL G 205 4.67 65.83 -10.54
CA VAL G 205 5.12 64.50 -10.18
C VAL G 205 5.61 64.49 -8.76
N TYR G 206 5.18 63.48 -8.02
CA TYR G 206 5.46 63.35 -6.61
C TYR G 206 6.03 62.00 -6.24
N THR G 207 6.73 61.94 -5.13
CA THR G 207 7.23 60.68 -4.63
C THR G 207 6.05 59.98 -3.93
N GLN G 208 5.68 58.79 -4.35
CA GLN G 208 4.57 58.05 -3.75
C GLN G 208 4.94 57.41 -2.43
N VAL G 209 4.66 58.14 -1.36
CA VAL G 209 4.95 57.79 0.01
C VAL G 209 4.53 56.40 0.46
N CYS G 210 3.40 55.90 -0.04
CA CYS G 210 2.89 54.56 0.31
C CYS G 210 3.80 53.39 -0.09
N LYS G 211 4.69 53.58 -1.05
CA LYS G 211 5.64 52.60 -1.47
C LYS G 211 6.97 52.66 -0.68
N PHE G 212 7.11 53.57 0.28
CA PHE G 212 8.38 53.69 1.02
C PHE G 212 8.34 53.58 2.55
N THR G 213 7.23 53.15 3.09
CA THR G 213 7.05 52.99 4.53
C THR G 213 8.06 52.07 5.27
N LYS G 214 8.44 50.97 4.66
CA LYS G 214 9.44 50.08 5.26
C LYS G 214 10.78 50.86 5.39
N TRP G 215 11.22 51.51 4.30
CA TRP G 215 12.46 52.29 4.32
C TRP G 215 12.38 53.46 5.27
N ILE G 216 11.25 54.20 5.32
CA ILE G 216 11.12 55.34 6.25
C ILE G 216 11.28 54.85 7.70
N ASN G 217 10.49 53.84 8.10
CA ASN G 217 10.51 53.27 9.45
C ASN G 217 11.86 52.68 9.81
N ASP G 218 12.44 51.83 8.91
CA ASP G 218 13.75 51.19 9.10
C ASP G 218 14.87 52.20 9.32
N THR G 219 14.94 53.28 8.49
CA THR G 219 15.97 54.33 8.57
C THR G 219 15.92 55.14 9.87
N MET G 220 14.72 55.46 10.36
CA MET G 220 14.55 56.17 11.62
C MET G 220 15.03 55.29 12.78
N LYS G 221 14.73 53.98 12.74
CA LYS G 221 15.15 53.02 13.75
C LYS G 221 16.67 52.82 13.72
N LYS G 222 17.27 52.69 12.51
CA LYS G 222 18.72 52.53 12.31
C LYS G 222 19.55 53.73 12.81
N HIS G 223 19.04 54.96 12.64
CA HIS G 223 19.76 56.19 13.01
C HIS G 223 19.15 56.94 14.20
N ARG G 224 18.48 56.23 15.13
CA ARG G 224 17.88 56.81 16.33
C ARG G 224 18.95 57.02 17.40
N ILE H 1 0.78 -41.14 -10.08
CA ILE H 1 1.29 -42.46 -10.48
C ILE H 1 2.82 -42.39 -10.53
N ILE H 2 3.50 -43.22 -9.73
CA ILE H 2 4.96 -43.28 -9.65
C ILE H 2 5.49 -44.34 -10.62
N ASP H 3 6.55 -43.98 -11.39
CA ASP H 3 7.30 -44.82 -12.34
C ASP H 3 6.40 -45.45 -13.42
N GLY H 4 5.46 -44.66 -13.93
CA GLY H 4 4.56 -45.07 -14.99
C GLY H 4 4.85 -44.34 -16.30
N ALA H 5 3.84 -44.29 -17.18
CA ALA H 5 3.92 -43.66 -18.50
C ALA H 5 2.52 -43.19 -18.92
N PRO H 6 2.38 -42.20 -19.84
CA PRO H 6 1.02 -41.79 -20.27
C PRO H 6 0.18 -42.95 -20.78
N CYS H 7 -1.12 -42.98 -20.45
CA CYS H 7 -2.02 -44.02 -20.93
C CYS H 7 -2.24 -43.81 -22.42
N ALA H 8 -2.47 -44.91 -23.18
CA ALA H 8 -2.77 -44.82 -24.63
C ALA H 8 -4.07 -44.05 -24.76
N ARG H 9 -4.11 -43.11 -25.71
CA ARG H 9 -5.28 -42.25 -25.94
C ARG H 9 -6.58 -43.03 -26.15
N GLY H 10 -7.64 -42.61 -25.47
CA GLY H 10 -8.96 -43.21 -25.59
C GLY H 10 -9.15 -44.60 -24.98
N SER H 11 -8.13 -45.10 -24.24
CA SER H 11 -8.17 -46.43 -23.60
C SER H 11 -8.78 -46.45 -22.18
N HIS H 12 -8.97 -45.27 -21.56
CA HIS H 12 -9.61 -45.18 -20.23
C HIS H 12 -10.86 -44.26 -20.31
N PRO H 13 -11.90 -44.65 -21.09
CA PRO H 13 -13.07 -43.77 -21.22
C PRO H 13 -13.99 -43.76 -20.00
N TRP H 14 -13.70 -44.64 -19.03
CA TRP H 14 -14.44 -44.76 -17.78
C TRP H 14 -13.79 -43.93 -16.67
N GLN H 15 -12.51 -43.53 -16.86
CA GLN H 15 -11.76 -42.74 -15.90
C GLN H 15 -12.30 -41.29 -15.85
N VAL H 16 -12.52 -40.79 -14.63
CA VAL H 16 -12.94 -39.41 -14.41
C VAL H 16 -11.98 -38.74 -13.44
N ALA H 17 -12.09 -37.44 -13.32
CA ALA H 17 -11.31 -36.72 -12.36
C ALA H 17 -12.24 -35.84 -11.57
N LEU H 18 -11.96 -35.72 -10.30
CA LEU H 18 -12.75 -34.89 -9.42
C LEU H 18 -11.93 -33.64 -9.13
N LEU H 19 -12.50 -32.51 -9.43
CA LEU H 19 -11.81 -31.28 -9.22
C LEU H 19 -12.47 -30.40 -8.22
N SER H 20 -11.64 -29.58 -7.63
CA SER H 20 -12.02 -28.61 -6.64
C SER H 20 -11.24 -27.37 -6.92
N GLY H 21 -11.93 -26.31 -7.31
CA GLY H 21 -11.32 -25.04 -7.65
C GLY H 21 -10.36 -25.14 -8.80
N ASN H 22 -10.73 -25.95 -9.79
CA ASN H 22 -9.95 -26.23 -10.98
C ASN H 22 -8.59 -26.90 -10.75
N GLN H 23 -8.47 -27.61 -9.64
CA GLN H 23 -7.28 -28.32 -9.26
C GLN H 23 -7.70 -29.74 -8.99
N LEU H 24 -6.83 -30.67 -9.28
CA LEU H 24 -7.13 -32.06 -9.10
C LEU H 24 -7.35 -32.43 -7.65
N HIS H 25 -8.49 -33.05 -7.40
CA HIS H 25 -8.80 -33.51 -6.06
C HIS H 25 -8.63 -35.03 -5.91
N CYS H 26 -9.30 -35.81 -6.74
CA CYS H 26 -9.25 -37.27 -6.71
C CYS H 26 -9.61 -37.89 -8.06
N GLY H 27 -9.27 -39.15 -8.24
CA GLY H 27 -9.67 -39.90 -9.39
C GLY H 27 -11.02 -40.54 -9.12
N GLY H 28 -11.55 -41.23 -10.11
CA GLY H 28 -12.85 -41.87 -10.00
C GLY H 28 -13.21 -42.62 -11.27
N VAL H 29 -14.34 -43.34 -11.26
CA VAL H 29 -14.84 -44.12 -12.41
C VAL H 29 -16.31 -43.88 -12.66
N LEU H 30 -16.67 -43.80 -13.94
CA LEU H 30 -18.06 -43.68 -14.35
C LEU H 30 -18.70 -45.08 -14.28
N VAL H 31 -19.69 -45.25 -13.38
CA VAL H 31 -20.44 -46.51 -13.22
C VAL H 31 -21.53 -46.53 -14.31
N ASN H 32 -22.23 -45.40 -14.47
CA ASN H 32 -23.27 -45.16 -15.48
C ASN H 32 -23.46 -43.66 -15.68
N GLU H 33 -24.32 -43.25 -16.63
CA GLU H 33 -24.62 -41.86 -16.98
C GLU H 33 -24.86 -40.91 -15.78
N ARG H 34 -25.31 -41.45 -14.65
CA ARG H 34 -25.64 -40.64 -13.47
C ARG H 34 -24.69 -40.82 -12.28
N TRP H 35 -23.84 -41.85 -12.30
CA TRP H 35 -23.01 -42.17 -11.15
C TRP H 35 -21.54 -42.34 -11.37
N VAL H 36 -20.75 -41.77 -10.41
CA VAL H 36 -19.30 -41.87 -10.31
C VAL H 36 -18.95 -42.62 -9.01
N LEU H 37 -18.03 -43.60 -9.09
CA LEU H 37 -17.49 -44.36 -7.96
C LEU H 37 -16.08 -43.83 -7.65
N THR H 38 -15.81 -43.58 -6.37
CA THR H 38 -14.54 -43.02 -5.92
C THR H 38 -14.31 -43.44 -4.46
N ALA H 39 -13.27 -42.90 -3.82
CA ALA H 39 -12.96 -43.21 -2.44
C ALA H 39 -13.79 -42.34 -1.54
N ALA H 40 -14.10 -42.83 -0.35
CA ALA H 40 -14.84 -42.06 0.65
C ALA H 40 -13.98 -40.94 1.25
N HIS H 41 -12.69 -41.04 0.97
N HIS H 41 -12.69 -41.04 0.97
CA HIS H 41 -11.70 -40.05 1.42
CA HIS H 41 -11.71 -40.05 1.43
C HIS H 41 -11.79 -38.75 0.63
C HIS H 41 -11.77 -38.75 0.62
N CYS H 42 -12.38 -38.82 -0.56
CA CYS H 42 -12.55 -37.68 -1.46
C CYS H 42 -13.80 -36.88 -1.25
N LYS H 43 -14.54 -37.18 -0.21
CA LYS H 43 -15.77 -36.52 0.12
C LYS H 43 -15.64 -35.00 0.15
N MET H 44 -16.59 -34.35 -0.50
CA MET H 44 -16.71 -32.91 -0.62
C MET H 44 -18.19 -32.57 -0.72
N ASN H 45 -18.56 -31.34 -0.41
CA ASN H 45 -19.93 -30.92 -0.54
C ASN H 45 -20.31 -30.70 -1.98
N GLU H 46 -19.34 -30.29 -2.79
CA GLU H 46 -19.50 -30.02 -4.22
C GLU H 46 -18.34 -30.59 -5.02
N TYR H 47 -18.62 -31.10 -6.23
CA TYR H 47 -17.59 -31.65 -7.11
C TYR H 47 -17.77 -31.09 -8.51
N THR H 48 -16.65 -30.97 -9.22
CA THR H 48 -16.60 -30.66 -10.64
C THR H 48 -16.00 -31.94 -11.24
N VAL H 49 -16.77 -32.62 -12.07
CA VAL H 49 -16.31 -33.89 -12.66
C VAL H 49 -15.80 -33.68 -14.09
N HIS H 50 -14.55 -34.07 -14.34
CA HIS H 50 -13.92 -34.02 -15.64
C HIS H 50 -14.11 -35.42 -16.26
N LEU H 51 -14.64 -35.52 -17.49
CA LEU H 51 -14.83 -36.79 -18.20
C LEU H 51 -14.42 -36.60 -19.65
N GLY H 52 -14.14 -37.69 -20.33
CA GLY H 52 -13.91 -37.72 -21.77
C GLY H 52 -12.68 -37.07 -22.36
N SER H 53 -11.55 -37.19 -21.68
CA SER H 53 -10.23 -36.73 -22.12
C SER H 53 -9.16 -37.22 -21.18
N ASP H 54 -8.03 -37.62 -21.77
CA ASP H 54 -6.86 -38.10 -21.02
C ASP H 54 -6.04 -36.90 -20.54
N THR H 55 -6.40 -35.69 -20.99
CA THR H 55 -5.73 -34.45 -20.65
C THR H 55 -6.59 -33.56 -19.78
N LEU H 56 -6.10 -33.26 -18.55
CA LEU H 56 -6.78 -32.30 -17.69
C LEU H 56 -6.58 -30.91 -18.35
N GLY H 57 -7.67 -30.20 -18.56
CA GLY H 57 -7.60 -28.89 -19.21
C GLY H 57 -7.82 -28.93 -20.70
N ASP H 58 -8.29 -30.07 -21.22
CA ASP H 58 -8.63 -30.23 -22.62
C ASP H 58 -9.98 -29.59 -22.77
N ARG H 59 -10.14 -28.70 -23.78
CA ARG H 59 -11.41 -28.03 -24.03
C ARG H 59 -12.53 -28.99 -24.38
N ARG H 60 -12.20 -30.09 -25.09
CA ARG H 60 -13.14 -31.10 -25.54
C ARG H 60 -13.78 -31.92 -24.42
N ALA H 61 -13.12 -31.98 -23.25
CA ALA H 61 -13.62 -32.73 -22.09
C ALA H 61 -14.97 -32.25 -21.61
N GLN H 62 -15.77 -33.18 -21.09
CA GLN H 62 -17.06 -32.86 -20.49
C GLN H 62 -16.79 -32.42 -19.05
N ARG H 63 -17.55 -31.43 -18.56
CA ARG H 63 -17.39 -30.92 -17.19
C ARG H 63 -18.77 -30.88 -16.56
N ILE H 64 -19.02 -31.78 -15.58
CA ILE H 64 -20.32 -31.91 -14.92
C ILE H 64 -20.22 -31.67 -13.41
N LYS H 65 -21.07 -30.80 -12.86
CA LYS H 65 -21.09 -30.56 -11.43
C LYS H 65 -21.87 -31.69 -10.71
N ALA H 66 -21.47 -32.02 -9.49
CA ALA H 66 -22.18 -33.00 -8.64
C ALA H 66 -22.35 -32.41 -7.23
N SER H 67 -23.61 -32.33 -6.79
CA SER H 67 -24.01 -31.76 -5.50
C SER H 67 -24.42 -32.81 -4.45
N LYS H 68 -24.45 -34.11 -4.81
CA LYS H 68 -24.80 -35.20 -3.87
C LYS H 68 -23.79 -36.34 -3.91
N SER H 69 -23.47 -36.88 -2.73
CA SER H 69 -22.55 -38.01 -2.61
C SER H 69 -22.86 -38.80 -1.38
N PHE H 70 -22.57 -40.11 -1.45
CA PHE H 70 -22.94 -41.05 -0.40
C PHE H 70 -21.76 -41.95 -0.09
N ARG H 71 -21.17 -41.76 1.10
CA ARG H 71 -20.03 -42.59 1.48
C ARG H 71 -20.59 -43.87 2.01
N HIS H 72 -19.82 -44.95 1.89
CA HIS H 72 -20.26 -46.19 2.48
C HIS H 72 -20.39 -45.95 4.01
N PRO H 73 -21.53 -46.31 4.67
CA PRO H 73 -21.68 -46.02 6.12
C PRO H 73 -20.65 -46.68 7.03
N GLY H 74 -19.97 -47.71 6.52
CA GLY H 74 -18.91 -48.41 7.26
C GLY H 74 -17.55 -47.75 7.19
N TYR H 75 -17.42 -46.64 6.42
CA TYR H 75 -16.14 -45.94 6.26
C TYR H 75 -15.58 -45.38 7.57
N SER H 76 -14.30 -45.67 7.82
CA SER H 76 -13.59 -45.17 8.98
C SER H 76 -12.43 -44.30 8.53
N THR H 77 -12.39 -43.08 9.01
CA THR H 77 -11.31 -42.12 8.72
C THR H 77 -10.04 -42.54 9.48
N GLN H 78 -10.18 -43.35 10.56
CA GLN H 78 -9.08 -43.84 11.37
C GLN H 78 -8.29 -44.97 10.71
N THR H 79 -8.99 -45.88 9.97
CA THR H 79 -8.38 -47.09 9.39
C THR H 79 -8.55 -47.23 7.89
N HIS H 80 -9.39 -46.38 7.27
CA HIS H 80 -9.72 -46.36 5.84
C HIS H 80 -10.47 -47.60 5.39
N VAL H 81 -11.10 -48.33 6.34
CA VAL H 81 -11.94 -49.49 6.00
C VAL H 81 -13.16 -48.95 5.24
N ASN H 82 -13.67 -49.70 4.24
CA ASN H 82 -14.85 -49.30 3.46
C ASN H 82 -14.69 -47.92 2.81
N ASP H 83 -13.52 -47.67 2.22
CA ASP H 83 -13.16 -46.42 1.55
C ASP H 83 -13.76 -46.34 0.14
N LEU H 84 -15.09 -46.12 0.07
CA LEU H 84 -15.81 -45.98 -1.18
C LEU H 84 -16.98 -45.04 -1.03
N MET H 85 -17.31 -44.37 -2.13
CA MET H 85 -18.37 -43.36 -2.17
C MET H 85 -18.94 -43.28 -3.58
N LEU H 86 -20.25 -43.03 -3.66
CA LEU H 86 -20.95 -42.84 -4.93
C LEU H 86 -21.28 -41.36 -5.04
N VAL H 87 -20.94 -40.75 -6.19
CA VAL H 87 -21.11 -39.33 -6.50
C VAL H 87 -22.19 -39.21 -7.56
N LYS H 88 -23.26 -38.49 -7.25
CA LYS H 88 -24.37 -38.32 -8.18
C LYS H 88 -24.21 -37.07 -9.04
N LEU H 89 -24.03 -37.27 -10.34
CA LEU H 89 -23.88 -36.19 -11.33
C LEU H 89 -25.19 -35.40 -11.45
N ASN H 90 -25.14 -34.05 -11.42
CA ASN H 90 -26.37 -33.23 -11.51
C ASN H 90 -27.10 -33.41 -12.82
N SER H 91 -26.35 -33.59 -13.89
CA SER H 91 -26.89 -33.88 -15.21
C SER H 91 -26.18 -35.15 -15.70
N GLN H 92 -26.81 -35.86 -16.64
CA GLN H 92 -26.27 -37.10 -17.19
C GLN H 92 -25.01 -36.91 -17.99
N ALA H 93 -24.09 -37.88 -17.89
CA ALA H 93 -22.85 -37.93 -18.66
C ALA H 93 -23.27 -38.36 -20.05
N ARG H 94 -22.73 -37.69 -21.07
CA ARG H 94 -23.03 -38.00 -22.45
C ARG H 94 -22.04 -39.08 -22.88
N LEU H 95 -22.54 -40.28 -23.12
CA LEU H 95 -21.70 -41.40 -23.59
C LEU H 95 -21.21 -41.12 -24.98
N SER H 96 -19.93 -41.40 -25.23
CA SER H 96 -19.26 -41.20 -26.52
C SER H 96 -18.06 -42.16 -26.63
N SER H 97 -17.19 -41.93 -27.62
CA SER H 97 -15.96 -42.72 -27.84
C SER H 97 -14.98 -42.52 -26.69
N MET H 98 -15.10 -41.37 -25.99
CA MET H 98 -14.26 -40.98 -24.86
C MET H 98 -14.97 -41.11 -23.47
N VAL H 99 -16.29 -41.36 -23.45
CA VAL H 99 -17.07 -41.48 -22.21
C VAL H 99 -17.85 -42.82 -22.20
N LYS H 100 -17.38 -43.79 -21.39
CA LYS H 100 -17.97 -45.12 -21.28
C LYS H 100 -18.04 -45.60 -19.82
N LYS H 101 -19.03 -46.46 -19.50
CA LYS H 101 -19.21 -47.06 -18.18
C LYS H 101 -18.09 -48.09 -17.95
N VAL H 102 -17.62 -48.23 -16.70
CA VAL H 102 -16.62 -49.23 -16.32
C VAL H 102 -17.32 -50.60 -16.21
N ARG H 103 -16.60 -51.69 -16.40
CA ARG H 103 -17.22 -52.99 -16.17
C ARG H 103 -16.99 -53.32 -14.68
N LEU H 104 -18.09 -53.35 -13.88
CA LEU H 104 -18.05 -53.71 -12.45
C LEU H 104 -17.76 -55.23 -12.34
N PRO H 105 -17.04 -55.70 -11.29
CA PRO H 105 -16.73 -57.14 -11.22
C PRO H 105 -17.86 -58.00 -10.67
N SER H 106 -17.79 -59.30 -11.00
CA SER H 106 -18.72 -60.31 -10.51
C SER H 106 -17.95 -61.17 -9.51
N ARG H 107 -16.70 -61.49 -9.82
CA ARG H 107 -15.84 -62.28 -8.97
C ARG H 107 -14.60 -61.48 -8.60
N CYS H 108 -13.75 -62.02 -7.75
CA CYS H 108 -12.55 -61.36 -7.37
C CYS H 108 -11.36 -61.98 -8.02
N GLU H 109 -10.46 -61.18 -8.55
CA GLU H 109 -9.27 -61.73 -9.15
C GLU H 109 -8.31 -62.18 -8.09
N PRO H 110 -7.59 -63.28 -8.34
CA PRO H 110 -6.66 -63.83 -7.32
C PRO H 110 -5.29 -63.12 -7.25
N PRO H 111 -4.44 -63.37 -6.21
CA PRO H 111 -3.11 -62.73 -6.17
C PRO H 111 -2.26 -63.20 -7.33
N GLY H 112 -1.42 -62.31 -7.85
CA GLY H 112 -0.55 -62.58 -8.98
C GLY H 112 -1.10 -62.04 -10.28
N THR H 113 -2.39 -61.62 -10.30
CA THR H 113 -3.01 -61.07 -11.51
C THR H 113 -2.42 -59.69 -11.84
N THR H 114 -2.11 -59.47 -13.13
CA THR H 114 -1.59 -58.21 -13.63
C THR H 114 -2.75 -57.23 -13.79
N CYS H 115 -2.60 -56.02 -13.24
CA CYS H 115 -3.61 -54.96 -13.28
C CYS H 115 -3.00 -53.67 -13.75
N THR H 116 -3.86 -52.70 -14.07
CA THR H 116 -3.44 -51.36 -14.47
C THR H 116 -4.10 -50.37 -13.54
N VAL H 117 -3.29 -49.53 -12.88
CA VAL H 117 -3.76 -48.42 -12.09
C VAL H 117 -3.49 -47.15 -12.92
N SER H 118 -4.47 -46.22 -12.96
CA SER H 118 -4.37 -44.97 -13.73
C SER H 118 -4.80 -43.76 -12.89
N GLY H 119 -4.26 -42.59 -13.23
CA GLY H 119 -4.59 -41.32 -12.59
C GLY H 119 -3.73 -40.14 -12.97
N TRP H 120 -4.12 -38.94 -12.51
CA TRP H 120 -3.37 -37.69 -12.74
C TRP H 120 -2.67 -37.23 -11.46
N GLY H 121 -2.50 -38.15 -10.52
CA GLY H 121 -1.80 -37.87 -9.27
C GLY H 121 -0.33 -37.58 -9.50
N THR H 122 0.36 -37.14 -8.46
CA THR H 122 1.78 -36.79 -8.57
C THR H 122 2.64 -37.99 -9.10
N THR H 123 3.61 -37.64 -9.96
CA THR H 123 4.54 -38.60 -10.57
C THR H 123 5.84 -38.70 -9.78
N THR H 124 5.98 -37.90 -8.72
CA THR H 124 7.13 -37.89 -7.79
C THR H 124 6.59 -37.77 -6.36
N SER H 125 7.40 -38.10 -5.36
CA SER H 125 7.09 -38.03 -3.92
C SER H 125 8.42 -37.93 -3.14
N PRO H 126 8.59 -37.04 -2.11
CA PRO H 126 7.60 -36.13 -1.50
C PRO H 126 7.29 -34.87 -2.31
N ASP H 127 8.28 -34.38 -3.07
CA ASP H 127 8.11 -33.23 -3.96
C ASP H 127 7.04 -33.57 -5.00
N VAL H 128 6.16 -32.59 -5.31
CA VAL H 128 5.03 -32.81 -6.22
C VAL H 128 5.33 -32.44 -7.67
N THR H 129 4.81 -33.28 -8.60
CA THR H 129 4.89 -33.16 -10.07
C THR H 129 3.56 -33.73 -10.59
N PHE H 130 2.57 -32.84 -10.77
CA PHE H 130 1.24 -33.18 -11.25
C PHE H 130 1.14 -33.12 -12.78
N PRO H 131 0.92 -34.27 -13.47
CA PRO H 131 0.89 -34.24 -14.95
C PRO H 131 -0.46 -33.77 -15.52
N SER H 132 -0.44 -33.31 -16.78
CA SER H 132 -1.68 -32.92 -17.47
C SER H 132 -2.28 -34.17 -18.10
N ASP H 133 -1.42 -35.13 -18.50
CA ASP H 133 -1.84 -36.37 -19.14
C ASP H 133 -1.98 -37.51 -18.14
N LEU H 134 -3.04 -38.30 -18.34
CA LEU H 134 -3.37 -39.48 -17.57
C LEU H 134 -2.24 -40.51 -17.67
N MET H 135 -1.69 -40.88 -16.51
CA MET H 135 -0.60 -41.83 -16.38
C MET H 135 -1.12 -43.20 -15.99
N CYS H 136 -0.43 -44.25 -16.48
CA CYS H 136 -0.73 -45.67 -16.28
C CYS H 136 0.47 -46.38 -15.68
N VAL H 137 0.22 -47.42 -14.89
CA VAL H 137 1.27 -48.30 -14.38
C VAL H 137 0.70 -49.72 -14.18
N ASP H 138 1.49 -50.72 -14.52
CA ASP H 138 1.10 -52.11 -14.37
C ASP H 138 1.63 -52.62 -13.05
N VAL H 139 0.74 -53.22 -12.26
CA VAL H 139 1.05 -53.76 -10.95
C VAL H 139 0.43 -55.14 -10.85
N LYS H 140 0.87 -55.94 -9.87
CA LYS H 140 0.28 -57.26 -9.65
C LYS H 140 -0.41 -57.33 -8.31
N LEU H 141 -1.51 -58.09 -8.23
CA LEU H 141 -2.24 -58.27 -6.99
C LEU H 141 -1.35 -59.06 -6.03
N ILE H 142 -1.23 -58.56 -4.80
CA ILE H 142 -0.41 -59.18 -3.75
C ILE H 142 -1.39 -59.88 -2.79
N SER H 143 -1.00 -61.05 -2.26
CA SER H 143 -1.82 -61.81 -1.33
C SER H 143 -2.02 -61.07 -0.01
N PRO H 144 -3.18 -61.23 0.67
CA PRO H 144 -3.34 -60.59 2.00
C PRO H 144 -2.20 -60.98 2.98
N GLN H 145 -1.72 -62.24 2.91
CA GLN H 145 -0.62 -62.79 3.72
C GLN H 145 0.71 -62.01 3.55
N ASP H 146 1.12 -61.74 2.29
CA ASP H 146 2.34 -60.99 2.00
C ASP H 146 2.21 -59.52 2.40
N CYS H 147 1.05 -58.90 2.12
CA CYS H 147 0.77 -57.50 2.43
C CYS H 147 0.67 -57.24 3.96
N THR H 148 0.12 -58.24 4.73
CA THR H 148 0.04 -58.22 6.21
C THR H 148 1.44 -58.17 6.85
N LYS H 149 2.49 -58.62 6.11
CA LYS H 149 3.87 -58.57 6.60
C LYS H 149 4.40 -57.13 6.63
N VAL H 150 3.77 -56.23 5.87
CA VAL H 150 4.18 -54.82 5.82
C VAL H 150 3.25 -53.98 6.71
N TYR H 151 1.93 -54.14 6.53
CA TYR H 151 0.93 -53.30 7.16
C TYR H 151 0.27 -53.84 8.43
N LYS H 152 0.53 -55.11 8.79
CA LYS H 152 0.04 -55.76 10.01
C LYS H 152 -1.51 -55.85 10.05
N ASP H 153 -2.11 -55.57 11.23
CA ASP H 153 -3.56 -55.67 11.48
C ASP H 153 -4.37 -54.49 10.94
N LEU H 154 -3.69 -53.51 10.30
CA LEU H 154 -4.31 -52.35 9.68
C LEU H 154 -5.06 -52.78 8.41
N LEU H 155 -4.73 -53.98 7.88
CA LEU H 155 -5.32 -54.58 6.68
C LEU H 155 -6.63 -55.34 6.98
N GLU H 156 -7.65 -55.10 6.17
CA GLU H 156 -8.91 -55.76 6.31
C GLU H 156 -9.17 -56.61 5.11
N ASN H 157 -10.15 -57.50 5.18
CA ASN H 157 -10.42 -58.38 4.06
C ASN H 157 -11.13 -57.78 2.85
N SER H 158 -11.57 -56.53 2.95
CA SER H 158 -12.20 -55.84 1.86
C SER H 158 -11.21 -54.83 1.25
N MET H 159 -9.95 -54.97 1.60
CA MET H 159 -8.85 -54.17 1.09
C MET H 159 -8.00 -55.09 0.19
N LEU H 160 -7.43 -54.53 -0.86
CA LEU H 160 -6.63 -55.25 -1.83
C LEU H 160 -5.30 -54.58 -2.04
N CYS H 161 -4.22 -55.33 -1.99
CA CYS H 161 -2.91 -54.76 -2.20
C CYS H 161 -2.39 -55.09 -3.62
N ALA H 162 -1.57 -54.24 -4.17
CA ALA H 162 -0.98 -54.40 -5.49
C ALA H 162 0.35 -53.66 -5.55
N GLY H 163 1.26 -54.19 -6.36
CA GLY H 163 2.60 -53.65 -6.56
C GLY H 163 3.48 -54.59 -7.35
N ILE H 164 4.74 -54.20 -7.55
CA ILE H 164 5.75 -54.98 -8.25
C ILE H 164 6.91 -55.16 -7.25
N PRO H 165 7.44 -56.39 -7.02
CA PRO H 165 8.54 -56.54 -6.06
C PRO H 165 9.76 -55.69 -6.43
N ASP H 166 10.39 -55.06 -5.40
CA ASP H 166 11.57 -54.19 -5.54
C ASP H 166 11.35 -53.10 -6.61
N SER H 167 10.14 -52.51 -6.62
CA SER H 167 9.78 -51.48 -7.60
C SER H 167 9.00 -50.33 -7.01
N LYS H 168 9.30 -49.13 -7.53
CA LYS H 168 8.68 -47.86 -7.18
C LYS H 168 7.27 -47.73 -7.79
N LYS H 169 6.91 -48.62 -8.74
CA LYS H 169 5.60 -48.62 -9.42
C LYS H 169 4.41 -48.61 -8.46
N ASN H 170 3.68 -47.49 -8.45
CA ASN H 170 2.56 -47.34 -7.51
C ASN H 170 1.70 -46.14 -7.85
N ALA H 171 0.63 -45.97 -7.07
CA ALA H 171 -0.28 -44.81 -7.12
C ALA H 171 0.21 -43.84 -6.04
N CYS H 172 -0.18 -42.56 -6.13
CA CYS H 172 0.24 -41.53 -5.18
C CYS H 172 -0.88 -40.50 -5.02
N ASN H 173 -0.59 -39.45 -4.27
CA ASN H 173 -1.49 -38.36 -3.97
C ASN H 173 -2.13 -37.80 -5.23
N GLY H 174 -3.44 -37.86 -5.30
CA GLY H 174 -4.17 -37.38 -6.43
C GLY H 174 -4.78 -38.49 -7.22
N ASP H 175 -4.25 -39.69 -7.06
CA ASP H 175 -4.79 -40.86 -7.72
C ASP H 175 -5.92 -41.49 -6.91
N SER H 176 -6.05 -41.08 -5.65
CA SER H 176 -7.09 -41.53 -4.70
C SER H 176 -8.48 -41.64 -5.34
N GLY H 177 -9.12 -42.79 -5.16
CA GLY H 177 -10.44 -43.05 -5.74
C GLY H 177 -10.41 -43.51 -7.18
N GLY H 178 -9.21 -43.56 -7.75
CA GLY H 178 -8.96 -43.99 -9.13
C GLY H 178 -9.01 -45.48 -9.36
N PRO H 179 -9.17 -45.90 -10.63
CA PRO H 179 -9.34 -47.33 -10.95
C PRO H 179 -8.11 -48.25 -10.95
N LEU H 180 -8.29 -49.48 -10.42
CA LEU H 180 -7.32 -50.56 -10.50
C LEU H 180 -8.10 -51.61 -11.27
N VAL H 181 -7.75 -51.79 -12.55
CA VAL H 181 -8.47 -52.70 -13.42
C VAL H 181 -7.62 -53.94 -13.78
N CYS H 182 -8.23 -55.14 -13.66
CA CYS H 182 -7.61 -56.44 -13.97
C CYS H 182 -8.56 -57.22 -14.84
N ARG H 183 -8.05 -57.75 -15.97
CA ARG H 183 -8.76 -58.62 -16.91
C ARG H 183 -10.18 -58.10 -17.30
N GLY H 184 -10.25 -56.83 -17.68
CA GLY H 184 -11.48 -56.19 -18.13
C GLY H 184 -12.48 -55.74 -17.07
N THR H 185 -12.15 -55.85 -15.78
CA THR H 185 -13.07 -55.42 -14.73
C THR H 185 -12.39 -54.54 -13.70
N LEU H 186 -13.16 -53.68 -13.07
CA LEU H 186 -12.69 -52.83 -12.00
C LEU H 186 -12.50 -53.71 -10.78
N GLN H 187 -11.33 -53.72 -10.22
CA GLN H 187 -11.10 -54.53 -9.05
C GLN H 187 -10.74 -53.69 -7.82
N GLY H 188 -10.27 -52.49 -8.03
CA GLY H 188 -9.90 -51.65 -6.93
C GLY H 188 -10.01 -50.17 -7.13
N LEU H 189 -10.15 -49.47 -6.02
CA LEU H 189 -10.18 -48.01 -6.02
C LEU H 189 -8.96 -47.59 -5.18
N VAL H 190 -8.10 -46.69 -5.70
CA VAL H 190 -6.91 -46.22 -4.98
C VAL H 190 -7.36 -45.72 -3.60
N SER H 191 -6.78 -46.28 -2.53
CA SER H 191 -7.15 -45.92 -1.17
C SER H 191 -5.98 -45.31 -0.40
N TRP H 192 -4.97 -46.10 -0.05
CA TRP H 192 -3.83 -45.55 0.71
C TRP H 192 -2.60 -46.35 0.45
N GLY H 193 -1.47 -45.82 0.92
CA GLY H 193 -0.16 -46.46 0.86
C GLY H 193 0.80 -45.76 1.78
N THR H 194 2.10 -45.98 1.58
CA THR H 194 3.11 -45.31 2.40
C THR H 194 3.38 -43.90 1.89
N PHE H 195 3.96 -43.05 2.75
CA PHE H 195 4.34 -41.72 2.36
C PHE H 195 5.77 -41.48 2.83
N PRO H 196 6.71 -41.08 1.95
CA PRO H 196 6.57 -40.88 0.49
C PRO H 196 6.09 -42.11 -0.29
N CYS H 197 5.36 -41.88 -1.41
CA CYS H 197 4.87 -42.95 -2.29
C CYS H 197 6.03 -43.62 -3.00
N GLY H 198 5.71 -44.73 -3.64
CA GLY H 198 6.62 -45.50 -4.48
C GLY H 198 7.84 -46.05 -3.77
N GLN H 199 7.66 -46.49 -2.52
CA GLN H 199 8.78 -47.10 -1.82
C GLN H 199 8.78 -48.58 -2.20
N PRO H 200 9.93 -49.14 -2.64
CA PRO H 200 9.95 -50.56 -3.02
C PRO H 200 9.55 -51.48 -1.87
N ASN H 201 8.68 -52.45 -2.19
CA ASN H 201 8.14 -53.50 -1.32
C ASN H 201 7.12 -53.00 -0.28
N ASP H 202 6.57 -51.79 -0.50
CA ASP H 202 5.48 -51.21 0.28
C ASP H 202 4.30 -51.15 -0.70
N PRO H 203 3.40 -52.15 -0.66
CA PRO H 203 2.29 -52.16 -1.63
C PRO H 203 1.28 -51.00 -1.51
N GLY H 204 0.63 -50.69 -2.61
CA GLY H 204 -0.48 -49.74 -2.65
C GLY H 204 -1.69 -50.52 -2.19
N VAL H 205 -2.54 -49.91 -1.37
CA VAL H 205 -3.74 -50.54 -0.84
C VAL H 205 -4.96 -49.95 -1.50
N TYR H 206 -5.84 -50.83 -1.93
CA TYR H 206 -7.04 -50.48 -2.65
C TYR H 206 -8.35 -51.02 -2.03
N THR H 207 -9.45 -50.36 -2.27
CA THR H 207 -10.73 -50.80 -1.82
C THR H 207 -11.10 -51.92 -2.79
N GLN H 208 -11.33 -53.13 -2.30
CA GLN H 208 -11.66 -54.28 -3.12
C GLN H 208 -13.10 -54.26 -3.58
N VAL H 209 -13.36 -53.71 -4.75
CA VAL H 209 -14.68 -53.54 -5.33
C VAL H 209 -15.58 -54.75 -5.46
N CYS H 210 -15.01 -55.95 -5.57
CA CYS H 210 -15.78 -57.20 -5.66
C CYS H 210 -16.56 -57.54 -4.37
N LYS H 211 -16.14 -57.00 -3.25
CA LYS H 211 -16.82 -57.18 -2.01
C LYS H 211 -17.88 -56.15 -1.84
N PHE H 212 -17.98 -55.10 -2.67
CA PHE H 212 -18.97 -54.02 -2.46
C PHE H 212 -20.16 -53.87 -3.42
N THR H 213 -20.41 -54.88 -4.22
CA THR H 213 -21.44 -54.91 -5.24
C THR H 213 -22.90 -54.63 -4.87
N LYS H 214 -23.41 -55.31 -3.87
CA LYS H 214 -24.77 -55.12 -3.35
C LYS H 214 -24.96 -53.65 -2.94
N TRP H 215 -23.98 -53.06 -2.23
CA TRP H 215 -24.09 -51.67 -1.77
C TRP H 215 -24.05 -50.65 -2.90
N ILE H 216 -23.18 -50.86 -3.90
CA ILE H 216 -23.08 -49.98 -5.08
C ILE H 216 -24.44 -49.94 -5.81
N ASN H 217 -24.98 -51.12 -6.13
CA ASN H 217 -26.26 -51.28 -6.81
C ASN H 217 -27.43 -50.76 -6.01
N ASP H 218 -27.52 -51.10 -4.70
CA ASP H 218 -28.65 -50.62 -3.87
C ASP H 218 -28.66 -49.12 -3.66
N THR H 219 -27.49 -48.49 -3.45
CA THR H 219 -27.36 -47.03 -3.24
C THR H 219 -27.79 -46.25 -4.51
N MET H 220 -27.42 -46.72 -5.70
CA MET H 220 -27.81 -46.09 -6.96
C MET H 220 -29.33 -46.14 -7.18
N LYS H 221 -29.98 -47.30 -6.89
CA LYS H 221 -31.43 -47.46 -7.06
C LYS H 221 -32.20 -46.62 -6.06
N LYS H 222 -31.71 -46.53 -4.80
CA LYS H 222 -32.33 -45.78 -3.70
C LYS H 222 -32.32 -44.28 -3.97
N HIS H 223 -31.23 -43.79 -4.57
CA HIS H 223 -31.05 -42.38 -4.87
C HIS H 223 -31.23 -42.07 -6.36
N ARG H 224 -32.03 -42.91 -7.06
CA ARG H 224 -32.32 -42.73 -8.49
C ARG H 224 -33.38 -41.66 -8.70
#